data_6HM2
#
_entry.id   6HM2
#
_cell.length_a   40.570
_cell.length_b   86.310
_cell.length_c   106.520
_cell.angle_alpha   71.14
_cell.angle_beta   81.00
_cell.angle_gamma   76.32
#
_symmetry.space_group_name_H-M   'P 1'
#
loop_
_entity.id
_entity.type
_entity.pdbx_description
1 polymer 'Agropine permease'
2 non-polymer 'agropinic acid'
3 non-polymer 1,2-ETHANEDIOL
4 non-polymer 'SODIUM ION'
5 water water
#
_entity_poly.entity_id   1
_entity_poly.type   'polypeptide(L)'
_entity_poly.pdbx_seq_one_letter_code
;MGSSHHHHHHSSGLVPRGSHMMADLVISSYGGSFQDAQTKAYFDPYAKASGVKVTGTTGTGYAKVKAMVESGNVTWDVIS
AESPAFASEVKDGLLEPIDYSVVKADNVPENFRTKYGVGYMVFGTNLAWNKDKFPNGVTPAQFFDPNVKGRRVLPSDATY
SLEFALMGDGVKPADLYPLDVKRALKVIDRVKDQVIGYKGASDIQALMQQGEADIVYAGTGRIKNAIKAGANWSYSWEGA
LADTEYWAVPKGAPHAAEAMKFINFAVQAEPQAELTRVIAYGPTNVDALRLLDPAVAKDLPSYPANAKLGAVLNSKWWND
NYDAVKAEWTTYIMQHHHHHH
;
_entity_poly.pdbx_strand_id   A,B,C,D,E
#
loop_
_chem_comp.id
_chem_comp.type
_chem_comp.name
_chem_comp.formula
EDO non-polymer 1,2-ETHANEDIOL 'C2 H6 O2'
G9Z non-polymer 'agropinic acid' 'C11 H17 N O8'
NA non-polymer 'SODIUM ION' 'Na 1'
#
# COMPACT_ATOMS: atom_id res chain seq x y z
N SER A 19 -13.84 -14.51 -2.00
CA SER A 19 -13.68 -15.90 -1.61
C SER A 19 -14.22 -16.19 -0.21
N HIS A 20 -14.83 -17.40 -0.04
CA HIS A 20 -15.38 -17.93 1.20
C HIS A 20 -15.40 -19.47 1.19
N MET A 21 -15.20 -20.06 2.36
CA MET A 21 -15.16 -21.50 2.52
C MET A 21 -16.56 -22.09 2.60
N MET A 22 -16.84 -23.09 1.75
CA MET A 22 -18.10 -23.81 1.72
C MET A 22 -17.89 -25.25 2.23
N ALA A 23 -16.64 -25.62 2.34
CA ALA A 23 -16.20 -26.92 2.85
C ALA A 23 -15.15 -26.60 3.92
N ASP A 24 -14.61 -27.62 4.56
CA ASP A 24 -13.57 -27.35 5.52
C ASP A 24 -12.22 -27.09 4.83
N LEU A 25 -11.40 -26.25 5.47
CA LEU A 25 -10.02 -25.94 5.09
C LEU A 25 -9.19 -27.08 5.66
N VAL A 26 -8.53 -27.84 4.78
CA VAL A 26 -7.77 -29.03 5.14
C VAL A 26 -6.31 -28.72 5.28
N ILE A 27 -5.77 -28.93 6.49
CA ILE A 27 -4.36 -28.66 6.78
C ILE A 27 -3.63 -29.96 7.12
N SER A 28 -2.56 -30.26 6.37
CA SER A 28 -1.76 -31.48 6.58
C SER A 28 -0.54 -31.24 7.44
N SER A 29 -0.42 -32.06 8.50
CA SER A 29 0.71 -31.94 9.43
C SER A 29 1.28 -33.32 9.85
N TYR A 30 1.94 -33.39 11.01
CA TYR A 30 2.68 -34.59 11.45
C TYR A 30 1.97 -35.46 12.47
N GLY A 31 0.76 -35.05 12.87
CA GLY A 31 -0.01 -35.79 13.87
C GLY A 31 0.54 -35.68 15.28
N GLY A 32 -0.02 -36.48 16.18
CA GLY A 32 0.38 -36.56 17.59
C GLY A 32 0.33 -35.24 18.32
N SER A 33 1.24 -35.08 19.30
CA SER A 33 1.29 -33.91 20.17
C SER A 33 1.60 -32.58 19.44
N PHE A 34 2.41 -32.59 18.39
CA PHE A 34 2.69 -31.36 17.62
C PHE A 34 1.41 -30.90 16.91
N GLN A 35 0.65 -31.84 16.33
CA GLN A 35 -0.61 -31.48 15.66
C GLN A 35 -1.64 -31.00 16.68
N ASP A 36 -1.64 -31.60 17.90
CA ASP A 36 -2.53 -31.15 18.98
C ASP A 36 -2.18 -29.68 19.31
N ALA A 37 -0.88 -29.36 19.36
CA ALA A 37 -0.40 -28.00 19.64
C ALA A 37 -0.84 -27.03 18.52
N GLN A 38 -0.72 -27.46 17.24
CA GLN A 38 -1.16 -26.64 16.10
C GLN A 38 -2.67 -26.42 16.14
N THR A 39 -3.44 -27.44 16.55
CA THR A 39 -4.90 -27.32 16.66
C THR A 39 -5.27 -26.26 17.72
N LYS A 40 -4.61 -26.31 18.89
CA LYS A 40 -4.85 -25.41 20.01
C LYS A 40 -4.43 -23.97 19.67
N ALA A 41 -3.24 -23.81 19.02
CA ALA A 41 -2.71 -22.47 18.72
C ALA A 41 -3.22 -21.84 17.46
N TYR A 42 -3.41 -22.65 16.41
CA TYR A 42 -3.70 -22.16 15.07
C TYR A 42 -5.04 -22.54 14.52
N PHE A 43 -5.34 -23.85 14.44
CA PHE A 43 -6.54 -24.34 13.77
C PHE A 43 -7.84 -23.92 14.44
N ASP A 44 -8.01 -24.21 15.74
CA ASP A 44 -9.24 -23.81 16.46
C ASP A 44 -9.36 -22.30 16.60
N PRO A 45 -8.28 -21.55 16.96
CA PRO A 45 -8.39 -20.09 16.98
C PRO A 45 -8.74 -19.49 15.63
N TYR A 46 -8.17 -20.03 14.51
CA TYR A 46 -8.53 -19.53 13.18
C TYR A 46 -10.00 -19.75 12.89
N ALA A 47 -10.48 -20.98 13.15
CA ALA A 47 -11.88 -21.36 12.98
C ALA A 47 -12.82 -20.39 13.71
N LYS A 48 -12.48 -20.04 14.97
CA LYS A 48 -13.28 -19.16 15.80
C LYS A 48 -13.25 -17.71 15.28
N ALA A 49 -12.06 -17.24 14.89
CA ALA A 49 -11.87 -15.88 14.42
C ALA A 49 -12.52 -15.59 13.06
N SER A 50 -12.50 -16.58 12.16
CA SER A 50 -12.94 -16.45 10.77
C SER A 50 -14.30 -17.04 10.43
N GLY A 51 -14.74 -18.01 11.21
CA GLY A 51 -15.96 -18.75 10.90
C GLY A 51 -15.71 -19.86 9.90
N VAL A 52 -14.44 -20.16 9.59
CA VAL A 52 -14.07 -21.23 8.65
C VAL A 52 -14.01 -22.56 9.44
N LYS A 53 -14.52 -23.66 8.87
CA LYS A 53 -14.35 -24.97 9.48
C LYS A 53 -12.91 -25.44 9.08
N VAL A 54 -12.06 -25.76 10.07
CA VAL A 54 -10.68 -26.17 9.84
C VAL A 54 -10.51 -27.64 10.28
N THR A 55 -10.02 -28.45 9.36
CA THR A 55 -9.76 -29.88 9.56
C THR A 55 -8.28 -30.21 9.40
N GLY A 56 -7.68 -30.64 10.50
CA GLY A 56 -6.29 -31.07 10.52
C GLY A 56 -6.21 -32.52 10.07
N THR A 57 -5.21 -32.82 9.23
CA THR A 57 -4.96 -34.17 8.72
C THR A 57 -3.46 -34.47 8.84
N THR A 58 -3.06 -35.71 8.59
CA THR A 58 -1.63 -36.08 8.70
C THR A 58 -1.10 -36.50 7.32
N GLY A 59 0.20 -36.78 7.24
CA GLY A 59 0.83 -37.29 6.03
C GLY A 59 1.66 -36.31 5.25
N THR A 60 1.84 -35.06 5.75
CA THR A 60 2.65 -34.06 5.04
C THR A 60 4.05 -34.62 4.74
N GLY A 61 4.54 -34.34 3.55
CA GLY A 61 5.85 -34.82 3.13
C GLY A 61 5.99 -34.56 1.64
N TYR A 62 7.22 -34.43 1.19
CA TYR A 62 7.49 -34.17 -0.22
C TYR A 62 6.84 -35.22 -1.17
N ALA A 63 7.07 -36.52 -0.92
CA ALA A 63 6.53 -37.59 -1.77
C ALA A 63 5.01 -37.52 -1.93
N LYS A 64 4.27 -37.35 -0.83
CA LYS A 64 2.80 -37.27 -0.81
C LYS A 64 2.31 -36.00 -1.50
N VAL A 65 2.98 -34.85 -1.25
CA VAL A 65 2.60 -33.59 -1.89
C VAL A 65 2.79 -33.73 -3.41
N LYS A 66 3.94 -34.32 -3.83
CA LYS A 66 4.26 -34.57 -5.24
C LYS A 66 3.18 -35.42 -5.92
N ALA A 67 2.82 -36.56 -5.32
CA ALA A 67 1.82 -37.49 -5.84
C ALA A 67 0.46 -36.82 -6.01
N MET A 68 0.03 -36.09 -4.97
CA MET A 68 -1.26 -35.40 -4.94
C MET A 68 -1.34 -34.29 -6.00
N VAL A 69 -0.34 -33.38 -6.02
CA VAL A 69 -0.28 -32.27 -6.98
C VAL A 69 -0.24 -32.79 -8.44
N GLU A 70 0.62 -33.79 -8.72
CA GLU A 70 0.77 -34.35 -10.07
C GLU A 70 -0.45 -35.12 -10.56
N SER A 71 -1.27 -35.66 -9.64
CA SER A 71 -2.48 -36.37 -10.04
C SER A 71 -3.62 -35.39 -10.40
N GLY A 72 -3.52 -34.15 -9.90
CA GLY A 72 -4.54 -33.13 -10.08
C GLY A 72 -5.69 -33.31 -9.09
N ASN A 73 -5.51 -34.22 -8.10
CA ASN A 73 -6.50 -34.53 -7.06
C ASN A 73 -6.01 -33.98 -5.71
N VAL A 74 -5.88 -32.66 -5.62
CA VAL A 74 -5.37 -31.98 -4.44
C VAL A 74 -6.45 -31.89 -3.36
N THR A 75 -6.23 -32.58 -2.22
CA THR A 75 -7.20 -32.59 -1.12
C THR A 75 -6.69 -31.79 0.10
N TRP A 76 -5.44 -31.26 0.04
CA TRP A 76 -4.87 -30.45 1.11
C TRP A 76 -4.78 -29.00 0.67
N ASP A 77 -5.32 -28.09 1.50
CA ASP A 77 -5.25 -26.66 1.19
C ASP A 77 -3.98 -26.03 1.73
N VAL A 78 -3.55 -26.48 2.93
CA VAL A 78 -2.33 -26.01 3.58
C VAL A 78 -1.52 -27.23 4.01
N ILE A 79 -0.21 -27.12 3.90
CA ILE A 79 0.71 -28.13 4.40
C ILE A 79 1.70 -27.45 5.35
N SER A 80 2.22 -28.23 6.29
CA SER A 80 3.32 -27.79 7.13
C SER A 80 4.50 -28.54 6.54
N ALA A 81 5.56 -27.82 6.08
CA ALA A 81 6.70 -28.50 5.45
C ALA A 81 8.03 -28.14 6.10
N GLU A 82 8.83 -29.16 6.48
CA GLU A 82 10.16 -28.91 7.03
C GLU A 82 11.05 -28.43 5.87
N SER A 83 12.09 -27.63 6.15
CA SER A 83 12.87 -26.99 5.10
C SER A 83 13.41 -27.97 3.99
N PRO A 84 13.88 -29.23 4.23
CA PRO A 84 14.29 -30.07 3.08
C PRO A 84 13.11 -30.51 2.19
N ALA A 85 11.96 -30.84 2.81
CA ALA A 85 10.75 -31.20 2.08
C ALA A 85 10.23 -29.99 1.31
N PHE A 86 10.27 -28.82 1.94
CA PHE A 86 9.88 -27.55 1.32
C PHE A 86 10.77 -27.24 0.09
N ALA A 87 12.09 -27.41 0.22
CA ALA A 87 13.04 -27.21 -0.87
C ALA A 87 12.67 -28.12 -2.08
N SER A 88 12.45 -29.42 -1.85
CA SER A 88 12.05 -30.37 -2.92
C SER A 88 10.72 -30.01 -3.56
N GLU A 89 9.76 -29.54 -2.76
CA GLU A 89 8.43 -29.14 -3.24
C GLU A 89 8.52 -27.91 -4.16
N VAL A 90 9.35 -26.91 -3.78
CA VAL A 90 9.61 -25.69 -4.56
C VAL A 90 10.33 -26.04 -5.86
N LYS A 91 11.35 -26.89 -5.75
CA LYS A 91 12.15 -27.33 -6.88
C LYS A 91 11.31 -28.03 -7.94
N ASP A 92 10.26 -28.77 -7.53
CA ASP A 92 9.36 -29.49 -8.44
C ASP A 92 8.12 -28.64 -8.86
N GLY A 93 8.08 -27.37 -8.46
CA GLY A 93 6.97 -26.47 -8.77
C GLY A 93 5.63 -26.99 -8.25
N LEU A 94 5.61 -27.55 -7.03
CA LEU A 94 4.41 -28.14 -6.45
C LEU A 94 3.60 -27.20 -5.57
N LEU A 95 4.03 -25.94 -5.48
CA LEU A 95 3.38 -25.01 -4.56
C LEU A 95 2.87 -23.73 -5.19
N GLU A 96 1.77 -23.18 -4.62
CA GLU A 96 1.20 -21.93 -5.07
C GLU A 96 2.08 -20.81 -4.51
N PRO A 97 2.31 -19.71 -5.27
CA PRO A 97 3.04 -18.59 -4.67
C PRO A 97 2.19 -17.98 -3.54
N ILE A 98 2.83 -17.61 -2.44
CA ILE A 98 2.11 -17.02 -1.30
C ILE A 98 1.57 -15.64 -1.70
N ASP A 99 0.31 -15.37 -1.35
CA ASP A 99 -0.24 -14.07 -1.67
C ASP A 99 0.10 -13.11 -0.53
N TYR A 100 1.12 -12.26 -0.75
CA TYR A 100 1.57 -11.29 0.26
C TYR A 100 0.72 -10.01 0.34
N SER A 101 -0.38 -9.94 -0.42
CA SER A 101 -1.35 -8.85 -0.24
C SER A 101 -2.32 -9.31 0.88
N VAL A 102 -2.33 -10.63 1.17
CA VAL A 102 -3.13 -11.26 2.21
C VAL A 102 -2.25 -11.61 3.43
N VAL A 103 -1.11 -12.28 3.21
CA VAL A 103 -0.19 -12.58 4.31
C VAL A 103 0.57 -11.29 4.60
N LYS A 104 0.21 -10.61 5.71
CA LYS A 104 0.86 -9.36 6.12
C LYS A 104 1.41 -9.58 7.49
N ALA A 105 2.72 -9.77 7.56
CA ALA A 105 3.39 -10.05 8.81
C ALA A 105 4.77 -9.46 8.76
N ASP A 106 4.85 -8.12 8.81
CA ASP A 106 6.15 -7.44 8.76
C ASP A 106 7.02 -7.70 9.99
N ASN A 107 6.44 -8.28 11.07
CA ASN A 107 7.15 -8.69 12.28
C ASN A 107 7.73 -10.12 12.15
N VAL A 108 7.50 -10.77 10.99
CA VAL A 108 8.13 -12.05 10.66
C VAL A 108 9.27 -11.62 9.74
N PRO A 109 10.56 -11.87 10.09
CA PRO A 109 11.66 -11.44 9.22
C PRO A 109 11.49 -11.89 7.77
N GLU A 110 11.88 -11.00 6.82
CA GLU A 110 11.73 -11.21 5.37
C GLU A 110 12.30 -12.56 4.87
N ASN A 111 13.39 -13.06 5.46
CA ASN A 111 13.94 -14.37 5.01
C ASN A 111 12.95 -15.54 5.19
N PHE A 112 12.01 -15.42 6.13
CA PHE A 112 11.00 -16.46 6.35
C PHE A 112 9.82 -16.28 5.40
N ARG A 113 9.60 -15.04 4.90
CA ARG A 113 8.50 -14.78 3.98
C ARG A 113 9.00 -15.05 2.55
N THR A 114 9.07 -16.34 2.18
CA THR A 114 9.59 -16.75 0.87
C THR A 114 8.50 -16.77 -0.18
N LYS A 115 8.88 -16.83 -1.47
CA LYS A 115 7.91 -16.84 -2.56
C LYS A 115 6.83 -17.93 -2.41
N TYR A 116 7.23 -19.15 -2.01
CA TYR A 116 6.30 -20.29 -1.93
C TYR A 116 5.95 -20.80 -0.54
N GLY A 117 6.41 -20.11 0.48
CA GLY A 117 6.13 -20.58 1.84
C GLY A 117 6.50 -19.59 2.89
N VAL A 118 5.82 -19.68 4.04
CA VAL A 118 6.08 -18.76 5.14
C VAL A 118 6.65 -19.54 6.31
N GLY A 119 7.90 -19.22 6.69
CA GLY A 119 8.55 -19.88 7.82
C GLY A 119 7.86 -19.43 9.10
N TYR A 120 7.25 -20.39 9.81
CA TYR A 120 6.48 -20.05 11.02
C TYR A 120 7.02 -20.62 12.32
N MET A 121 8.00 -21.53 12.23
CA MET A 121 8.52 -22.18 13.42
C MET A 121 9.95 -22.58 13.22
N VAL A 122 10.75 -22.50 14.29
CA VAL A 122 12.12 -22.99 14.32
C VAL A 122 12.12 -24.13 15.33
N PHE A 123 12.67 -25.27 14.96
CA PHE A 123 12.63 -26.42 15.86
C PHE A 123 13.92 -27.18 15.88
N GLY A 124 14.24 -27.71 17.06
CA GLY A 124 15.43 -28.52 17.21
C GLY A 124 15.06 -29.98 17.16
N THR A 125 16.01 -30.83 16.76
CA THR A 125 15.88 -32.28 16.78
C THR A 125 17.04 -32.65 17.68
N ASN A 126 16.76 -33.33 18.81
CA ASN A 126 17.73 -33.62 19.87
C ASN A 126 17.89 -35.07 20.22
N LEU A 127 19.07 -35.41 20.76
CA LEU A 127 19.33 -36.69 21.33
C LEU A 127 18.67 -36.73 22.70
N ALA A 128 17.84 -37.76 22.92
CA ALA A 128 17.14 -37.99 24.20
C ALA A 128 17.34 -39.42 24.64
N TRP A 129 17.34 -39.66 25.94
CA TRP A 129 17.62 -40.99 26.49
C TRP A 129 16.74 -41.26 27.70
N ASN A 130 16.46 -42.54 27.95
CA ASN A 130 15.72 -42.96 29.14
C ASN A 130 16.69 -42.80 30.32
N LYS A 131 16.32 -41.96 31.32
CA LYS A 131 17.16 -41.69 32.51
C LYS A 131 17.46 -42.93 33.38
N ASP A 132 16.49 -43.85 33.49
CA ASP A 132 16.70 -45.05 34.29
C ASP A 132 17.68 -46.03 33.63
N LYS A 133 17.71 -46.06 32.27
CA LYS A 133 18.67 -46.88 31.53
C LYS A 133 20.03 -46.15 31.48
N PHE A 134 20.01 -44.81 31.36
CA PHE A 134 21.23 -44.01 31.25
C PHE A 134 21.30 -42.88 32.30
N PRO A 135 21.65 -43.22 33.57
CA PRO A 135 21.75 -42.19 34.62
C PRO A 135 22.78 -41.11 34.33
N ASN A 136 23.90 -41.45 33.64
CA ASN A 136 24.94 -40.49 33.31
C ASN A 136 24.75 -39.86 31.91
N GLY A 137 23.55 -40.00 31.34
CA GLY A 137 23.20 -39.46 30.04
C GLY A 137 23.84 -40.16 28.86
N VAL A 138 23.55 -39.68 27.66
CA VAL A 138 24.11 -40.21 26.42
C VAL A 138 24.56 -39.01 25.61
N THR A 139 25.81 -39.06 25.12
CA THR A 139 26.37 -38.04 24.23
C THR A 139 26.17 -38.53 22.78
N PRO A 140 26.24 -37.63 21.77
CA PRO A 140 26.19 -38.08 20.37
C PRO A 140 27.25 -39.20 20.08
N ALA A 141 28.48 -39.10 20.63
CA ALA A 141 29.48 -40.15 20.43
C ALA A 141 28.99 -41.49 21.00
N GLN A 142 28.36 -41.46 22.19
CA GLN A 142 27.86 -42.69 22.82
C GLN A 142 26.72 -43.31 22.03
N PHE A 143 25.87 -42.47 21.42
CA PHE A 143 24.79 -42.98 20.56
C PHE A 143 25.40 -43.83 19.43
N PHE A 144 26.53 -43.39 18.85
CA PHE A 144 27.14 -44.14 17.75
C PHE A 144 28.27 -45.08 18.19
N ASP A 145 28.30 -45.42 19.48
CA ASP A 145 29.27 -46.34 20.07
C ASP A 145 28.58 -47.70 20.22
N PRO A 146 29.03 -48.73 19.46
CA PRO A 146 28.40 -50.06 19.57
C PRO A 146 28.46 -50.69 20.96
N ASN A 147 29.42 -50.28 21.82
CA ASN A 147 29.56 -50.79 23.20
C ASN A 147 28.48 -50.28 24.14
N VAL A 148 27.82 -49.17 23.77
CA VAL A 148 26.71 -48.59 24.52
C VAL A 148 25.45 -49.33 24.03
N LYS A 149 24.87 -50.12 24.94
CA LYS A 149 23.71 -50.94 24.63
C LYS A 149 22.40 -50.24 24.91
N GLY A 150 21.57 -50.17 23.88
CA GLY A 150 20.27 -49.52 23.96
C GLY A 150 19.52 -49.58 22.67
N ARG A 151 18.18 -49.67 22.78
CA ARG A 151 17.27 -49.67 21.63
C ARG A 151 17.22 -48.24 21.12
N ARG A 152 17.74 -48.04 19.91
CA ARG A 152 17.83 -46.71 19.31
C ARG A 152 16.78 -46.50 18.25
N VAL A 153 16.33 -45.24 18.13
CA VAL A 153 15.37 -44.86 17.11
C VAL A 153 15.92 -43.64 16.43
N LEU A 154 16.06 -43.73 15.10
CA LEU A 154 16.52 -42.61 14.29
C LEU A 154 15.33 -42.02 13.50
N PRO A 155 15.45 -40.81 12.91
CA PRO A 155 14.36 -40.29 12.06
C PRO A 155 14.10 -41.22 10.86
N SER A 156 12.92 -41.08 10.24
CA SER A 156 12.50 -41.94 9.13
C SER A 156 13.25 -41.69 7.81
N ASP A 157 13.69 -40.43 7.60
CA ASP A 157 14.41 -40.06 6.38
C ASP A 157 15.91 -39.79 6.67
N ALA A 158 16.71 -39.58 5.61
CA ALA A 158 18.17 -39.30 5.75
C ALA A 158 18.38 -37.94 6.36
N THR A 159 17.44 -36.99 6.15
CA THR A 159 17.48 -35.66 6.74
C THR A 159 17.51 -35.83 8.25
N TYR A 160 18.32 -34.99 8.94
CA TYR A 160 18.51 -35.00 10.41
C TYR A 160 19.41 -36.18 10.82
N SER A 161 19.09 -37.41 10.37
CA SER A 161 19.88 -38.61 10.66
C SER A 161 21.35 -38.46 10.27
N LEU A 162 21.63 -38.02 9.03
CA LEU A 162 23.01 -37.88 8.58
C LEU A 162 23.82 -36.86 9.39
N GLU A 163 23.23 -35.68 9.65
CA GLU A 163 23.94 -34.63 10.42
C GLU A 163 24.25 -35.13 11.81
N PHE A 164 23.29 -35.84 12.44
CA PHE A 164 23.45 -36.39 13.79
C PHE A 164 24.60 -37.40 13.82
N ALA A 165 24.63 -38.34 12.84
CA ALA A 165 25.70 -39.35 12.71
C ALA A 165 27.06 -38.66 12.58
N LEU A 166 27.15 -37.62 11.74
CA LEU A 166 28.40 -36.90 11.53
C LEU A 166 28.87 -36.16 12.76
N MET A 167 27.97 -35.45 13.45
CA MET A 167 28.33 -34.78 14.71
C MET A 167 28.69 -35.78 15.80
N GLY A 168 27.98 -36.92 15.83
CA GLY A 168 28.28 -38.02 16.74
C GLY A 168 29.66 -38.59 16.51
N ASP A 169 30.11 -38.56 15.26
CA ASP A 169 31.43 -39.03 14.85
C ASP A 169 32.56 -37.99 15.02
N GLY A 170 32.24 -36.82 15.58
CA GLY A 170 33.24 -35.80 15.85
C GLY A 170 33.34 -34.70 14.81
N VAL A 171 32.44 -34.69 13.80
CA VAL A 171 32.47 -33.61 12.82
C VAL A 171 31.93 -32.37 13.55
N LYS A 172 32.73 -31.30 13.59
CA LYS A 172 32.32 -30.07 14.24
C LYS A 172 31.11 -29.46 13.50
N PRO A 173 30.12 -28.89 14.23
CA PRO A 173 28.97 -28.22 13.55
C PRO A 173 29.38 -27.28 12.41
N ALA A 174 30.43 -26.47 12.61
CA ALA A 174 30.93 -25.53 11.60
C ALA A 174 31.45 -26.21 10.32
N ASP A 175 31.81 -27.53 10.41
CA ASP A 175 32.38 -28.29 9.31
C ASP A 175 31.41 -29.29 8.69
N LEU A 176 30.14 -29.28 9.14
CA LEU A 176 29.15 -30.24 8.69
C LEU A 176 28.94 -30.33 7.19
N TYR A 177 28.62 -29.20 6.55
CA TYR A 177 28.29 -29.16 5.12
C TYR A 177 29.49 -28.82 4.22
N PRO A 178 29.62 -29.45 3.03
CA PRO A 178 28.76 -30.51 2.45
C PRO A 178 28.84 -31.82 3.24
N LEU A 179 27.69 -32.49 3.46
CA LEU A 179 27.69 -33.72 4.26
C LEU A 179 28.49 -34.82 3.61
N ASP A 180 29.32 -35.49 4.41
CA ASP A 180 30.07 -36.65 3.94
C ASP A 180 29.09 -37.85 4.14
N VAL A 181 28.25 -38.11 3.13
CA VAL A 181 27.22 -39.15 3.15
C VAL A 181 27.81 -40.54 3.40
N LYS A 182 28.91 -40.89 2.72
CA LYS A 182 29.54 -42.20 2.88
C LYS A 182 29.97 -42.38 4.32
N ARG A 183 30.63 -41.36 4.92
CA ARG A 183 31.03 -41.41 6.31
C ARG A 183 29.82 -41.54 7.23
N ALA A 184 28.77 -40.68 7.03
CA ALA A 184 27.56 -40.71 7.85
C ALA A 184 26.95 -42.13 7.89
N LEU A 185 26.88 -42.81 6.75
CA LEU A 185 26.32 -44.15 6.69
C LEU A 185 27.20 -45.19 7.36
N LYS A 186 28.53 -45.01 7.30
CA LYS A 186 29.50 -45.89 7.97
C LYS A 186 29.37 -45.70 9.48
N VAL A 187 29.03 -44.47 9.92
CA VAL A 187 28.81 -44.17 11.34
C VAL A 187 27.53 -44.86 11.83
N ILE A 188 26.43 -44.74 11.10
CA ILE A 188 25.16 -45.40 11.47
C ILE A 188 25.38 -46.92 11.46
N ASP A 189 26.22 -47.44 10.54
CA ASP A 189 26.56 -48.87 10.45
C ASP A 189 27.06 -49.43 11.78
N ARG A 190 27.76 -48.62 12.59
CA ARG A 190 28.30 -49.06 13.87
C ARG A 190 27.21 -49.52 14.82
N VAL A 191 26.03 -48.85 14.79
CA VAL A 191 24.94 -49.15 15.73
C VAL A 191 23.65 -49.62 15.01
N LYS A 192 23.71 -49.83 13.68
CA LYS A 192 22.57 -50.26 12.89
C LYS A 192 21.81 -51.47 13.48
N ASP A 193 22.54 -52.47 13.99
CA ASP A 193 21.90 -53.66 14.59
C ASP A 193 21.12 -53.33 15.88
N GLN A 194 21.38 -52.15 16.48
CA GLN A 194 20.70 -51.72 17.71
C GLN A 194 19.58 -50.69 17.41
N VAL A 195 19.46 -50.25 16.13
CA VAL A 195 18.42 -49.31 15.70
C VAL A 195 17.18 -50.13 15.43
N ILE A 196 16.13 -49.91 16.22
CA ILE A 196 14.89 -50.67 16.12
C ILE A 196 13.98 -50.10 15.05
N GLY A 197 14.20 -48.85 14.67
CA GLY A 197 13.38 -48.23 13.63
C GLY A 197 13.84 -46.87 13.18
N TYR A 198 13.37 -46.46 12.02
CA TYR A 198 13.58 -45.16 11.37
C TYR A 198 12.15 -44.63 11.29
N LYS A 199 11.80 -43.74 12.25
CA LYS A 199 10.43 -43.37 12.51
C LYS A 199 10.09 -41.91 12.43
N GLY A 200 8.79 -41.66 12.27
CA GLY A 200 8.23 -40.32 12.33
C GLY A 200 8.12 -39.86 13.77
N ALA A 201 7.85 -38.56 13.96
CA ALA A 201 7.81 -37.90 15.26
C ALA A 201 6.77 -38.50 16.21
N SER A 202 5.53 -38.74 15.74
CA SER A 202 4.49 -39.31 16.59
C SER A 202 4.87 -40.70 17.08
N ASP A 203 5.43 -41.53 16.19
CA ASP A 203 5.89 -42.88 16.52
C ASP A 203 7.00 -42.85 17.56
N ILE A 204 7.94 -41.91 17.43
CA ILE A 204 9.04 -41.78 18.40
C ILE A 204 8.49 -41.41 19.78
N GLN A 205 7.61 -40.39 19.87
CA GLN A 205 7.06 -40.02 21.19
C GLN A 205 6.32 -41.20 21.84
N ALA A 206 5.52 -41.96 21.06
CA ALA A 206 4.81 -43.12 21.56
C ALA A 206 5.81 -44.17 22.11
N LEU A 207 6.91 -44.47 21.36
CA LEU A 207 7.95 -45.43 21.81
C LEU A 207 8.63 -44.98 23.12
N MET A 208 8.85 -43.67 23.32
CA MET A 208 9.45 -43.12 24.55
C MET A 208 8.53 -43.37 25.76
N GLN A 209 7.25 -42.99 25.62
CA GLN A 209 6.24 -43.13 26.66
C GLN A 209 5.99 -44.58 27.06
N GLN A 210 6.00 -45.48 26.08
CA GLN A 210 5.75 -46.92 26.25
C GLN A 210 6.98 -47.65 26.75
N GLY A 211 8.13 -46.98 26.80
CA GLY A 211 9.39 -47.56 27.21
C GLY A 211 9.89 -48.61 26.25
N GLU A 212 9.56 -48.44 24.94
CA GLU A 212 9.96 -49.38 23.87
C GLU A 212 11.24 -48.95 23.17
N ALA A 213 11.82 -47.82 23.57
CA ALA A 213 13.09 -47.33 23.05
C ALA A 213 13.91 -46.84 24.26
N ASP A 214 15.22 -46.75 24.12
CA ASP A 214 16.06 -46.26 25.20
C ASP A 214 16.76 -44.96 24.82
N ILE A 215 17.00 -44.75 23.50
CA ILE A 215 17.72 -43.58 22.97
C ILE A 215 17.10 -43.18 21.65
N VAL A 216 16.79 -41.89 21.46
CA VAL A 216 16.14 -41.43 20.24
C VAL A 216 16.74 -40.11 19.78
N TYR A 217 16.45 -39.72 18.53
CA TYR A 217 16.79 -38.41 17.97
C TYR A 217 15.47 -37.84 17.47
N ALA A 218 14.92 -36.84 18.20
CA ALA A 218 13.58 -36.34 17.93
C ALA A 218 13.40 -34.87 18.23
N GLY A 219 12.31 -34.28 17.71
CA GLY A 219 11.99 -32.88 17.97
C GLY A 219 11.92 -32.58 19.45
N THR A 220 12.49 -31.46 19.88
CA THR A 220 12.51 -31.06 21.30
C THR A 220 11.11 -31.10 21.90
N GLY A 221 10.11 -30.59 21.15
CA GLY A 221 8.74 -30.51 21.58
C GLY A 221 8.15 -31.88 21.86
N ARG A 222 8.49 -32.87 20.99
CA ARG A 222 8.01 -34.25 21.17
C ARG A 222 8.64 -34.84 22.45
N ILE A 223 9.95 -34.61 22.63
CA ILE A 223 10.67 -35.12 23.83
C ILE A 223 10.07 -34.54 25.10
N LYS A 224 9.95 -33.21 25.15
CA LYS A 224 9.44 -32.53 26.32
C LYS A 224 7.98 -32.88 26.57
N ASN A 225 7.20 -33.18 25.51
CA ASN A 225 5.81 -33.60 25.71
C ASN A 225 5.73 -34.98 26.27
N ALA A 226 6.67 -35.87 25.88
CA ALA A 226 6.74 -37.24 26.44
C ALA A 226 7.04 -37.12 27.95
N ILE A 227 7.98 -36.23 28.33
CA ILE A 227 8.35 -35.98 29.73
C ILE A 227 7.13 -35.48 30.53
N LYS A 228 6.42 -34.48 29.97
CA LYS A 228 5.19 -33.93 30.55
C LYS A 228 4.18 -35.05 30.81
N ALA A 229 4.11 -36.03 29.91
CA ALA A 229 3.21 -37.20 30.01
C ALA A 229 3.74 -38.29 30.95
N GLY A 230 4.89 -38.06 31.60
CA GLY A 230 5.44 -39.02 32.55
C GLY A 230 6.62 -39.86 32.12
N ALA A 231 7.20 -39.60 30.94
CA ALA A 231 8.35 -40.38 30.48
C ALA A 231 9.58 -39.83 31.18
N ASN A 232 10.27 -40.71 31.93
CA ASN A 232 11.47 -40.32 32.68
C ASN A 232 12.68 -40.29 31.76
N TRP A 233 12.68 -39.30 30.85
CA TRP A 233 13.73 -39.13 29.87
C TRP A 233 14.39 -37.77 30.02
N SER A 234 15.61 -37.64 29.51
CA SER A 234 16.29 -36.37 29.47
C SER A 234 16.86 -36.20 28.06
N TYR A 235 17.41 -35.04 27.78
CA TYR A 235 17.92 -34.75 26.45
C TYR A 235 19.00 -33.69 26.54
N SER A 236 19.68 -33.41 25.41
CA SER A 236 20.68 -32.35 25.40
C SER A 236 20.65 -31.68 24.04
N TRP A 237 21.41 -30.59 23.93
CA TRP A 237 21.53 -29.82 22.69
C TRP A 237 22.82 -30.22 21.95
N GLU A 238 23.59 -31.16 22.53
CA GLU A 238 24.81 -31.69 21.90
C GLU A 238 24.43 -32.48 20.64
N GLY A 239 24.95 -32.04 19.52
CA GLY A 239 24.66 -32.68 18.24
C GLY A 239 23.23 -32.48 17.75
N ALA A 240 22.51 -31.50 18.33
CA ALA A 240 21.15 -31.17 17.92
C ALA A 240 21.19 -30.45 16.56
N LEU A 241 20.11 -30.59 15.77
CA LEU A 241 20.02 -29.92 14.49
C LEU A 241 18.77 -29.02 14.48
N ALA A 242 18.94 -27.74 14.22
CA ALA A 242 17.83 -26.78 14.14
C ALA A 242 17.32 -26.68 12.70
N ASP A 243 16.03 -26.49 12.54
CA ASP A 243 15.48 -26.35 11.21
C ASP A 243 14.25 -25.39 11.26
N THR A 244 13.78 -24.95 10.11
CA THR A 244 12.63 -24.08 9.93
C THR A 244 11.50 -24.90 9.33
N GLU A 245 10.27 -24.61 9.80
CA GLU A 245 9.04 -25.24 9.32
C GLU A 245 8.25 -24.14 8.60
N TYR A 246 7.63 -24.51 7.46
CA TYR A 246 6.93 -23.57 6.60
C TYR A 246 5.45 -23.92 6.43
N TRP A 247 4.62 -22.89 6.28
CA TRP A 247 3.25 -23.07 5.80
C TRP A 247 3.35 -22.92 4.28
N ALA A 248 2.75 -23.85 3.54
CA ALA A 248 2.76 -23.76 2.06
C ALA A 248 1.41 -24.24 1.58
N VAL A 249 1.09 -23.92 0.31
CA VAL A 249 -0.19 -24.21 -0.31
C VAL A 249 0.07 -25.07 -1.54
N PRO A 250 -0.34 -26.36 -1.55
CA PRO A 250 -0.12 -27.19 -2.76
C PRO A 250 -0.72 -26.56 -4.02
N LYS A 251 0.02 -26.63 -5.14
CA LYS A 251 -0.45 -26.11 -6.45
C LYS A 251 -1.71 -26.88 -6.81
N GLY A 252 -2.78 -26.16 -7.08
CA GLY A 252 -4.08 -26.75 -7.39
C GLY A 252 -4.94 -26.97 -6.16
N ALA A 253 -4.53 -26.44 -4.97
CA ALA A 253 -5.32 -26.55 -3.74
C ALA A 253 -6.70 -25.94 -4.04
N PRO A 254 -7.80 -26.65 -3.75
CA PRO A 254 -9.12 -26.09 -4.06
C PRO A 254 -9.41 -24.77 -3.34
N HIS A 255 -8.84 -24.56 -2.13
CA HIS A 255 -9.09 -23.33 -1.38
C HIS A 255 -7.81 -22.54 -1.16
N ALA A 256 -7.08 -22.30 -2.25
CA ALA A 256 -5.79 -21.60 -2.17
C ALA A 256 -5.90 -20.20 -1.55
N ALA A 257 -6.97 -19.43 -1.95
CA ALA A 257 -7.14 -18.07 -1.39
C ALA A 257 -7.44 -18.13 0.13
N GLU A 258 -8.28 -19.09 0.53
CA GLU A 258 -8.60 -19.30 1.95
C GLU A 258 -7.37 -19.75 2.76
N ALA A 259 -6.49 -20.54 2.11
CA ALA A 259 -5.23 -20.99 2.71
C ALA A 259 -4.36 -19.78 3.07
N MET A 260 -4.34 -18.75 2.18
CA MET A 260 -3.57 -17.53 2.44
C MET A 260 -4.07 -16.82 3.70
N LYS A 261 -5.41 -16.77 3.91
CA LYS A 261 -6.02 -16.13 5.05
C LYS A 261 -5.67 -16.87 6.32
N PHE A 262 -5.65 -18.21 6.28
CA PHE A 262 -5.23 -18.97 7.45
C PHE A 262 -3.76 -18.67 7.78
N ILE A 263 -2.89 -18.68 6.76
CA ILE A 263 -1.45 -18.43 6.96
C ILE A 263 -1.26 -17.06 7.58
N ASN A 264 -2.00 -16.05 7.08
CA ASN A 264 -1.89 -14.69 7.62
C ASN A 264 -2.22 -14.70 9.11
N PHE A 265 -3.32 -15.34 9.48
CA PHE A 265 -3.74 -15.42 10.88
C PHE A 265 -2.65 -16.11 11.72
N ALA A 266 -2.23 -17.30 11.27
CA ALA A 266 -1.31 -18.16 12.00
C ALA A 266 0.07 -17.55 12.29
N VAL A 267 0.60 -16.73 11.40
CA VAL A 267 1.94 -16.16 11.58
C VAL A 267 1.96 -14.88 12.43
N GLN A 268 0.80 -14.44 12.96
CA GLN A 268 0.74 -13.26 13.84
C GLN A 268 1.31 -13.57 15.21
N ALA A 269 1.74 -12.55 15.97
CA ALA A 269 2.41 -12.71 17.27
C ALA A 269 1.68 -13.61 18.27
N GLU A 270 0.36 -13.38 18.47
CA GLU A 270 -0.40 -14.14 19.47
C GLU A 270 -0.53 -15.61 19.16
N PRO A 271 -0.94 -16.05 17.95
CA PRO A 271 -1.01 -17.52 17.73
C PRO A 271 0.38 -18.18 17.79
N GLN A 272 1.42 -17.47 17.29
CA GLN A 272 2.80 -17.97 17.34
C GLN A 272 3.22 -18.18 18.82
N ALA A 273 2.86 -17.27 19.70
CA ALA A 273 3.14 -17.39 21.14
C ALA A 273 2.37 -18.54 21.75
N GLU A 274 1.12 -18.74 21.32
CA GLU A 274 0.32 -19.86 21.82
C GLU A 274 0.91 -21.21 21.42
N LEU A 275 1.59 -21.27 20.24
CA LEU A 275 2.21 -22.53 19.82
C LEU A 275 3.37 -22.87 20.74
N THR A 276 4.26 -21.87 20.99
CA THR A 276 5.45 -22.07 21.84
C THR A 276 5.03 -22.31 23.33
N ARG A 277 3.86 -21.82 23.72
CA ARG A 277 3.34 -22.04 25.06
C ARG A 277 3.07 -23.54 25.25
N VAL A 278 2.53 -24.22 24.26
CA VAL A 278 2.13 -25.61 24.46
C VAL A 278 3.21 -26.65 24.06
N ILE A 279 4.16 -26.28 23.22
CA ILE A 279 5.19 -27.19 22.75
C ILE A 279 6.50 -26.41 22.58
N ALA A 280 7.61 -27.05 22.90
CA ALA A 280 8.91 -26.40 22.91
C ALA A 280 9.56 -26.22 21.53
N TYR A 281 8.85 -25.51 20.64
CA TYR A 281 9.37 -25.13 19.33
C TYR A 281 9.24 -23.60 19.30
N GLY A 282 10.12 -22.94 18.57
CA GLY A 282 10.24 -21.49 18.57
C GLY A 282 9.49 -20.75 17.50
N PRO A 283 9.10 -19.49 17.77
CA PRO A 283 8.38 -18.70 16.76
C PRO A 283 9.35 -18.03 15.76
N THR A 284 8.80 -17.60 14.62
CA THR A 284 9.57 -16.77 13.69
C THR A 284 9.14 -15.32 13.88
N ASN A 285 7.93 -15.11 14.42
CA ASN A 285 7.42 -13.76 14.64
C ASN A 285 8.17 -13.15 15.82
N VAL A 286 8.90 -12.04 15.55
CA VAL A 286 9.74 -11.41 16.58
C VAL A 286 8.95 -10.86 17.80
N ASP A 287 7.66 -10.55 17.61
CA ASP A 287 6.80 -10.04 18.70
C ASP A 287 6.15 -11.16 19.54
N ALA A 288 6.41 -12.44 19.21
CA ALA A 288 5.87 -13.55 19.98
C ALA A 288 6.60 -13.82 21.30
N LEU A 289 7.94 -13.72 21.35
CA LEU A 289 8.62 -14.10 22.61
C LEU A 289 8.28 -13.22 23.85
N ARG A 290 8.04 -11.90 23.67
CA ARG A 290 7.65 -11.03 24.78
C ARG A 290 6.29 -11.45 25.39
N LEU A 291 5.50 -12.27 24.66
CA LEU A 291 4.21 -12.75 25.16
C LEU A 291 4.35 -14.01 26.01
N LEU A 292 5.51 -14.64 25.92
CA LEU A 292 5.77 -15.88 26.62
C LEU A 292 6.64 -15.74 27.88
N ASP A 293 6.60 -16.78 28.69
CA ASP A 293 7.39 -16.88 29.91
C ASP A 293 8.85 -16.76 29.44
N PRO A 294 9.69 -15.86 30.01
CA PRO A 294 11.10 -15.75 29.54
C PRO A 294 11.88 -17.06 29.56
N ALA A 295 11.48 -18.01 30.43
CA ALA A 295 12.16 -19.30 30.53
C ALA A 295 12.07 -20.18 29.25
N VAL A 296 11.05 -19.94 28.38
CA VAL A 296 10.86 -20.74 27.15
C VAL A 296 12.07 -20.61 26.20
N ALA A 297 12.69 -19.42 26.20
CA ALA A 297 13.86 -19.06 25.41
C ALA A 297 14.93 -20.14 25.52
N LYS A 298 15.24 -20.57 26.76
CA LYS A 298 16.30 -21.55 27.08
C LYS A 298 16.06 -22.95 26.47
N ASP A 299 14.82 -23.26 26.05
CA ASP A 299 14.44 -24.56 25.47
C ASP A 299 14.39 -24.51 23.94
N LEU A 300 14.85 -23.39 23.34
CA LEU A 300 14.84 -23.14 21.89
C LEU A 300 16.22 -23.26 21.22
N PRO A 301 16.25 -23.63 19.91
CA PRO A 301 17.55 -23.79 19.22
C PRO A 301 18.40 -22.53 19.14
N SER A 302 17.78 -21.34 19.04
CA SER A 302 18.45 -20.02 18.95
C SER A 302 19.18 -19.60 20.25
N TYR A 303 18.82 -20.20 21.40
CA TYR A 303 19.49 -19.88 22.67
C TYR A 303 21.01 -20.08 22.49
N PRO A 304 21.85 -19.03 22.70
CA PRO A 304 23.29 -19.20 22.41
C PRO A 304 23.97 -20.41 23.01
N ALA A 305 23.68 -20.73 24.29
CA ALA A 305 24.25 -21.91 24.96
C ALA A 305 23.84 -23.22 24.28
N ASN A 306 22.65 -23.22 23.64
CA ASN A 306 22.16 -24.37 22.90
C ASN A 306 22.78 -24.41 21.48
N ALA A 307 22.68 -23.28 20.75
CA ALA A 307 23.16 -23.16 19.37
C ALA A 307 24.63 -23.59 19.18
N LYS A 308 25.52 -23.28 20.14
CA LYS A 308 26.94 -23.60 20.05
C LYS A 308 27.28 -25.10 20.08
N LEU A 309 26.36 -25.93 20.63
CA LEU A 309 26.52 -27.37 20.79
C LEU A 309 26.02 -28.21 19.61
N GLY A 310 25.32 -27.56 18.70
CA GLY A 310 24.77 -28.22 17.51
C GLY A 310 24.91 -27.39 16.25
N ALA A 311 24.06 -27.67 15.27
CA ALA A 311 24.12 -26.99 13.99
C ALA A 311 22.73 -26.65 13.49
N VAL A 312 22.69 -25.89 12.38
CA VAL A 312 21.43 -25.51 11.73
C VAL A 312 21.41 -26.30 10.40
N LEU A 313 20.28 -26.91 10.08
CA LEU A 313 20.15 -27.66 8.83
C LEU A 313 20.38 -26.71 7.65
N ASN A 314 21.22 -27.15 6.70
CA ASN A 314 21.51 -26.37 5.50
C ASN A 314 20.55 -26.87 4.40
N SER A 315 19.47 -26.10 4.16
CA SER A 315 18.47 -26.52 3.17
C SER A 315 19.00 -26.41 1.74
N LYS A 316 20.01 -25.55 1.50
CA LYS A 316 20.65 -25.46 0.17
C LYS A 316 21.33 -26.78 -0.17
N TRP A 317 22.03 -27.38 0.80
CA TRP A 317 22.70 -28.66 0.56
C TRP A 317 21.65 -29.75 0.24
N TRP A 318 20.58 -29.80 1.03
CA TRP A 318 19.50 -30.79 0.79
C TRP A 318 18.79 -30.57 -0.53
N ASN A 319 18.60 -29.29 -0.89
CA ASN A 319 17.99 -28.93 -2.16
C ASN A 319 18.78 -29.56 -3.31
N ASP A 320 20.11 -29.52 -3.23
CA ASP A 320 20.99 -30.05 -4.27
C ASP A 320 21.23 -31.56 -4.21
N ASN A 321 21.10 -32.19 -3.04
CA ASN A 321 21.48 -33.59 -2.86
C ASN A 321 20.39 -34.56 -2.42
N TYR A 322 19.18 -34.06 -2.09
CA TYR A 322 18.12 -34.93 -1.57
C TYR A 322 17.83 -36.18 -2.43
N ASP A 323 17.62 -36.03 -3.74
CA ASP A 323 17.27 -37.17 -4.61
C ASP A 323 18.32 -38.28 -4.56
N ALA A 324 19.61 -37.93 -4.66
CA ALA A 324 20.69 -38.93 -4.58
C ALA A 324 20.72 -39.59 -3.20
N VAL A 325 20.58 -38.78 -2.13
CA VAL A 325 20.64 -39.28 -0.76
C VAL A 325 19.45 -40.23 -0.47
N LYS A 326 18.25 -39.83 -0.89
CA LYS A 326 17.03 -40.63 -0.73
C LYS A 326 17.14 -42.00 -1.39
N ALA A 327 17.60 -42.06 -2.66
CA ALA A 327 17.77 -43.33 -3.37
C ALA A 327 18.69 -44.24 -2.58
N GLU A 328 19.77 -43.67 -1.99
CA GLU A 328 20.69 -44.48 -1.20
C GLU A 328 20.08 -44.89 0.15
N TRP A 329 19.45 -43.94 0.85
CA TRP A 329 18.82 -44.14 2.17
C TRP A 329 17.81 -45.28 2.16
N THR A 330 16.93 -45.32 1.13
CA THR A 330 15.92 -46.36 1.02
C THR A 330 16.55 -47.77 0.99
N THR A 331 17.60 -47.96 0.16
CA THR A 331 18.31 -49.25 0.05
C THR A 331 19.07 -49.51 1.38
N TYR A 332 19.62 -48.46 1.98
CA TYR A 332 20.33 -48.53 3.27
C TYR A 332 19.46 -49.08 4.40
N ILE A 333 18.25 -48.52 4.62
CA ILE A 333 17.35 -48.97 5.70
C ILE A 333 16.69 -50.32 5.37
N MET A 334 16.64 -50.69 4.07
CA MET A 334 16.06 -51.97 3.61
C MET A 334 17.19 -52.92 3.23
N SER B 19 20.68 -8.52 -11.75
CA SER B 19 19.53 -7.91 -12.44
C SER B 19 20.00 -7.17 -13.74
N HIS B 20 20.44 -5.85 -13.76
CA HIS B 20 20.42 -4.85 -12.67
C HIS B 20 20.54 -3.38 -13.18
N MET B 21 19.84 -2.50 -12.50
CA MET B 21 19.82 -1.07 -12.79
C MET B 21 21.05 -0.40 -12.19
N MET B 22 21.82 0.27 -13.06
CA MET B 22 22.99 1.06 -12.67
C MET B 22 22.65 2.54 -12.72
N ALA B 23 21.51 2.83 -13.34
CA ALA B 23 20.97 4.18 -13.45
C ALA B 23 19.53 4.14 -12.89
N ASP B 24 18.90 5.28 -12.81
CA ASP B 24 17.49 5.32 -12.41
C ASP B 24 16.60 4.76 -13.53
N LEU B 25 15.47 4.11 -13.14
CA LEU B 25 14.48 3.58 -14.04
C LEU B 25 13.53 4.72 -14.28
N VAL B 26 13.43 5.15 -15.54
CA VAL B 26 12.64 6.33 -15.88
C VAL B 26 11.26 5.94 -16.35
N ILE B 27 10.23 6.45 -15.65
CA ILE B 27 8.83 6.14 -15.95
C ILE B 27 8.07 7.43 -16.32
N SER B 28 7.48 7.46 -17.52
CA SER B 28 6.77 8.63 -17.99
C SER B 28 5.28 8.55 -17.77
N SER B 29 4.75 9.61 -17.18
CA SER B 29 3.32 9.69 -16.90
C SER B 29 2.72 11.10 -17.12
N TYR B 30 1.62 11.41 -16.42
CA TYR B 30 0.89 12.63 -16.75
C TYR B 30 1.12 13.80 -15.81
N GLY B 31 1.95 13.62 -14.80
CA GLY B 31 2.23 14.64 -13.79
C GLY B 31 1.08 14.84 -12.82
N GLY B 32 1.23 15.85 -12.00
CA GLY B 32 0.21 16.27 -11.04
C GLY B 32 -0.20 15.17 -10.06
N SER B 33 -1.45 15.23 -9.63
CA SER B 33 -2.04 14.33 -8.64
C SER B 33 -2.03 12.86 -9.06
N PHE B 34 -2.21 12.59 -10.37
CA PHE B 34 -2.15 11.19 -10.79
C PHE B 34 -0.73 10.64 -10.65
N GLN B 35 0.28 11.42 -11.08
CA GLN B 35 1.67 11.00 -10.94
C GLN B 35 2.03 10.85 -9.44
N ASP B 36 1.51 11.73 -8.57
CA ASP B 36 1.71 11.65 -7.12
C ASP B 36 1.17 10.29 -6.62
N ALA B 37 -0.03 9.91 -7.07
CA ALA B 37 -0.67 8.63 -6.72
C ALA B 37 0.18 7.44 -7.21
N GLN B 38 0.69 7.52 -8.46
CA GLN B 38 1.58 6.47 -9.00
C GLN B 38 2.87 6.39 -8.21
N THR B 39 3.40 7.52 -7.77
CA THR B 39 4.65 7.53 -6.98
C THR B 39 4.44 6.81 -5.60
N LYS B 40 3.32 7.10 -4.96
CA LYS B 40 2.96 6.53 -3.67
C LYS B 40 2.62 5.02 -3.78
N ALA B 41 1.87 4.62 -4.83
CA ALA B 41 1.46 3.22 -4.98
C ALA B 41 2.47 2.33 -5.68
N TYR B 42 3.16 2.86 -6.70
CA TYR B 42 4.02 2.05 -7.54
C TYR B 42 5.48 2.39 -7.48
N PHE B 43 5.85 3.65 -7.74
CA PHE B 43 7.25 4.02 -7.87
C PHE B 43 8.07 3.86 -6.59
N ASP B 44 7.63 4.48 -5.48
CA ASP B 44 8.36 4.38 -4.20
C ASP B 44 8.30 2.96 -3.63
N PRO B 45 7.13 2.26 -3.65
CA PRO B 45 7.12 0.85 -3.21
C PRO B 45 8.04 -0.04 -4.04
N TYR B 46 8.11 0.15 -5.39
CA TYR B 46 9.01 -0.66 -6.19
C TYR B 46 10.45 -0.42 -5.81
N ALA B 47 10.82 0.85 -5.60
CA ALA B 47 12.19 1.23 -5.22
C ALA B 47 12.57 0.57 -3.90
N LYS B 48 11.65 0.57 -2.96
CA LYS B 48 11.91 -0.01 -1.65
C LYS B 48 12.04 -1.54 -1.73
N ALA B 49 11.16 -2.18 -2.49
CA ALA B 49 11.15 -3.64 -2.63
C ALA B 49 12.35 -4.19 -3.39
N SER B 50 12.81 -3.48 -4.43
CA SER B 50 13.82 -3.94 -5.37
C SER B 50 15.20 -3.36 -5.20
N GLY B 51 15.30 -2.18 -4.61
CA GLY B 51 16.56 -1.47 -4.50
C GLY B 51 16.87 -0.68 -5.77
N VAL B 52 15.92 -0.63 -6.73
CA VAL B 52 16.06 0.16 -7.96
C VAL B 52 15.73 1.61 -7.65
N LYS B 53 16.47 2.57 -8.23
CA LYS B 53 16.09 3.96 -8.10
C LYS B 53 15.04 4.23 -9.24
N VAL B 54 13.86 4.73 -8.88
CA VAL B 54 12.76 5.00 -9.82
C VAL B 54 12.55 6.50 -9.95
N THR B 55 12.58 7.00 -11.18
CA THR B 55 12.38 8.43 -11.45
C THR B 55 11.18 8.60 -12.34
N GLY B 56 10.15 9.23 -11.80
CA GLY B 56 8.96 9.56 -12.55
C GLY B 56 9.19 10.84 -13.33
N THR B 57 8.74 10.85 -14.57
CA THR B 57 8.83 12.01 -15.46
C THR B 57 7.45 12.22 -16.10
N THR B 58 7.29 13.35 -16.80
CA THR B 58 6.01 13.67 -17.44
C THR B 58 6.15 13.66 -18.95
N GLY B 59 5.03 13.85 -19.67
CA GLY B 59 5.05 13.95 -21.11
C GLY B 59 4.63 12.74 -21.90
N THR B 60 4.16 11.66 -21.24
CA THR B 60 3.75 10.47 -21.97
C THR B 60 2.69 10.83 -23.02
N GLY B 61 2.78 10.18 -24.15
CA GLY B 61 1.85 10.39 -25.24
C GLY B 61 2.43 9.80 -26.49
N TYR B 62 1.55 9.47 -27.42
CA TYR B 62 1.94 8.89 -28.70
C TYR B 62 2.99 9.72 -29.46
N ALA B 63 2.76 11.02 -29.63
CA ALA B 63 3.67 11.91 -30.35
C ALA B 63 5.11 11.89 -29.78
N LYS B 64 5.25 12.02 -28.45
CA LYS B 64 6.54 12.04 -27.77
C LYS B 64 7.23 10.67 -27.84
N VAL B 65 6.46 9.57 -27.64
CA VAL B 65 7.02 8.22 -27.72
C VAL B 65 7.54 7.99 -29.15
N LYS B 66 6.74 8.38 -30.15
CA LYS B 66 7.10 8.27 -31.59
C LYS B 66 8.41 9.00 -31.90
N ALA B 67 8.49 10.28 -31.51
CA ALA B 67 9.68 11.11 -31.73
C ALA B 67 10.93 10.52 -31.06
N MET B 68 10.84 10.00 -29.82
CA MET B 68 12.04 9.49 -29.16
C MET B 68 12.45 8.11 -29.69
N VAL B 69 11.48 7.21 -29.98
CA VAL B 69 11.82 5.90 -30.54
C VAL B 69 12.48 6.10 -31.93
N GLU B 70 11.88 6.94 -32.79
CA GLU B 70 12.38 7.18 -34.16
C GLU B 70 13.71 7.93 -34.23
N SER B 71 14.00 8.77 -33.25
CA SER B 71 15.26 9.53 -33.20
C SER B 71 16.42 8.65 -32.71
N GLY B 72 16.09 7.55 -32.02
CA GLY B 72 17.03 6.64 -31.42
C GLY B 72 17.53 7.17 -30.09
N ASN B 73 16.84 8.22 -29.55
CA ASN B 73 17.17 8.82 -28.27
C ASN B 73 16.12 8.44 -27.21
N VAL B 74 16.02 7.14 -26.90
CA VAL B 74 15.04 6.64 -25.92
C VAL B 74 15.51 6.87 -24.48
N THR B 75 14.85 7.79 -23.77
CA THR B 75 15.20 8.13 -22.37
C THR B 75 14.16 7.62 -21.37
N TRP B 76 13.06 6.99 -21.87
CA TRP B 76 12.02 6.45 -21.01
C TRP B 76 12.06 4.95 -21.05
N ASP B 77 12.08 4.32 -19.85
CA ASP B 77 12.09 2.85 -19.79
C ASP B 77 10.68 2.30 -19.76
N VAL B 78 9.75 3.01 -19.07
CA VAL B 78 8.36 2.62 -18.93
C VAL B 78 7.51 3.84 -19.23
N ILE B 79 6.37 3.62 -19.89
CA ILE B 79 5.39 4.66 -20.15
C ILE B 79 4.05 4.19 -19.64
N SER B 80 3.21 5.15 -19.28
CA SER B 80 1.82 4.89 -18.96
C SER B 80 1.10 5.37 -20.23
N ALA B 81 0.32 4.50 -20.88
CA ALA B 81 -0.36 4.91 -22.12
C ALA B 81 -1.87 4.65 -22.07
N GLU B 82 -2.68 5.69 -22.39
CA GLU B 82 -4.12 5.50 -22.46
C GLU B 82 -4.41 4.69 -23.74
N SER B 83 -5.52 3.93 -23.77
CA SER B 83 -5.78 3.01 -24.87
C SER B 83 -5.69 3.64 -26.31
N PRO B 84 -6.11 4.89 -26.64
CA PRO B 84 -5.89 5.38 -28.02
C PRO B 84 -4.41 5.64 -28.34
N ALA B 85 -3.65 6.19 -27.37
CA ALA B 85 -2.21 6.43 -27.52
C ALA B 85 -1.49 5.09 -27.65
N PHE B 86 -1.90 4.11 -26.83
CA PHE B 86 -1.34 2.75 -26.86
C PHE B 86 -1.58 2.10 -28.24
N ALA B 87 -2.82 2.19 -28.76
CA ALA B 87 -3.17 1.66 -30.09
C ALA B 87 -2.24 2.27 -31.19
N SER B 88 -2.05 3.61 -31.20
CA SER B 88 -1.16 4.28 -32.18
C SER B 88 0.30 3.85 -32.02
N GLU B 89 0.76 3.65 -30.76
CA GLU B 89 2.14 3.24 -30.47
C GLU B 89 2.41 1.82 -30.99
N VAL B 90 1.45 0.90 -30.79
CA VAL B 90 1.51 -0.50 -31.27
C VAL B 90 1.49 -0.52 -32.80
N LYS B 91 0.56 0.26 -33.39
CA LYS B 91 0.42 0.37 -34.83
C LYS B 91 1.70 0.86 -35.52
N ASP B 92 2.49 1.72 -34.87
CA ASP B 92 3.74 2.24 -35.39
C ASP B 92 4.98 1.42 -34.98
N GLY B 93 4.76 0.29 -34.29
CA GLY B 93 5.84 -0.58 -33.84
C GLY B 93 6.81 0.11 -32.89
N LEU B 94 6.28 0.94 -32.00
CA LEU B 94 7.13 1.73 -31.08
C LEU B 94 7.38 1.08 -29.74
N LEU B 95 6.87 -0.14 -29.54
CA LEU B 95 6.98 -0.77 -28.23
C LEU B 95 7.63 -2.14 -28.20
N GLU B 96 8.33 -2.44 -27.10
CA GLU B 96 8.94 -3.74 -26.87
C GLU B 96 7.84 -4.71 -26.49
N PRO B 97 7.89 -5.99 -26.95
CA PRO B 97 6.87 -6.95 -26.48
C PRO B 97 7.07 -7.20 -24.98
N ILE B 98 5.99 -7.31 -24.24
CA ILE B 98 6.07 -7.56 -22.79
C ILE B 98 6.63 -8.96 -22.52
N ASP B 99 7.58 -9.06 -21.58
CA ASP B 99 8.13 -10.35 -21.21
C ASP B 99 7.24 -11.00 -20.15
N TYR B 100 6.37 -11.95 -20.60
CA TYR B 100 5.44 -12.64 -19.71
C TYR B 100 6.06 -13.81 -18.92
N SER B 101 7.39 -14.01 -19.03
CA SER B 101 8.07 -14.95 -18.17
C SER B 101 8.43 -14.15 -16.87
N VAL B 102 8.41 -12.78 -16.97
CA VAL B 102 8.72 -11.85 -15.87
C VAL B 102 7.42 -11.25 -15.34
N VAL B 103 6.55 -10.72 -16.22
CA VAL B 103 5.24 -10.20 -15.76
C VAL B 103 4.35 -11.41 -15.54
N LYS B 104 4.14 -11.75 -14.26
CA LYS B 104 3.31 -12.91 -13.88
C LYS B 104 2.19 -12.39 -13.04
N ALA B 105 1.00 -12.31 -13.63
CA ALA B 105 -0.16 -11.75 -12.94
C ALA B 105 -1.41 -12.42 -13.45
N ASP B 106 -1.59 -13.69 -13.07
CA ASP B 106 -2.76 -14.46 -13.55
C ASP B 106 -4.08 -13.94 -12.98
N ASN B 107 -4.02 -13.08 -11.94
CA ASN B 107 -5.19 -12.42 -11.38
C ASN B 107 -5.54 -11.11 -12.13
N VAL B 108 -4.76 -10.78 -13.17
CA VAL B 108 -5.07 -9.66 -14.06
C VAL B 108 -5.70 -10.38 -15.26
N PRO B 109 -6.98 -10.13 -15.61
CA PRO B 109 -7.59 -10.85 -16.76
C PRO B 109 -6.74 -10.78 -18.04
N GLU B 110 -6.69 -11.91 -18.79
CA GLU B 110 -5.89 -12.07 -20.01
C GLU B 110 -6.08 -10.96 -21.05
N ASN B 111 -7.29 -10.38 -21.17
CA ASN B 111 -7.50 -9.28 -22.14
C ASN B 111 -6.63 -8.04 -21.85
N PHE B 112 -6.23 -7.84 -20.58
CA PHE B 112 -5.37 -6.72 -20.20
C PHE B 112 -3.91 -7.07 -20.41
N ARG B 113 -3.57 -8.36 -20.44
CA ARG B 113 -2.17 -8.77 -20.64
C ARG B 113 -1.93 -8.91 -22.15
N THR B 114 -1.76 -7.78 -22.82
CA THR B 114 -1.59 -7.75 -24.28
C THR B 114 -0.12 -7.95 -24.68
N LYS B 115 0.14 -8.18 -25.97
CA LYS B 115 1.50 -8.42 -26.45
C LYS B 115 2.45 -7.26 -26.10
N TYR B 116 1.99 -6.01 -26.26
CA TYR B 116 2.85 -4.84 -26.07
C TYR B 116 2.56 -3.98 -24.87
N GLY B 117 1.65 -4.40 -24.03
CA GLY B 117 1.29 -3.59 -22.87
C GLY B 117 0.41 -4.30 -21.89
N VAL B 118 0.50 -3.87 -20.62
CA VAL B 118 -0.29 -4.50 -19.56
C VAL B 118 -1.28 -3.47 -19.02
N GLY B 119 -2.57 -3.74 -19.20
CA GLY B 119 -3.65 -2.88 -18.72
C GLY B 119 -3.66 -2.93 -17.20
N TYR B 120 -3.36 -1.79 -16.55
CA TYR B 120 -3.26 -1.75 -15.08
C TYR B 120 -4.32 -0.92 -14.37
N MET B 121 -5.06 -0.11 -15.13
CA MET B 121 -6.03 0.78 -14.53
C MET B 121 -7.18 1.03 -15.48
N VAL B 122 -8.37 1.23 -14.92
CA VAL B 122 -9.58 1.60 -15.63
C VAL B 122 -9.97 2.94 -15.07
N PHE B 123 -10.20 3.93 -15.93
CA PHE B 123 -10.51 5.26 -15.46
C PHE B 123 -11.63 5.91 -16.20
N GLY B 124 -12.43 6.71 -15.49
CA GLY B 124 -13.50 7.49 -16.08
C GLY B 124 -13.02 8.90 -16.35
N THR B 125 -13.62 9.55 -17.35
CA THR B 125 -13.40 10.97 -17.66
C THR B 125 -14.83 11.51 -17.50
N ASN B 126 -15.03 12.48 -16.61
CA ASN B 126 -16.35 12.97 -16.22
C ASN B 126 -16.57 14.45 -16.40
N LEU B 127 -17.84 14.85 -16.53
CA LEU B 127 -18.26 16.23 -16.48
C LEU B 127 -18.21 16.69 -15.02
N ALA B 128 -17.53 17.80 -14.75
CA ALA B 128 -17.42 18.35 -13.40
C ALA B 128 -17.70 19.83 -13.49
N TRP B 129 -18.30 20.37 -12.46
CA TRP B 129 -18.72 21.79 -12.40
C TRP B 129 -18.37 22.44 -11.09
N ASN B 130 -18.09 23.75 -11.15
CA ASN B 130 -17.77 24.56 -9.96
C ASN B 130 -19.13 24.81 -9.31
N LYS B 131 -19.34 24.33 -8.05
CA LYS B 131 -20.63 24.39 -7.37
C LYS B 131 -21.14 25.77 -7.05
N ASP B 132 -20.23 26.71 -6.78
CA ASP B 132 -20.69 28.08 -6.48
C ASP B 132 -21.27 28.75 -7.73
N LYS B 133 -20.76 28.42 -8.92
CA LYS B 133 -21.33 28.92 -10.17
C LYS B 133 -22.56 28.09 -10.55
N PHE B 134 -22.50 26.76 -10.34
CA PHE B 134 -23.59 25.86 -10.70
C PHE B 134 -24.09 25.01 -9.53
N PRO B 135 -24.92 25.60 -8.62
CA PRO B 135 -25.43 24.82 -7.48
C PRO B 135 -26.30 23.64 -7.88
N ASN B 136 -27.09 23.76 -8.97
CA ASN B 136 -28.00 22.73 -9.48
C ASN B 136 -27.33 21.77 -10.50
N GLY B 137 -26.01 21.85 -10.58
CA GLY B 137 -25.22 21.01 -11.47
C GLY B 137 -25.32 21.36 -12.94
N VAL B 138 -24.58 20.61 -13.74
CA VAL B 138 -24.53 20.78 -15.19
C VAL B 138 -24.66 19.37 -15.78
N THR B 139 -25.51 19.20 -16.80
CA THR B 139 -25.68 17.93 -17.54
C THR B 139 -24.81 18.04 -18.82
N PRO B 140 -24.50 16.89 -19.48
CA PRO B 140 -23.80 16.95 -20.77
C PRO B 140 -24.49 17.89 -21.79
N ALA B 141 -25.85 17.88 -21.84
CA ALA B 141 -26.59 18.79 -22.75
C ALA B 141 -26.30 20.26 -22.39
N GLN B 142 -26.24 20.58 -21.08
CA GLN B 142 -26.01 21.95 -20.62
C GLN B 142 -24.61 22.40 -20.93
N PHE B 143 -23.63 21.48 -20.86
CA PHE B 143 -22.25 21.81 -21.24
C PHE B 143 -22.21 22.30 -22.68
N PHE B 144 -22.98 21.69 -23.57
CA PHE B 144 -22.97 22.07 -24.98
C PHE B 144 -24.10 23.05 -25.37
N ASP B 145 -24.71 23.68 -24.36
CA ASP B 145 -25.78 24.66 -24.53
C ASP B 145 -25.15 26.05 -24.47
N PRO B 146 -25.15 26.83 -25.58
CA PRO B 146 -24.56 28.18 -25.56
C PRO B 146 -25.20 29.14 -24.56
N ASN B 147 -26.48 28.90 -24.15
CA ASN B 147 -27.18 29.74 -23.18
C ASN B 147 -26.67 29.57 -21.75
N VAL B 148 -25.98 28.43 -21.49
CA VAL B 148 -25.37 28.14 -20.20
C VAL B 148 -23.99 28.81 -20.24
N LYS B 149 -23.81 29.84 -19.41
CA LYS B 149 -22.57 30.62 -19.36
C LYS B 149 -21.58 30.08 -18.33
N GLY B 150 -20.38 29.79 -18.80
CA GLY B 150 -19.31 29.26 -17.96
C GLY B 150 -18.03 29.00 -18.71
N ARG B 151 -16.90 29.19 -18.02
CA ARG B 151 -15.55 28.94 -18.57
C ARG B 151 -15.39 27.43 -18.66
N ARG B 152 -15.32 26.92 -19.89
CA ARG B 152 -15.24 25.48 -20.11
C ARG B 152 -13.83 25.04 -20.49
N VAL B 153 -13.48 23.82 -20.08
CA VAL B 153 -12.20 23.23 -20.41
C VAL B 153 -12.48 21.84 -20.97
N LEU B 154 -11.97 21.59 -22.18
CA LEU B 154 -12.12 20.28 -22.80
C LEU B 154 -10.76 19.58 -22.81
N PRO B 155 -10.68 18.24 -23.04
CA PRO B 155 -9.37 17.57 -23.13
C PRO B 155 -8.53 18.15 -24.29
N SER B 156 -7.21 17.93 -24.25
CA SER B 156 -6.28 18.50 -25.22
C SER B 156 -6.37 17.85 -26.60
N ASP B 157 -6.74 16.56 -26.65
CA ASP B 157 -6.85 15.83 -27.89
C ASP B 157 -8.31 15.58 -28.27
N ALA B 158 -8.56 15.06 -29.50
CA ALA B 158 -9.91 14.74 -29.96
C ALA B 158 -10.48 13.56 -29.16
N THR B 159 -9.60 12.67 -28.67
CA THR B 159 -10.02 11.54 -27.82
C THR B 159 -10.70 12.11 -26.59
N TYR B 160 -11.79 11.46 -26.17
CA TYR B 160 -12.64 11.80 -25.00
C TYR B 160 -13.54 12.99 -25.36
N SER B 161 -12.97 14.06 -25.98
CA SER B 161 -13.72 15.27 -26.36
C SER B 161 -14.87 14.95 -27.29
N LEU B 162 -14.59 14.16 -28.35
CA LEU B 162 -15.61 13.84 -29.35
C LEU B 162 -16.76 13.03 -28.75
N GLU B 163 -16.44 11.98 -27.96
CA GLU B 163 -17.49 11.15 -27.34
C GLU B 163 -18.37 11.98 -26.42
N PHE B 164 -17.73 12.88 -25.62
CA PHE B 164 -18.46 13.76 -24.72
C PHE B 164 -19.43 14.67 -25.47
N ALA B 165 -18.95 15.31 -26.57
CA ALA B 165 -19.77 16.19 -27.40
C ALA B 165 -20.98 15.42 -27.95
N LEU B 166 -20.75 14.19 -28.44
CA LEU B 166 -21.80 13.38 -29.01
C LEU B 166 -22.83 12.97 -27.99
N MET B 167 -22.40 12.52 -26.80
CA MET B 167 -23.34 12.17 -25.72
C MET B 167 -24.09 13.40 -25.23
N GLY B 168 -23.40 14.54 -25.15
CA GLY B 168 -23.99 15.83 -24.80
C GLY B 168 -25.08 16.24 -25.77
N ASP B 169 -24.91 15.84 -27.05
CA ASP B 169 -25.86 16.11 -28.12
C ASP B 169 -27.01 15.10 -28.23
N GLY B 170 -27.07 14.14 -27.31
CA GLY B 170 -28.16 13.17 -27.30
C GLY B 170 -27.85 11.83 -27.94
N VAL B 171 -26.59 11.60 -28.33
CA VAL B 171 -26.22 10.29 -28.89
C VAL B 171 -26.19 9.33 -27.70
N LYS B 172 -27.00 8.28 -27.76
CA LYS B 172 -27.02 7.29 -26.69
C LYS B 172 -25.64 6.59 -26.58
N PRO B 173 -25.13 6.28 -25.35
CA PRO B 173 -23.85 5.54 -25.23
C PRO B 173 -23.76 4.31 -26.13
N ALA B 174 -24.84 3.49 -26.22
CA ALA B 174 -24.88 2.30 -27.06
C ALA B 174 -24.71 2.61 -28.57
N ASP B 175 -24.98 3.85 -29.00
CA ASP B 175 -24.92 4.25 -30.41
C ASP B 175 -23.72 5.11 -30.77
N LEU B 176 -22.79 5.30 -29.81
CA LEU B 176 -21.66 6.18 -30.00
C LEU B 176 -20.79 5.87 -31.22
N TYR B 177 -20.29 4.63 -31.33
CA TYR B 177 -19.36 4.25 -32.38
C TYR B 177 -20.03 3.61 -33.59
N PRO B 178 -19.57 3.91 -34.84
CA PRO B 178 -18.48 4.85 -35.22
C PRO B 178 -18.81 6.30 -34.93
N LEU B 179 -17.84 7.06 -34.38
CA LEU B 179 -18.11 8.46 -34.02
C LEU B 179 -18.43 9.31 -35.22
N ASP B 180 -19.48 10.13 -35.10
CA ASP B 180 -19.86 11.08 -36.14
C ASP B 180 -19.00 12.33 -35.85
N VAL B 181 -17.79 12.36 -36.39
CA VAL B 181 -16.80 13.43 -36.16
C VAL B 181 -17.35 14.82 -36.57
N LYS B 182 -17.95 14.93 -37.76
CA LYS B 182 -18.51 16.19 -38.26
C LYS B 182 -19.55 16.74 -37.26
N ARG B 183 -20.44 15.86 -36.77
CA ARG B 183 -21.45 16.26 -35.80
C ARG B 183 -20.77 16.69 -34.48
N ALA B 184 -19.82 15.89 -33.97
CA ALA B 184 -19.11 16.18 -32.72
C ALA B 184 -18.47 17.59 -32.77
N LEU B 185 -17.85 17.95 -33.91
CA LEU B 185 -17.24 19.27 -34.04
C LEU B 185 -18.27 20.41 -34.12
N LYS B 186 -19.43 20.13 -34.75
CA LYS B 186 -20.52 21.12 -34.84
C LYS B 186 -21.11 21.33 -33.42
N VAL B 187 -21.08 20.28 -32.59
CA VAL B 187 -21.55 20.35 -31.21
C VAL B 187 -20.60 21.23 -30.39
N ILE B 188 -19.29 20.99 -30.49
CA ILE B 188 -18.31 21.80 -29.75
C ILE B 188 -18.40 23.26 -30.25
N ASP B 189 -18.68 23.48 -31.55
CA ASP B 189 -18.84 24.82 -32.13
C ASP B 189 -19.85 25.66 -31.39
N ARG B 190 -20.90 25.02 -30.81
CA ARG B 190 -21.95 25.74 -30.08
C ARG B 190 -21.38 26.50 -28.88
N VAL B 191 -20.33 25.96 -28.20
CA VAL B 191 -19.75 26.56 -27.00
C VAL B 191 -18.25 26.88 -27.14
N LYS B 192 -17.71 26.76 -28.37
CA LYS B 192 -16.29 27.01 -28.65
C LYS B 192 -15.78 28.35 -28.09
N ASP B 193 -16.59 29.43 -28.21
CA ASP B 193 -16.22 30.77 -27.73
C ASP B 193 -16.11 30.81 -26.19
N GLN B 194 -16.70 29.82 -25.50
CA GLN B 194 -16.68 29.71 -24.04
C GLN B 194 -15.64 28.71 -23.51
N VAL B 195 -14.98 28.00 -24.44
CA VAL B 195 -13.93 27.03 -24.13
C VAL B 195 -12.63 27.81 -23.99
N ILE B 196 -12.08 27.84 -22.77
CA ILE B 196 -10.88 28.60 -22.48
C ILE B 196 -9.62 27.83 -22.87
N GLY B 197 -9.74 26.51 -23.02
CA GLY B 197 -8.61 25.68 -23.40
C GLY B 197 -8.92 24.22 -23.64
N TYR B 198 -8.00 23.55 -24.35
CA TYR B 198 -8.00 22.11 -24.65
C TYR B 198 -6.75 21.67 -23.92
N LYS B 199 -6.95 21.07 -22.74
CA LYS B 199 -5.87 20.84 -21.79
C LYS B 199 -5.65 19.44 -21.33
N GLY B 200 -4.42 19.19 -20.87
CA GLY B 200 -4.03 17.92 -20.26
C GLY B 200 -4.58 17.85 -18.83
N ALA B 201 -4.54 16.68 -18.23
CA ALA B 201 -5.12 16.44 -16.90
C ALA B 201 -4.55 17.36 -15.79
N SER B 202 -3.23 17.53 -15.73
CA SER B 202 -2.58 18.38 -14.73
C SER B 202 -3.01 19.83 -14.90
N ASP B 203 -3.10 20.30 -16.14
CA ASP B 203 -3.56 21.67 -16.39
C ASP B 203 -5.01 21.88 -15.96
N ILE B 204 -5.87 20.86 -16.22
CA ILE B 204 -7.27 20.95 -15.78
C ILE B 204 -7.34 20.96 -14.24
N GLN B 205 -6.56 20.09 -13.56
CA GLN B 205 -6.57 20.06 -12.09
C GLN B 205 -6.13 21.42 -11.50
N ALA B 206 -5.11 22.08 -12.10
CA ALA B 206 -4.61 23.39 -11.68
C ALA B 206 -5.77 24.40 -11.82
N LEU B 207 -6.45 24.41 -13.01
CA LEU B 207 -7.60 25.28 -13.30
C LEU B 207 -8.74 25.09 -12.29
N MET B 208 -9.00 23.85 -11.86
CA MET B 208 -10.02 23.57 -10.87
C MET B 208 -9.67 24.14 -9.50
N GLN B 209 -8.46 23.84 -9.01
CA GLN B 209 -7.97 24.27 -7.71
C GLN B 209 -7.83 25.78 -7.60
N GLN B 210 -7.43 26.43 -8.70
CA GLN B 210 -7.27 27.89 -8.77
C GLN B 210 -8.60 28.61 -9.03
N GLY B 211 -9.66 27.87 -9.37
CA GLY B 211 -10.96 28.45 -9.67
C GLY B 211 -10.97 29.25 -10.96
N GLU B 212 -10.14 28.83 -11.94
CA GLU B 212 -9.99 29.50 -13.23
C GLU B 212 -10.86 28.85 -14.33
N ALA B 213 -11.68 27.86 -13.95
CA ALA B 213 -12.63 27.23 -14.88
C ALA B 213 -13.94 27.02 -14.11
N ASP B 214 -15.05 26.82 -14.82
CA ASP B 214 -16.35 26.61 -14.18
C ASP B 214 -16.92 25.25 -14.51
N ILE B 215 -16.55 24.70 -15.69
CA ILE B 215 -17.01 23.38 -16.17
C ILE B 215 -15.88 22.68 -16.92
N VAL B 216 -15.63 21.40 -16.62
CA VAL B 216 -14.52 20.68 -17.25
C VAL B 216 -14.97 19.25 -17.58
N TYR B 217 -14.16 18.56 -18.38
CA TYR B 217 -14.34 17.14 -18.68
C TYR B 217 -12.98 16.53 -18.35
N ALA B 218 -12.90 15.79 -17.22
CA ALA B 218 -11.61 15.32 -16.72
C ALA B 218 -11.70 14.00 -15.95
N GLY B 219 -10.56 13.37 -15.73
CA GLY B 219 -10.48 12.10 -15.02
C GLY B 219 -11.09 12.19 -13.64
N THR B 220 -11.88 11.18 -13.26
CA THR B 220 -12.57 11.17 -11.96
C THR B 220 -11.59 11.44 -10.82
N GLY B 221 -10.43 10.80 -10.89
CA GLY B 221 -9.37 10.92 -9.90
C GLY B 221 -8.88 12.35 -9.74
N ARG B 222 -8.74 13.08 -10.86
CA ARG B 222 -8.30 14.48 -10.85
C ARG B 222 -9.36 15.36 -10.19
N ILE B 223 -10.66 15.14 -10.51
CA ILE B 223 -11.76 15.94 -9.95
C ILE B 223 -11.84 15.67 -8.44
N LYS B 224 -11.84 14.40 -8.04
CA LYS B 224 -11.96 14.08 -6.63
C LYS B 224 -10.76 14.54 -5.81
N ASN B 225 -9.56 14.54 -6.42
CA ASN B 225 -8.38 15.02 -5.73
C ASN B 225 -8.42 16.52 -5.59
N ALA B 226 -8.94 17.22 -6.61
CA ALA B 226 -9.12 18.69 -6.53
C ALA B 226 -10.07 19.03 -5.40
N ILE B 227 -11.18 18.23 -5.25
CA ILE B 227 -12.17 18.41 -4.17
C ILE B 227 -11.49 18.20 -2.80
N LYS B 228 -10.74 17.12 -2.65
CA LYS B 228 -9.97 16.82 -1.45
C LYS B 228 -9.07 18.00 -1.05
N ALA B 229 -8.46 18.64 -2.07
CA ALA B 229 -7.56 19.80 -1.91
C ALA B 229 -8.32 21.11 -1.71
N GLY B 230 -9.66 21.07 -1.63
CA GLY B 230 -10.49 22.24 -1.33
C GLY B 230 -11.27 22.85 -2.45
N ALA B 231 -11.28 22.25 -3.65
CA ALA B 231 -12.07 22.82 -4.74
C ALA B 231 -13.54 22.44 -4.53
N ASN B 232 -14.41 23.43 -4.42
CA ASN B 232 -15.86 23.22 -4.22
C ASN B 232 -16.54 22.86 -5.57
N TRP B 233 -16.25 21.67 -6.07
CA TRP B 233 -16.78 21.16 -7.34
C TRP B 233 -17.54 19.89 -7.13
N SER B 234 -18.41 19.55 -8.10
CA SER B 234 -19.11 18.27 -8.09
C SER B 234 -19.01 17.69 -9.51
N TYR B 235 -19.50 16.47 -9.70
CA TYR B 235 -19.37 15.81 -10.99
C TYR B 235 -20.46 14.75 -11.10
N SER B 236 -20.59 14.18 -12.29
CA SER B 236 -21.54 13.08 -12.50
C SER B 236 -20.96 12.05 -13.45
N TRP B 237 -21.70 10.94 -13.60
CA TRP B 237 -21.33 9.87 -14.51
C TRP B 237 -22.06 10.00 -15.85
N GLU B 238 -22.97 10.98 -15.95
CA GLU B 238 -23.71 11.26 -17.18
C GLU B 238 -22.74 11.69 -18.27
N GLY B 239 -22.70 10.95 -19.36
CA GLY B 239 -21.83 11.28 -20.49
C GLY B 239 -20.36 11.02 -20.20
N ALA B 240 -20.04 10.28 -19.13
CA ALA B 240 -18.66 9.93 -18.79
C ALA B 240 -18.14 8.87 -19.76
N LEU B 241 -16.81 8.85 -19.98
CA LEU B 241 -16.20 7.85 -20.86
C LEU B 241 -15.16 7.06 -20.07
N ALA B 242 -15.24 5.73 -20.09
CA ALA B 242 -14.31 4.87 -19.38
C ALA B 242 -13.22 4.42 -20.32
N ASP B 243 -12.02 4.30 -19.82
CA ASP B 243 -10.92 3.81 -20.67
C ASP B 243 -9.93 2.99 -19.84
N THR B 244 -9.02 2.27 -20.51
CA THR B 244 -7.96 1.46 -19.89
C THR B 244 -6.63 2.17 -20.08
N GLU B 245 -5.77 2.10 -19.05
CA GLU B 245 -4.43 2.64 -19.04
C GLU B 245 -3.47 1.45 -19.03
N TYR B 246 -2.38 1.56 -19.79
CA TYR B 246 -1.40 0.47 -19.96
C TYR B 246 0.00 0.83 -19.54
N TRP B 247 0.76 -0.16 -19.03
CA TRP B 247 2.20 0.00 -18.85
C TRP B 247 2.80 -0.54 -20.15
N ALA B 248 3.72 0.20 -20.76
CA ALA B 248 4.40 -0.26 -21.99
C ALA B 248 5.87 0.15 -21.90
N VAL B 249 6.69 -0.45 -22.75
CA VAL B 249 8.14 -0.24 -22.77
C VAL B 249 8.53 0.26 -24.17
N PRO B 250 8.99 1.52 -24.31
CA PRO B 250 9.38 2.01 -25.66
C PRO B 250 10.46 1.14 -26.30
N LYS B 251 10.33 0.88 -27.62
CA LYS B 251 11.32 0.07 -28.37
C LYS B 251 12.65 0.83 -28.28
N GLY B 252 13.68 0.11 -27.84
CA GLY B 252 15.01 0.68 -27.65
C GLY B 252 15.22 1.28 -26.27
N ALA B 253 14.25 1.04 -25.32
CA ALA B 253 14.39 1.51 -23.93
C ALA B 253 15.71 0.94 -23.39
N PRO B 254 16.60 1.78 -22.82
CA PRO B 254 17.88 1.24 -22.33
C PRO B 254 17.73 0.15 -21.27
N HIS B 255 16.66 0.20 -20.45
CA HIS B 255 16.46 -0.77 -19.39
C HIS B 255 15.18 -1.57 -19.58
N ALA B 256 14.97 -2.10 -20.79
CA ALA B 256 13.75 -2.84 -21.12
C ALA B 256 13.50 -4.05 -20.18
N ALA B 257 14.54 -4.83 -19.84
CA ALA B 257 14.35 -5.97 -18.92
C ALA B 257 13.96 -5.51 -17.51
N GLU B 258 14.58 -4.42 -17.05
CA GLU B 258 14.25 -3.84 -15.73
C GLU B 258 12.82 -3.26 -15.73
N ALA B 259 12.38 -2.72 -16.88
CA ALA B 259 11.02 -2.21 -17.06
C ALA B 259 10.00 -3.33 -16.81
N MET B 260 10.32 -4.57 -17.31
CA MET B 260 9.43 -5.73 -17.12
C MET B 260 9.27 -6.05 -15.63
N LYS B 261 10.36 -5.95 -14.85
CA LYS B 261 10.36 -6.23 -13.40
C LYS B 261 9.49 -5.20 -12.68
N PHE B 262 9.58 -3.92 -13.08
CA PHE B 262 8.71 -2.91 -12.48
C PHE B 262 7.23 -3.23 -12.78
N ILE B 263 6.91 -3.52 -14.07
CA ILE B 263 5.55 -3.82 -14.48
C ILE B 263 5.01 -5.00 -13.68
N ASN B 264 5.83 -6.04 -13.50
CA ASN B 264 5.41 -7.20 -12.74
C ASN B 264 5.00 -6.78 -11.33
N PHE B 265 5.84 -5.98 -10.67
CA PHE B 265 5.57 -5.52 -9.33
C PHE B 265 4.28 -4.71 -9.29
N ALA B 266 4.18 -3.74 -10.19
CA ALA B 266 3.08 -2.78 -10.20
C ALA B 266 1.68 -3.36 -10.43
N VAL B 267 1.57 -4.43 -11.22
CA VAL B 267 0.25 -5.01 -11.52
C VAL B 267 -0.23 -6.03 -10.47
N GLN B 268 0.54 -6.23 -9.38
CA GLN B 268 0.14 -7.14 -8.29
C GLN B 268 -1.01 -6.54 -7.47
N ALA B 269 -1.76 -7.39 -6.75
CA ALA B 269 -2.95 -6.94 -6.00
C ALA B 269 -2.70 -5.76 -5.05
N GLU B 270 -1.63 -5.83 -4.23
CA GLU B 270 -1.39 -4.80 -3.23
C GLU B 270 -1.07 -3.43 -3.84
N PRO B 271 -0.09 -3.27 -4.75
CA PRO B 271 0.15 -1.92 -5.33
C PRO B 271 -1.09 -1.37 -6.07
N GLN B 272 -1.82 -2.24 -6.78
CA GLN B 272 -3.04 -1.85 -7.49
C GLN B 272 -4.09 -1.30 -6.48
N ALA B 273 -4.21 -1.93 -5.32
CA ALA B 273 -5.15 -1.47 -4.29
C ALA B 273 -4.68 -0.11 -3.71
N GLU B 274 -3.36 0.05 -3.54
CA GLU B 274 -2.81 1.30 -3.03
C GLU B 274 -3.06 2.46 -3.99
N LEU B 275 -3.07 2.19 -5.33
CA LEU B 275 -3.34 3.27 -6.28
C LEU B 275 -4.77 3.74 -6.07
N THR B 276 -5.75 2.80 -6.06
CA THR B 276 -7.17 3.17 -5.93
C THR B 276 -7.46 3.80 -4.56
N ARG B 277 -6.68 3.43 -3.52
CA ARG B 277 -6.82 4.05 -2.20
C ARG B 277 -6.58 5.57 -2.32
N VAL B 278 -5.60 5.97 -3.14
CA VAL B 278 -5.16 7.36 -3.23
C VAL B 278 -5.93 8.19 -4.24
N ILE B 279 -6.37 7.57 -5.33
CA ILE B 279 -7.03 8.27 -6.44
C ILE B 279 -8.13 7.40 -7.01
N ALA B 280 -9.25 8.02 -7.32
CA ALA B 280 -10.44 7.31 -7.75
C ALA B 280 -10.37 6.75 -9.18
N TYR B 281 -9.41 5.85 -9.44
CA TYR B 281 -9.26 5.11 -10.68
C TYR B 281 -9.23 3.64 -10.25
N GLY B 282 -9.75 2.77 -11.09
CA GLY B 282 -9.97 1.35 -10.78
C GLY B 282 -8.85 0.41 -11.13
N PRO B 283 -8.72 -0.70 -10.38
CA PRO B 283 -7.67 -1.69 -10.71
C PRO B 283 -8.11 -2.65 -11.83
N THR B 284 -7.14 -3.32 -12.45
CA THR B 284 -7.45 -4.41 -13.38
C THR B 284 -7.23 -5.74 -12.64
N ASN B 285 -6.43 -5.73 -11.58
CA ASN B 285 -6.16 -6.94 -10.80
C ASN B 285 -7.39 -7.28 -9.98
N VAL B 286 -8.01 -8.45 -10.25
CA VAL B 286 -9.26 -8.85 -9.62
C VAL B 286 -9.13 -9.03 -8.11
N ASP B 287 -7.91 -9.28 -7.60
CA ASP B 287 -7.65 -9.45 -6.16
C ASP B 287 -7.45 -8.14 -5.39
N ALA B 288 -7.35 -7.01 -6.11
CA ALA B 288 -7.20 -5.70 -5.51
C ALA B 288 -8.46 -5.20 -4.82
N LEU B 289 -9.65 -5.53 -5.35
CA LEU B 289 -10.96 -5.08 -4.85
C LEU B 289 -11.19 -5.42 -3.37
N ARG B 290 -10.93 -6.67 -2.97
CA ARG B 290 -11.13 -7.11 -1.57
C ARG B 290 -10.21 -6.36 -0.58
N LEU B 291 -9.16 -5.70 -1.08
CA LEU B 291 -8.24 -4.94 -0.21
C LEU B 291 -8.72 -3.49 0.01
N LEU B 292 -9.71 -3.05 -0.73
CA LEU B 292 -10.18 -1.65 -0.72
C LEU B 292 -11.34 -1.42 0.22
N ASP B 293 -11.58 -0.13 0.54
CA ASP B 293 -12.78 0.27 1.28
C ASP B 293 -13.91 -0.09 0.27
N PRO B 294 -14.97 -0.85 0.65
CA PRO B 294 -16.03 -1.17 -0.34
C PRO B 294 -16.69 0.05 -1.01
N ALA B 295 -16.64 1.23 -0.36
CA ALA B 295 -17.21 2.46 -0.92
C ALA B 295 -16.57 2.98 -2.17
N VAL B 296 -15.26 2.69 -2.41
CA VAL B 296 -14.56 3.20 -3.62
C VAL B 296 -15.19 2.65 -4.91
N ALA B 297 -15.76 1.41 -4.84
CA ALA B 297 -16.43 0.77 -5.97
C ALA B 297 -17.47 1.70 -6.60
N LYS B 298 -18.18 2.51 -5.79
CA LYS B 298 -19.22 3.43 -6.27
C LYS B 298 -18.63 4.62 -7.07
N ASP B 299 -17.31 4.87 -6.96
CA ASP B 299 -16.60 5.97 -7.61
C ASP B 299 -15.86 5.53 -8.86
N LEU B 300 -16.07 4.28 -9.29
CA LEU B 300 -15.43 3.63 -10.45
C LEU B 300 -16.35 3.48 -11.67
N PRO B 301 -15.76 3.50 -12.90
CA PRO B 301 -16.59 3.38 -14.13
C PRO B 301 -17.40 2.09 -14.24
N SER B 302 -16.86 0.97 -13.72
CA SER B 302 -17.49 -0.37 -13.75
C SER B 302 -18.75 -0.47 -12.87
N TYR B 303 -18.90 0.41 -11.87
CA TYR B 303 -20.10 0.41 -11.01
C TYR B 303 -21.35 0.45 -11.89
N PRO B 304 -22.25 -0.56 -11.82
CA PRO B 304 -23.41 -0.59 -12.74
C PRO B 304 -24.21 0.71 -12.88
N ALA B 305 -24.51 1.38 -11.77
CA ALA B 305 -25.28 2.63 -11.76
C ALA B 305 -24.53 3.75 -12.49
N ASN B 306 -23.18 3.66 -12.53
CA ASN B 306 -22.34 4.62 -13.22
C ASN B 306 -22.25 4.24 -14.69
N ALA B 307 -21.92 2.94 -15.00
CA ALA B 307 -21.72 2.43 -16.36
C ALA B 307 -22.91 2.72 -17.29
N LYS B 308 -24.15 2.59 -16.78
CA LYS B 308 -25.38 2.84 -17.56
C LYS B 308 -25.54 4.28 -18.09
N LEU B 309 -24.90 5.26 -17.44
CA LEU B 309 -24.99 6.70 -17.75
C LEU B 309 -23.95 7.21 -18.76
N GLY B 310 -22.94 6.39 -19.02
CA GLY B 310 -21.89 6.76 -19.97
C GLY B 310 -21.51 5.62 -20.89
N ALA B 311 -20.28 5.66 -21.40
CA ALA B 311 -19.82 4.64 -22.34
C ALA B 311 -18.38 4.27 -22.08
N VAL B 312 -17.90 3.25 -22.77
CA VAL B 312 -16.52 2.78 -22.71
C VAL B 312 -15.85 3.22 -24.04
N LEU B 313 -14.63 3.79 -23.94
CA LEU B 313 -13.92 4.21 -25.15
C LEU B 313 -13.65 2.97 -26.02
N ASN B 314 -13.92 3.11 -27.32
CA ASN B 314 -13.70 2.02 -28.27
C ASN B 314 -12.31 2.26 -28.90
N SER B 315 -11.30 1.51 -28.42
CA SER B 315 -9.92 1.71 -28.91
C SER B 315 -9.76 1.18 -30.31
N LYS B 316 -10.65 0.24 -30.77
CA LYS B 316 -10.58 -0.23 -32.17
C LYS B 316 -10.93 0.91 -33.13
N TRP B 317 -11.98 1.70 -32.79
CA TRP B 317 -12.35 2.84 -33.62
C TRP B 317 -11.21 3.86 -33.68
N TRP B 318 -10.61 4.18 -32.53
CA TRP B 318 -9.48 5.14 -32.52
C TRP B 318 -8.28 4.62 -33.26
N ASN B 319 -8.04 3.30 -33.16
CA ASN B 319 -6.94 2.65 -33.88
C ASN B 319 -7.07 2.93 -35.38
N ASP B 320 -8.29 2.84 -35.91
CA ASP B 320 -8.57 3.00 -37.33
C ASP B 320 -8.73 4.48 -37.79
N ASN B 321 -9.07 5.39 -36.88
CA ASN B 321 -9.41 6.78 -37.25
C ASN B 321 -8.58 7.88 -36.65
N TYR B 322 -7.69 7.56 -35.69
CA TYR B 322 -6.92 8.60 -34.99
C TYR B 322 -6.18 9.58 -35.91
N ASP B 323 -5.41 9.09 -36.90
CA ASP B 323 -4.61 9.98 -37.77
C ASP B 323 -5.48 11.00 -38.50
N ALA B 324 -6.60 10.57 -39.10
CA ALA B 324 -7.52 11.49 -39.79
C ALA B 324 -8.15 12.49 -38.79
N VAL B 325 -8.56 12.00 -37.62
CA VAL B 325 -9.20 12.85 -36.63
C VAL B 325 -8.19 13.91 -36.08
N LYS B 326 -6.96 13.47 -35.81
CA LYS B 326 -5.89 14.35 -35.29
C LYS B 326 -5.62 15.49 -36.25
N ALA B 327 -5.45 15.20 -37.57
CA ALA B 327 -5.19 16.23 -38.57
C ALA B 327 -6.29 17.26 -38.55
N GLU B 328 -7.55 16.82 -38.42
CA GLU B 328 -8.68 17.75 -38.35
C GLU B 328 -8.70 18.53 -37.01
N TRP B 329 -8.52 17.82 -35.89
CA TRP B 329 -8.54 18.41 -34.55
C TRP B 329 -7.56 19.57 -34.42
N THR B 330 -6.31 19.38 -34.90
CA THR B 330 -5.26 20.39 -34.79
C THR B 330 -5.69 21.70 -35.45
N THR B 331 -6.25 21.63 -36.68
CA THR B 331 -6.74 22.80 -37.44
C THR B 331 -7.97 23.37 -36.73
N TYR B 332 -8.84 22.49 -36.17
CA TYR B 332 -10.04 22.89 -35.43
C TYR B 332 -9.73 23.76 -34.20
N ILE B 333 -8.82 23.31 -33.31
CA ILE B 333 -8.50 24.02 -32.06
C ILE B 333 -7.76 25.35 -32.31
N MET B 334 -7.27 25.53 -33.56
CA MET B 334 -6.57 26.75 -34.01
C MET B 334 -7.47 27.70 -34.82
N GLN B 335 -8.77 27.38 -34.94
CA GLN B 335 -9.72 28.23 -35.66
C GLN B 335 -10.90 28.62 -34.77
N MET C 21 -44.65 -1.70 -6.72
CA MET C 21 -44.52 -0.26 -6.69
C MET C 21 -44.93 0.32 -5.30
N MET C 22 -45.04 -0.56 -4.27
CA MET C 22 -45.32 -0.15 -2.86
C MET C 22 -44.00 0.14 -2.13
N ALA C 23 -44.02 1.04 -1.12
CA ALA C 23 -42.80 1.38 -0.37
C ALA C 23 -42.72 0.45 0.84
N ASP C 24 -42.36 -0.80 0.58
CA ASP C 24 -42.30 -1.80 1.63
C ASP C 24 -41.15 -2.75 1.40
N LEU C 25 -40.62 -3.32 2.48
CA LEU C 25 -39.51 -4.26 2.35
C LEU C 25 -40.06 -5.66 2.63
N VAL C 26 -40.06 -6.50 1.60
CA VAL C 26 -40.59 -7.86 1.67
C VAL C 26 -39.48 -8.85 1.93
N ILE C 27 -39.57 -9.59 3.04
CA ILE C 27 -38.56 -10.57 3.43
C ILE C 27 -39.17 -11.97 3.44
N SER C 28 -38.57 -12.89 2.69
CA SER C 28 -39.07 -14.27 2.57
C SER C 28 -38.33 -15.22 3.49
N SER C 29 -39.09 -15.97 4.31
CA SER C 29 -38.52 -16.89 5.27
C SER C 29 -39.29 -18.22 5.33
N TYR C 30 -39.20 -18.94 6.47
CA TYR C 30 -39.74 -20.31 6.60
C TYR C 30 -41.05 -20.43 7.35
N GLY C 31 -41.60 -19.29 7.80
CA GLY C 31 -42.85 -19.31 8.55
C GLY C 31 -42.74 -19.84 9.98
N GLY C 32 -43.89 -20.02 10.61
CA GLY C 32 -44.02 -20.56 11.96
C GLY C 32 -43.24 -19.81 13.02
N SER C 33 -42.77 -20.57 14.03
CA SER C 33 -42.07 -20.01 15.18
C SER C 33 -40.72 -19.32 14.84
N PHE C 34 -39.99 -19.83 13.81
CA PHE C 34 -38.73 -19.18 13.42
C PHE C 34 -39.01 -17.80 12.81
N GLN C 35 -40.03 -17.70 11.95
CA GLN C 35 -40.41 -16.42 11.36
C GLN C 35 -40.94 -15.46 12.43
N ASP C 36 -41.64 -15.99 13.45
CA ASP C 36 -42.10 -15.18 14.59
C ASP C 36 -40.87 -14.58 15.30
N ALA C 37 -39.85 -15.40 15.52
CA ALA C 37 -38.59 -14.99 16.14
C ALA C 37 -37.89 -13.90 15.29
N GLN C 38 -37.82 -14.09 13.94
CA GLN C 38 -37.22 -13.09 13.06
C GLN C 38 -38.00 -11.78 13.09
N THR C 39 -39.34 -11.86 13.19
CA THR C 39 -40.18 -10.67 13.24
C THR C 39 -39.88 -9.85 14.54
N LYS C 40 -39.77 -10.56 15.64
CA LYS C 40 -39.51 -9.96 16.96
C LYS C 40 -38.09 -9.39 17.06
N ALA C 41 -37.06 -10.12 16.53
CA ALA C 41 -35.66 -9.68 16.62
C ALA C 41 -35.21 -8.74 15.54
N TYR C 42 -35.67 -8.97 14.32
CA TYR C 42 -35.18 -8.26 13.15
C TYR C 42 -36.16 -7.35 12.45
N PHE C 43 -37.30 -7.90 12.02
CA PHE C 43 -38.26 -7.19 11.19
C PHE C 43 -38.88 -6.00 11.89
N ASP C 44 -39.55 -6.22 13.05
CA ASP C 44 -40.19 -5.11 13.78
C ASP C 44 -39.14 -4.14 14.34
N PRO C 45 -37.98 -4.58 14.89
CA PRO C 45 -36.98 -3.59 15.34
C PRO C 45 -36.43 -2.76 14.19
N TYR C 46 -36.23 -3.37 12.99
CA TYR C 46 -35.78 -2.58 11.83
C TYR C 46 -36.84 -1.55 11.44
N ALA C 47 -38.12 -1.99 11.36
CA ALA C 47 -39.24 -1.10 11.06
C ALA C 47 -39.30 0.08 12.06
N LYS C 48 -39.08 -0.19 13.37
CA LYS C 48 -39.09 0.86 14.39
C LYS C 48 -37.93 1.83 14.22
N ALA C 49 -36.71 1.31 14.01
CA ALA C 49 -35.50 2.10 13.89
C ALA C 49 -35.47 2.96 12.64
N SER C 50 -35.94 2.42 11.49
CA SER C 50 -35.87 3.10 10.19
C SER C 50 -37.17 3.79 9.75
N GLY C 51 -38.31 3.36 10.28
CA GLY C 51 -39.63 3.83 9.88
C GLY C 51 -40.10 3.11 8.63
N VAL C 52 -39.29 2.17 8.07
CA VAL C 52 -39.66 1.41 6.85
C VAL C 52 -40.72 0.37 7.19
N LYS C 53 -41.67 0.14 6.27
CA LYS C 53 -42.68 -0.92 6.41
C LYS C 53 -41.96 -2.24 6.08
N VAL C 54 -41.93 -3.19 7.01
CA VAL C 54 -41.28 -4.49 6.78
C VAL C 54 -42.33 -5.58 6.84
N THR C 55 -42.45 -6.35 5.77
CA THR C 55 -43.42 -7.45 5.63
C THR C 55 -42.71 -8.78 5.44
N GLY C 56 -42.94 -9.68 6.39
CA GLY C 56 -42.40 -11.03 6.33
C GLY C 56 -43.34 -11.90 5.54
N THR C 57 -42.78 -12.74 4.66
CA THR C 57 -43.52 -13.70 3.84
C THR C 57 -42.85 -15.06 3.90
N THR C 58 -43.51 -16.10 3.36
CA THR C 58 -42.92 -17.45 3.38
C THR C 58 -42.59 -17.91 1.95
N GLY C 59 -41.97 -19.09 1.83
CA GLY C 59 -41.68 -19.68 0.55
C GLY C 59 -40.23 -19.66 0.09
N THR C 60 -39.31 -19.11 0.93
CA THR C 60 -37.89 -19.07 0.54
C THR C 60 -37.39 -20.49 0.19
N GLY C 61 -36.58 -20.56 -0.84
CA GLY C 61 -36.02 -21.82 -1.30
C GLY C 61 -35.43 -21.59 -2.68
N TYR C 62 -34.45 -22.40 -3.06
CA TYR C 62 -33.79 -22.25 -4.35
C TYR C 62 -34.76 -22.26 -5.57
N ALA C 63 -35.65 -23.27 -5.65
CA ALA C 63 -36.59 -23.39 -6.77
C ALA C 63 -37.46 -22.14 -6.95
N LYS C 64 -38.03 -21.60 -5.85
CA LYS C 64 -38.90 -20.42 -5.88
C LYS C 64 -38.11 -19.17 -6.21
N VAL C 65 -36.89 -19.02 -5.64
CA VAL C 65 -36.03 -17.84 -5.93
C VAL C 65 -35.68 -17.87 -7.42
N LYS C 66 -35.30 -19.05 -7.94
CA LYS C 66 -34.95 -19.25 -9.36
C LYS C 66 -36.11 -18.83 -10.28
N ALA C 67 -37.33 -19.34 -10.02
CA ALA C 67 -38.53 -19.03 -10.79
C ALA C 67 -38.85 -17.53 -10.79
N MET C 68 -38.80 -16.90 -9.60
CA MET C 68 -39.07 -15.47 -9.43
C MET C 68 -38.06 -14.57 -10.16
N VAL C 69 -36.75 -14.80 -9.90
CA VAL C 69 -35.67 -14.04 -10.54
C VAL C 69 -35.72 -14.20 -12.09
N GLU C 70 -35.87 -15.43 -12.59
CA GLU C 70 -35.91 -15.69 -14.04
C GLU C 70 -37.16 -15.14 -14.74
N SER C 71 -38.28 -14.95 -14.00
CA SER C 71 -39.50 -14.38 -14.56
C SER C 71 -39.37 -12.86 -14.71
N GLY C 72 -38.45 -12.26 -13.96
CA GLY C 72 -38.23 -10.82 -13.98
C GLY C 72 -39.26 -10.08 -13.14
N ASN C 73 -40.13 -10.81 -12.44
CA ASN C 73 -41.11 -10.19 -11.55
C ASN C 73 -40.72 -10.57 -10.10
N VAL C 74 -39.70 -9.89 -9.60
CA VAL C 74 -39.16 -10.11 -8.26
C VAL C 74 -40.01 -9.36 -7.22
N THR C 75 -40.63 -10.13 -6.32
CA THR C 75 -41.49 -9.56 -5.28
C THR C 75 -40.87 -9.64 -3.88
N TRP C 76 -39.69 -10.29 -3.75
CA TRP C 76 -38.98 -10.43 -2.47
C TRP C 76 -37.74 -9.57 -2.51
N ASP C 77 -37.55 -8.75 -1.49
CA ASP C 77 -36.37 -7.88 -1.40
C ASP C 77 -35.24 -8.57 -0.67
N VAL C 78 -35.58 -9.35 0.35
CA VAL C 78 -34.60 -10.11 1.16
C VAL C 78 -35.12 -11.54 1.26
N ILE C 79 -34.20 -12.48 1.25
CA ILE C 79 -34.50 -13.88 1.49
C ILE C 79 -33.60 -14.38 2.63
N SER C 80 -34.09 -15.38 3.35
CA SER C 80 -33.28 -16.08 4.32
C SER C 80 -32.95 -17.39 3.58
N ALA C 81 -31.66 -17.72 3.39
CA ALA C 81 -31.32 -18.91 2.63
C ALA C 81 -30.38 -19.82 3.40
N GLU C 82 -30.72 -21.12 3.52
CA GLU C 82 -29.82 -22.08 4.16
C GLU C 82 -28.67 -22.32 3.19
N SER C 83 -27.48 -22.67 3.72
CA SER C 83 -26.28 -22.76 2.87
C SER C 83 -26.46 -23.61 1.57
N PRO C 84 -27.10 -24.81 1.52
CA PRO C 84 -27.25 -25.45 0.18
C PRO C 84 -28.09 -24.67 -0.81
N ALA C 85 -29.22 -24.10 -0.37
CA ALA C 85 -30.09 -23.28 -1.22
C ALA C 85 -29.31 -22.05 -1.68
N PHE C 86 -28.55 -21.43 -0.74
CA PHE C 86 -27.74 -20.26 -1.04
C PHE C 86 -26.67 -20.60 -2.11
N ALA C 87 -25.99 -21.75 -1.98
CA ALA C 87 -25.00 -22.21 -2.94
C ALA C 87 -25.62 -22.31 -4.35
N SER C 88 -26.78 -22.98 -4.49
CA SER C 88 -27.49 -23.13 -5.78
C SER C 88 -27.91 -21.76 -6.36
N GLU C 89 -28.32 -20.84 -5.48
CA GLU C 89 -28.76 -19.48 -5.88
C GLU C 89 -27.59 -18.68 -6.43
N VAL C 90 -26.41 -18.76 -5.77
CA VAL C 90 -25.17 -18.08 -6.20
C VAL C 90 -24.69 -18.70 -7.53
N LYS C 91 -24.70 -20.05 -7.61
CA LYS C 91 -24.29 -20.79 -8.79
C LYS C 91 -25.10 -20.39 -10.03
N ASP C 92 -26.41 -20.07 -9.84
CA ASP C 92 -27.28 -19.67 -10.95
C ASP C 92 -27.32 -18.14 -11.18
N GLY C 93 -26.51 -17.39 -10.44
CA GLY C 93 -26.45 -15.94 -10.54
C GLY C 93 -27.79 -15.27 -10.23
N LEU C 94 -28.48 -15.78 -9.21
CA LEU C 94 -29.81 -15.28 -8.83
C LEU C 94 -29.79 -14.18 -7.77
N LEU C 95 -28.60 -13.76 -7.35
CA LEU C 95 -28.51 -12.81 -6.24
C LEU C 95 -27.74 -11.54 -6.55
N GLU C 96 -28.13 -10.45 -5.90
CA GLU C 96 -27.44 -9.17 -5.98
C GLU C 96 -26.20 -9.27 -5.11
N PRO C 97 -25.06 -8.69 -5.52
CA PRO C 97 -23.90 -8.69 -4.61
C PRO C 97 -24.23 -7.80 -3.39
N ILE C 98 -23.81 -8.23 -2.19
CA ILE C 98 -24.04 -7.44 -0.98
C ILE C 98 -23.27 -6.12 -1.04
N ASP C 99 -23.91 -5.01 -0.71
CA ASP C 99 -23.22 -3.72 -0.70
C ASP C 99 -22.56 -3.56 0.67
N TYR C 100 -21.24 -3.84 0.73
CA TYR C 100 -20.46 -3.74 1.96
C TYR C 100 -20.02 -2.32 2.30
N SER C 101 -20.47 -1.31 1.52
CA SER C 101 -20.24 0.09 1.92
C SER C 101 -21.44 0.46 2.88
N VAL C 102 -22.47 -0.39 2.89
CA VAL C 102 -23.69 -0.25 3.71
C VAL C 102 -23.64 -1.28 4.83
N VAL C 103 -23.38 -2.56 4.44
CA VAL C 103 -23.28 -3.64 5.42
C VAL C 103 -21.87 -3.58 6.04
N LYS C 104 -21.80 -3.17 7.31
CA LYS C 104 -20.53 -3.11 8.04
C LYS C 104 -20.73 -3.81 9.36
N ALA C 105 -20.08 -4.96 9.53
CA ALA C 105 -20.20 -5.77 10.74
C ALA C 105 -18.91 -6.57 10.87
N ASP C 106 -17.83 -5.87 11.24
CA ASP C 106 -16.53 -6.52 11.39
C ASP C 106 -16.49 -7.50 12.59
N ASN C 107 -17.54 -7.49 13.45
CA ASN C 107 -17.70 -8.43 14.56
C ASN C 107 -18.41 -9.72 14.10
N VAL C 108 -18.77 -9.78 12.80
CA VAL C 108 -19.31 -11.00 12.17
C VAL C 108 -18.07 -11.56 11.45
N PRO C 109 -17.60 -12.78 11.79
CA PRO C 109 -16.36 -13.28 11.15
C PRO C 109 -16.44 -13.27 9.61
N GLU C 110 -15.29 -12.97 8.97
CA GLU C 110 -15.15 -12.78 7.51
C GLU C 110 -15.76 -13.87 6.66
N ASN C 111 -15.65 -15.14 7.07
CA ASN C 111 -16.22 -16.22 6.24
C ASN C 111 -17.72 -16.11 6.04
N PHE C 112 -18.43 -15.43 6.95
CA PHE C 112 -19.87 -15.23 6.88
C PHE C 112 -20.21 -14.05 5.97
N ARG C 113 -19.27 -13.13 5.78
CA ARG C 113 -19.52 -11.96 4.93
C ARG C 113 -19.11 -12.27 3.52
N THR C 114 -19.96 -13.00 2.81
CA THR C 114 -19.71 -13.48 1.46
C THR C 114 -20.15 -12.47 0.41
N LYS C 115 -19.72 -12.64 -0.85
CA LYS C 115 -20.08 -11.71 -1.91
C LYS C 115 -21.58 -11.55 -2.08
N TYR C 116 -22.33 -12.66 -2.01
CA TYR C 116 -23.78 -12.62 -2.29
C TYR C 116 -24.70 -12.83 -1.09
N GLY C 117 -24.12 -12.90 0.10
CA GLY C 117 -24.94 -13.14 1.28
C GLY C 117 -24.19 -12.97 2.57
N VAL C 118 -24.92 -12.67 3.62
CA VAL C 118 -24.32 -12.47 4.95
C VAL C 118 -24.83 -13.54 5.88
N GLY C 119 -23.93 -14.40 6.35
CA GLY C 119 -24.28 -15.46 7.29
C GLY C 119 -24.65 -14.83 8.61
N TYR C 120 -25.90 -15.03 9.06
CA TYR C 120 -26.39 -14.38 10.26
C TYR C 120 -26.76 -15.33 11.37
N MET C 121 -26.84 -16.63 11.06
CA MET C 121 -27.26 -17.61 12.04
C MET C 121 -26.59 -18.93 11.76
N VAL C 122 -26.31 -19.68 12.82
CA VAL C 122 -25.78 -21.03 12.76
C VAL C 122 -26.82 -21.89 13.44
N PHE C 123 -27.18 -22.99 12.82
CA PHE C 123 -28.24 -23.80 13.41
C PHE C 123 -27.97 -25.27 13.22
N GLY C 124 -28.37 -26.04 14.21
CA GLY C 124 -28.29 -27.48 14.13
C GLY C 124 -29.63 -28.03 13.71
N THR C 125 -29.62 -29.21 13.07
CA THR C 125 -30.81 -29.99 12.73
C THR C 125 -30.55 -31.25 13.51
N ASN C 126 -31.49 -31.59 14.41
CA ASN C 126 -31.28 -32.64 15.38
C ASN C 126 -32.34 -33.69 15.38
N LEU C 127 -31.97 -34.87 15.83
CA LEU C 127 -32.91 -35.96 16.06
C LEU C 127 -33.66 -35.62 17.36
N ALA C 128 -35.01 -35.63 17.31
CA ALA C 128 -35.85 -35.39 18.50
C ALA C 128 -36.90 -36.47 18.58
N TRP C 129 -37.35 -36.77 19.80
CA TRP C 129 -38.30 -37.88 19.99
C TRP C 129 -39.30 -37.55 21.05
N ASN C 130 -40.48 -38.19 21.00
CA ASN C 130 -41.51 -37.99 22.00
C ASN C 130 -41.04 -38.80 23.23
N LYS C 131 -40.86 -38.13 24.38
CA LYS C 131 -40.38 -38.77 25.63
C LYS C 131 -41.29 -39.85 26.16
N ASP C 132 -42.61 -39.69 26.01
CA ASP C 132 -43.56 -40.69 26.49
C ASP C 132 -43.52 -41.97 25.66
N LYS C 133 -43.23 -41.86 24.34
CA LYS C 133 -43.09 -43.03 23.46
C LYS C 133 -41.69 -43.62 23.64
N PHE C 134 -40.66 -42.75 23.80
CA PHE C 134 -39.27 -43.18 23.94
C PHE C 134 -38.59 -42.67 25.23
N PRO C 135 -38.89 -43.28 26.41
CA PRO C 135 -38.29 -42.78 27.67
C PRO C 135 -36.77 -42.84 27.70
N ASN C 136 -36.17 -43.84 27.02
CA ASN C 136 -34.71 -44.01 26.96
C ASN C 136 -34.08 -43.34 25.72
N GLY C 137 -34.85 -42.50 25.05
CA GLY C 137 -34.37 -41.75 23.91
C GLY C 137 -34.25 -42.54 22.63
N VAL C 138 -33.79 -41.85 21.58
CA VAL C 138 -33.61 -42.43 20.24
C VAL C 138 -32.28 -42.00 19.71
N THR C 139 -31.46 -42.94 19.22
CA THR C 139 -30.15 -42.65 18.62
C THR C 139 -30.33 -42.63 17.08
N PRO C 140 -29.39 -42.02 16.34
CA PRO C 140 -29.45 -42.09 14.86
C PRO C 140 -29.59 -43.54 14.32
N ALA C 141 -28.85 -44.52 14.93
CA ALA C 141 -28.98 -45.92 14.51
C ALA C 141 -30.42 -46.42 14.72
N GLN C 142 -31.03 -46.08 15.86
CA GLN C 142 -32.41 -46.49 16.16
C GLN C 142 -33.43 -45.86 15.23
N PHE C 143 -33.18 -44.61 14.82
CA PHE C 143 -34.07 -43.95 13.85
C PHE C 143 -34.12 -44.80 12.55
N PHE C 144 -32.97 -45.37 12.13
CA PHE C 144 -32.93 -46.13 10.89
C PHE C 144 -33.02 -47.64 11.08
N ASP C 145 -33.49 -48.05 12.26
CA ASP C 145 -33.71 -49.45 12.62
C ASP C 145 -35.18 -49.76 12.42
N PRO C 146 -35.51 -50.65 11.45
CA PRO C 146 -36.93 -50.99 11.21
C PRO C 146 -37.66 -51.61 12.41
N ASN C 147 -36.92 -52.23 13.37
CA ASN C 147 -37.52 -52.82 14.58
C ASN C 147 -38.00 -51.78 15.59
N VAL C 148 -37.48 -50.53 15.46
CA VAL C 148 -37.89 -49.42 16.32
C VAL C 148 -39.14 -48.82 15.65
N LYS C 149 -40.29 -48.97 16.31
CA LYS C 149 -41.58 -48.53 15.81
C LYS C 149 -41.93 -47.14 16.26
N GLY C 150 -42.15 -46.28 15.28
CA GLY C 150 -42.48 -44.87 15.51
C GLY C 150 -42.73 -44.13 14.23
N ARG C 151 -43.69 -43.21 14.28
CA ARG C 151 -44.05 -42.32 13.19
C ARG C 151 -42.93 -41.32 13.04
N ARG C 152 -42.21 -41.43 11.92
CA ARG C 152 -41.03 -40.60 11.64
C ARG C 152 -41.31 -39.50 10.67
N VAL C 153 -40.62 -38.37 10.85
CA VAL C 153 -40.73 -37.25 9.94
C VAL C 153 -39.30 -36.85 9.58
N LEU C 154 -39.01 -36.83 8.28
CA LEU C 154 -37.71 -36.41 7.79
C LEU C 154 -37.85 -35.03 7.14
N PRO C 155 -36.73 -34.32 6.87
CA PRO C 155 -36.84 -33.03 6.16
C PRO C 155 -37.46 -33.19 4.77
N SER C 156 -37.95 -32.07 4.20
CA SER C 156 -38.65 -32.11 2.90
C SER C 156 -37.75 -32.34 1.70
N ASP C 157 -36.48 -31.92 1.81
CA ASP C 157 -35.49 -32.05 0.73
C ASP C 157 -34.42 -33.08 1.09
N ALA C 158 -33.57 -33.46 0.11
CA ALA C 158 -32.49 -34.43 0.31
C ALA C 158 -31.44 -33.89 1.28
N THR C 159 -31.29 -32.55 1.31
CA THR C 159 -30.37 -31.88 2.23
C THR C 159 -30.79 -32.22 3.64
N TYR C 160 -29.81 -32.48 4.52
CA TYR C 160 -29.97 -32.83 5.94
C TYR C 160 -30.37 -34.30 6.05
N SER C 161 -31.39 -34.73 5.28
CA SER C 161 -31.88 -36.12 5.29
C SER C 161 -30.78 -37.13 4.99
N LEU C 162 -30.01 -36.88 3.90
CA LEU C 162 -28.96 -37.82 3.50
C LEU C 162 -27.84 -37.95 4.53
N GLU C 163 -27.35 -36.81 5.06
CA GLU C 163 -26.28 -36.85 6.08
C GLU C 163 -26.74 -37.60 7.31
N PHE C 164 -28.00 -37.37 7.72
CA PHE C 164 -28.59 -38.02 8.89
C PHE C 164 -28.63 -39.53 8.68
N ALA C 165 -29.12 -39.98 7.50
CA ALA C 165 -29.20 -41.41 7.15
C ALA C 165 -27.80 -42.06 7.23
N LEU C 166 -26.79 -41.38 6.66
CA LEU C 166 -25.43 -41.89 6.62
C LEU C 166 -24.81 -41.99 8.00
N MET C 167 -24.99 -40.96 8.85
CA MET C 167 -24.52 -41.02 10.24
C MET C 167 -25.26 -42.08 11.04
N GLY C 168 -26.57 -42.21 10.79
CA GLY C 168 -27.39 -43.25 11.39
C GLY C 168 -26.90 -44.65 11.03
N ASP C 169 -26.32 -44.79 9.83
CA ASP C 169 -25.78 -46.05 9.34
C ASP C 169 -24.32 -46.33 9.77
N GLY C 170 -23.78 -45.46 10.60
CA GLY C 170 -22.43 -45.63 11.13
C GLY C 170 -21.33 -44.90 10.39
N VAL C 171 -21.68 -44.03 9.42
CA VAL C 171 -20.67 -43.25 8.74
C VAL C 171 -20.22 -42.17 9.76
N LYS C 172 -18.94 -42.14 10.09
CA LYS C 172 -18.41 -41.16 11.04
C LYS C 172 -18.53 -39.75 10.46
N PRO C 173 -18.87 -38.72 11.28
CA PRO C 173 -18.93 -37.35 10.77
C PRO C 173 -17.73 -36.92 9.91
N ALA C 174 -16.50 -37.29 10.31
CA ALA C 174 -15.27 -36.96 9.59
C ALA C 174 -15.20 -37.62 8.20
N ASP C 175 -15.96 -38.71 7.98
CA ASP C 175 -15.97 -39.47 6.73
C ASP C 175 -17.20 -39.24 5.87
N LEU C 176 -18.09 -38.29 6.29
CA LEU C 176 -19.36 -38.03 5.60
C LEU C 176 -19.25 -37.73 4.12
N TYR C 177 -18.50 -36.68 3.79
CA TYR C 177 -18.39 -36.20 2.42
C TYR C 177 -17.20 -36.75 1.64
N PRO C 178 -17.36 -37.07 0.32
CA PRO C 178 -18.59 -37.00 -0.51
C PRO C 178 -19.68 -37.97 -0.05
N LEU C 179 -20.95 -37.53 -0.02
CA LEU C 179 -22.04 -38.40 0.42
C LEU C 179 -22.26 -39.57 -0.50
N ASP C 180 -22.42 -40.75 0.07
CA ASP C 180 -22.74 -41.95 -0.65
C ASP C 180 -24.29 -41.95 -0.77
N VAL C 181 -24.80 -41.29 -1.83
CA VAL C 181 -26.24 -41.11 -2.06
C VAL C 181 -27.00 -42.48 -2.13
N LYS C 182 -26.46 -43.44 -2.89
CA LYS C 182 -27.06 -44.76 -3.05
C LYS C 182 -27.24 -45.42 -1.68
N ARG C 183 -26.18 -45.39 -0.85
CA ARG C 183 -26.21 -45.94 0.50
C ARG C 183 -27.23 -45.19 1.36
N ALA C 184 -27.19 -43.83 1.36
CA ALA C 184 -28.12 -43.00 2.13
C ALA C 184 -29.59 -43.37 1.84
N LEU C 185 -29.93 -43.57 0.56
CA LEU C 185 -31.30 -43.95 0.18
C LEU C 185 -31.66 -45.37 0.59
N LYS C 186 -30.68 -46.29 0.59
CA LYS C 186 -30.87 -47.68 1.02
C LYS C 186 -31.10 -47.70 2.54
N VAL C 187 -30.48 -46.76 3.25
CA VAL C 187 -30.65 -46.61 4.69
C VAL C 187 -32.08 -46.11 4.98
N ILE C 188 -32.51 -45.03 4.30
CA ILE C 188 -33.88 -44.51 4.50
C ILE C 188 -34.90 -45.60 4.12
N ASP C 189 -34.59 -46.44 3.10
CA ASP C 189 -35.44 -47.57 2.67
C ASP C 189 -35.83 -48.48 3.82
N ARG C 190 -34.93 -48.66 4.79
CA ARG C 190 -35.19 -49.52 5.96
C ARG C 190 -36.40 -49.06 6.78
N VAL C 191 -36.62 -47.74 6.88
CA VAL C 191 -37.72 -47.17 7.68
C VAL C 191 -38.71 -46.34 6.86
N LYS C 192 -38.59 -46.37 5.51
CA LYS C 192 -39.45 -45.61 4.61
C LYS C 192 -40.95 -45.77 4.89
N ASP C 193 -41.41 -47.01 5.14
CA ASP C 193 -42.83 -47.29 5.43
C ASP C 193 -43.29 -46.61 6.73
N GLN C 194 -42.35 -46.23 7.61
CA GLN C 194 -42.65 -45.60 8.90
C GLN C 194 -42.50 -44.08 8.86
N VAL C 195 -41.99 -43.55 7.74
CA VAL C 195 -41.85 -42.12 7.52
C VAL C 195 -43.21 -41.60 7.05
N ILE C 196 -43.88 -40.80 7.85
CA ILE C 196 -45.20 -40.29 7.56
C ILE C 196 -45.14 -39.04 6.66
N GLY C 197 -43.97 -38.45 6.52
CA GLY C 197 -43.79 -37.28 5.67
C GLY C 197 -42.38 -36.75 5.60
N TYR C 198 -42.12 -35.95 4.56
CA TYR C 198 -40.88 -35.22 4.27
C TYR C 198 -41.37 -33.80 4.31
N LYS C 199 -41.07 -33.12 5.44
CA LYS C 199 -41.72 -31.86 5.75
C LYS C 199 -40.81 -30.72 6.04
N GLY C 200 -41.37 -29.51 5.90
CA GLY C 200 -40.73 -28.26 6.24
C GLY C 200 -40.73 -28.09 7.75
N ALA C 201 -39.98 -27.09 8.23
CA ALA C 201 -39.79 -26.85 9.66
C ALA C 201 -41.10 -26.57 10.41
N SER C 202 -41.95 -25.69 9.87
CA SER C 202 -43.23 -25.34 10.50
C SER C 202 -44.12 -26.57 10.63
N ASP C 203 -44.18 -27.40 9.60
CA ASP C 203 -44.98 -28.61 9.59
C ASP C 203 -44.49 -29.60 10.61
N ILE C 204 -43.16 -29.76 10.73
CA ILE C 204 -42.58 -30.67 11.72
C ILE C 204 -42.96 -30.22 13.14
N GLN C 205 -42.76 -28.93 13.48
CA GLN C 205 -43.09 -28.47 14.83
C GLN C 205 -44.56 -28.74 15.16
N ALA C 206 -45.47 -28.52 14.21
CA ALA C 206 -46.89 -28.74 14.47
C ALA C 206 -47.17 -30.22 14.71
N LEU C 207 -46.48 -31.10 13.98
CA LEU C 207 -46.68 -32.54 14.13
C LEU C 207 -46.21 -32.98 15.53
N MET C 208 -45.10 -32.39 16.03
CA MET C 208 -44.61 -32.67 17.39
C MET C 208 -45.65 -32.28 18.43
N GLN C 209 -46.12 -31.02 18.36
CA GLN C 209 -47.10 -30.43 19.29
C GLN C 209 -48.42 -31.18 19.31
N GLN C 210 -48.89 -31.62 18.13
CA GLN C 210 -50.15 -32.31 17.97
C GLN C 210 -50.06 -33.79 18.30
N GLY C 211 -48.85 -34.29 18.55
CA GLY C 211 -48.63 -35.70 18.86
C GLY C 211 -48.91 -36.58 17.66
N GLU C 212 -48.66 -36.08 16.44
CA GLU C 212 -48.92 -36.80 15.19
C GLU C 212 -47.64 -37.47 14.68
N ALA C 213 -46.51 -37.27 15.36
CA ALA C 213 -45.22 -37.87 15.03
C ALA C 213 -44.60 -38.34 16.34
N ASP C 214 -43.67 -39.28 16.27
CA ASP C 214 -42.97 -39.80 17.44
C ASP C 214 -41.48 -39.49 17.39
N ILE C 215 -40.91 -39.36 16.18
CA ILE C 215 -39.46 -39.12 15.98
C ILE C 215 -39.29 -38.21 14.77
N VAL C 216 -38.45 -37.18 14.90
CA VAL C 216 -38.27 -36.20 13.81
C VAL C 216 -36.80 -35.80 13.69
N TYR C 217 -36.45 -35.16 12.57
CA TYR C 217 -35.11 -34.60 12.38
C TYR C 217 -35.39 -33.15 12.01
N ALA C 218 -35.12 -32.20 12.96
CA ALA C 218 -35.53 -30.81 12.75
C ALA C 218 -34.60 -29.82 13.43
N GLY C 219 -34.77 -28.54 13.10
CA GLY C 219 -33.95 -27.47 13.68
C GLY C 219 -34.08 -27.44 15.18
N THR C 220 -32.97 -27.27 15.90
CA THR C 220 -32.95 -27.21 17.39
C THR C 220 -34.03 -26.20 17.90
N GLY C 221 -34.05 -25.01 17.29
CA GLY C 221 -35.00 -23.92 17.60
C GLY C 221 -36.47 -24.32 17.51
N ARG C 222 -36.83 -25.12 16.49
CA ARG C 222 -38.20 -25.63 16.31
C ARG C 222 -38.52 -26.67 17.39
N ILE C 223 -37.57 -27.59 17.64
CA ILE C 223 -37.77 -28.64 18.66
C ILE C 223 -37.97 -27.97 20.05
N LYS C 224 -37.09 -27.03 20.41
CA LYS C 224 -37.12 -26.36 21.71
C LYS C 224 -38.35 -25.46 21.83
N ASN C 225 -38.85 -24.88 20.69
CA ASN C 225 -40.09 -24.11 20.74
C ASN C 225 -41.29 -25.00 20.94
N ALA C 226 -41.26 -26.24 20.38
CA ALA C 226 -42.36 -27.18 20.63
C ALA C 226 -42.40 -27.52 22.12
N ILE C 227 -41.21 -27.74 22.74
CA ILE C 227 -41.06 -28.06 24.17
C ILE C 227 -41.61 -26.90 25.01
N LYS C 228 -41.22 -25.66 24.67
CA LYS C 228 -41.72 -24.44 25.33
C LYS C 228 -43.24 -24.37 25.29
N ALA C 229 -43.85 -24.81 24.17
CA ALA C 229 -45.29 -24.86 23.96
C ALA C 229 -45.96 -26.05 24.67
N GLY C 230 -45.17 -26.90 25.35
CA GLY C 230 -45.72 -28.02 26.11
C GLY C 230 -45.51 -29.41 25.56
N ALA C 231 -44.75 -29.56 24.46
CA ALA C 231 -44.53 -30.88 23.88
C ALA C 231 -43.48 -31.57 24.70
N ASN C 232 -43.81 -32.75 25.23
CA ASN C 232 -42.92 -33.54 26.05
C ASN C 232 -41.96 -34.34 25.17
N TRP C 233 -41.04 -33.62 24.53
CA TRP C 233 -40.04 -34.19 23.62
C TRP C 233 -38.64 -33.88 24.11
N SER C 234 -37.65 -34.70 23.68
CA SER C 234 -36.26 -34.44 23.98
C SER C 234 -35.48 -34.59 22.68
N TYR C 235 -34.20 -34.27 22.70
CA TYR C 235 -33.37 -34.32 21.49
C TYR C 235 -31.90 -34.52 21.87
N SER C 236 -31.05 -34.74 20.89
CA SER C 236 -29.62 -34.87 21.14
C SER C 236 -28.82 -34.25 20.00
N TRP C 237 -27.50 -34.19 20.16
CA TRP C 237 -26.61 -33.67 19.13
C TRP C 237 -25.98 -34.86 18.35
N GLU C 238 -26.34 -36.11 18.71
CA GLU C 238 -25.88 -37.31 18.00
C GLU C 238 -26.48 -37.32 16.59
N GLY C 239 -25.60 -37.33 15.59
CA GLY C 239 -26.00 -37.33 14.18
C GLY C 239 -26.63 -36.02 13.74
N ALA C 240 -26.42 -34.94 14.51
CA ALA C 240 -26.96 -33.61 14.17
C ALA C 240 -26.11 -33.06 13.04
N LEU C 241 -26.69 -32.15 12.24
CA LEU C 241 -25.98 -31.51 11.16
C LEU C 241 -26.08 -29.99 11.37
N ALA C 242 -24.94 -29.32 11.44
CA ALA C 242 -24.89 -27.88 11.63
C ALA C 242 -24.83 -27.18 10.29
N ASP C 243 -25.49 -26.03 10.19
CA ASP C 243 -25.46 -25.28 8.94
C ASP C 243 -25.51 -23.79 9.23
N THR C 244 -25.26 -22.99 8.20
CA THR C 244 -25.31 -21.53 8.26
C THR C 244 -26.51 -21.02 7.46
N GLU C 245 -27.15 -19.96 7.96
CA GLU C 245 -28.28 -19.29 7.32
C GLU C 245 -27.81 -17.92 6.87
N TYR C 246 -28.22 -17.50 5.66
CA TYR C 246 -27.77 -16.25 5.07
C TYR C 246 -28.90 -15.28 4.77
N TRP C 247 -28.61 -13.99 4.88
CA TRP C 247 -29.50 -12.96 4.34
C TRP C 247 -28.96 -12.74 2.89
N ALA C 248 -29.83 -12.78 1.90
CA ALA C 248 -29.45 -12.52 0.50
C ALA C 248 -30.51 -11.68 -0.15
N VAL C 249 -30.18 -11.06 -1.29
CA VAL C 249 -31.05 -10.13 -2.02
C VAL C 249 -31.27 -10.70 -3.44
N PRO C 250 -32.50 -11.12 -3.81
CA PRO C 250 -32.72 -11.65 -5.18
C PRO C 250 -32.35 -10.62 -6.23
N LYS C 251 -31.71 -11.06 -7.32
CA LYS C 251 -31.32 -10.21 -8.45
C LYS C 251 -32.59 -9.58 -9.02
N GLY C 252 -32.60 -8.25 -9.08
CA GLY C 252 -33.75 -7.49 -9.55
C GLY C 252 -34.73 -7.13 -8.45
N ALA C 253 -34.37 -7.34 -7.17
CA ALA C 253 -35.21 -6.97 -6.03
C ALA C 253 -35.53 -5.48 -6.16
N PRO C 254 -36.83 -5.05 -6.11
CA PRO C 254 -37.13 -3.61 -6.28
C PRO C 254 -36.53 -2.72 -5.23
N HIS C 255 -36.33 -3.22 -4.00
CA HIS C 255 -35.73 -2.42 -2.93
C HIS C 255 -34.40 -2.99 -2.47
N ALA C 256 -33.50 -3.28 -3.45
CA ALA C 256 -32.18 -3.85 -3.15
C ALA C 256 -31.39 -2.95 -2.19
N ALA C 257 -31.42 -1.58 -2.38
CA ALA C 257 -30.69 -0.68 -1.50
C ALA C 257 -31.24 -0.74 -0.06
N GLU C 258 -32.59 -0.78 0.08
CA GLU C 258 -33.20 -0.89 1.39
C GLU C 258 -32.84 -2.23 2.04
N ALA C 259 -32.78 -3.30 1.24
CA ALA C 259 -32.42 -4.65 1.68
C ALA C 259 -31.02 -4.63 2.34
N MET C 260 -30.06 -3.86 1.75
CA MET C 260 -28.71 -3.74 2.30
C MET C 260 -28.74 -3.11 3.69
N LYS C 261 -29.59 -2.06 3.86
CA LYS C 261 -29.71 -1.35 5.14
C LYS C 261 -30.32 -2.28 6.19
N PHE C 262 -31.31 -3.10 5.81
CA PHE C 262 -31.92 -4.05 6.73
C PHE C 262 -30.85 -5.04 7.16
N ILE C 263 -30.11 -5.62 6.20
CA ILE C 263 -29.07 -6.62 6.52
C ILE C 263 -28.04 -6.01 7.48
N ASN C 264 -27.61 -4.77 7.23
CA ASN C 264 -26.66 -4.11 8.11
C ASN C 264 -27.19 -4.06 9.55
N PHE C 265 -28.46 -3.62 9.72
CA PHE C 265 -29.09 -3.52 11.01
C PHE C 265 -29.17 -4.90 11.67
N ALA C 266 -29.69 -5.88 10.94
CA ALA C 266 -29.98 -7.22 11.44
C ALA C 266 -28.77 -7.98 11.93
N VAL C 267 -27.58 -7.80 11.31
CA VAL C 267 -26.41 -8.58 11.69
C VAL C 267 -25.61 -7.95 12.86
N GLN C 268 -26.09 -6.82 13.43
CA GLN C 268 -25.42 -6.20 14.58
C GLN C 268 -25.64 -7.04 15.83
N ALA C 269 -24.79 -6.85 16.85
CA ALA C 269 -24.81 -7.65 18.08
C ALA C 269 -26.19 -7.71 18.76
N GLU C 270 -26.83 -6.54 18.94
CA GLU C 270 -28.12 -6.46 19.68
C GLU C 270 -29.24 -7.24 19.00
N PRO C 271 -29.59 -7.03 17.70
CA PRO C 271 -30.66 -7.85 17.08
C PRO C 271 -30.31 -9.35 17.05
N GLN C 272 -29.01 -9.68 16.81
CA GLN C 272 -28.57 -11.08 16.80
C GLN C 272 -28.81 -11.71 18.18
N ALA C 273 -28.56 -10.94 19.29
CA ALA C 273 -28.80 -11.48 20.65
C ALA C 273 -30.29 -11.69 20.85
N GLU C 274 -31.11 -10.76 20.34
CA GLU C 274 -32.57 -10.85 20.49
C GLU C 274 -33.15 -12.06 19.79
N LEU C 275 -32.54 -12.50 18.66
CA LEU C 275 -32.99 -13.70 17.95
C LEU C 275 -32.75 -14.96 18.79
N THR C 276 -31.51 -15.17 19.27
CA THR C 276 -31.15 -16.32 20.12
C THR C 276 -31.93 -16.27 21.45
N ARG C 277 -32.27 -15.07 21.92
CA ARG C 277 -33.09 -15.00 23.14
C ARG C 277 -34.46 -15.68 22.91
N VAL C 278 -35.05 -15.51 21.74
CA VAL C 278 -36.41 -16.05 21.50
C VAL C 278 -36.44 -17.44 20.84
N ILE C 279 -35.36 -17.85 20.17
CA ILE C 279 -35.28 -19.15 19.52
C ILE C 279 -33.85 -19.70 19.62
N ALA C 280 -33.70 -21.00 19.87
CA ALA C 280 -32.42 -21.66 20.13
C ALA C 280 -31.56 -21.96 18.89
N TYR C 281 -31.20 -20.90 18.16
CA TYR C 281 -30.27 -20.94 17.03
C TYR C 281 -29.17 -19.98 17.39
N GLY C 282 -27.99 -20.13 16.80
CA GLY C 282 -26.84 -19.34 17.22
C GLY C 282 -26.56 -18.11 16.39
N PRO C 283 -25.97 -17.08 17.02
CA PRO C 283 -25.59 -15.88 16.26
C PRO C 283 -24.27 -16.12 15.51
N THR C 284 -23.99 -15.29 14.52
CA THR C 284 -22.67 -15.31 13.88
C THR C 284 -21.89 -14.13 14.46
N ASN C 285 -22.60 -13.12 14.97
CA ASN C 285 -21.95 -11.93 15.55
C ASN C 285 -21.32 -12.31 16.90
N VAL C 286 -19.98 -12.19 16.98
CA VAL C 286 -19.21 -12.61 18.16
C VAL C 286 -19.59 -11.80 19.43
N ASP C 287 -20.12 -10.59 19.26
CA ASP C 287 -20.51 -9.72 20.36
C ASP C 287 -21.92 -9.99 20.91
N ALA C 288 -22.67 -10.91 20.27
CA ALA C 288 -24.04 -11.25 20.69
C ALA C 288 -24.03 -12.06 21.96
N LEU C 289 -23.06 -12.98 22.09
CA LEU C 289 -22.93 -13.90 23.22
C LEU C 289 -22.88 -13.23 24.60
N ARG C 290 -22.12 -12.13 24.78
CA ARG C 290 -22.07 -11.45 26.08
C ARG C 290 -23.41 -10.80 26.47
N LEU C 291 -24.33 -10.62 25.50
CA LEU C 291 -25.65 -10.03 25.78
C LEU C 291 -26.64 -11.10 26.18
N LEU C 292 -26.24 -12.36 26.02
CA LEU C 292 -27.09 -13.51 26.27
C LEU C 292 -26.71 -14.24 27.54
N ASP C 293 -27.55 -15.19 27.92
CA ASP C 293 -27.34 -16.08 29.06
C ASP C 293 -26.04 -16.85 28.77
N PRO C 294 -25.05 -16.95 29.70
CA PRO C 294 -23.81 -17.71 29.39
C PRO C 294 -24.03 -19.15 28.93
N ALA C 295 -25.18 -19.76 29.31
CA ALA C 295 -25.53 -21.13 28.95
C ALA C 295 -25.74 -21.34 27.46
N VAL C 296 -26.02 -20.24 26.68
CA VAL C 296 -26.26 -20.40 25.24
C VAL C 296 -25.01 -20.94 24.51
N ALA C 297 -23.78 -20.67 25.04
CA ALA C 297 -22.49 -21.17 24.50
C ALA C 297 -22.45 -22.70 24.34
N LYS C 298 -23.17 -23.42 25.24
CA LYS C 298 -23.34 -24.88 25.31
C LYS C 298 -24.51 -25.38 24.44
N ASP C 299 -25.35 -24.46 23.94
CA ASP C 299 -26.52 -24.83 23.12
C ASP C 299 -26.24 -24.70 21.62
N LEU C 300 -25.07 -24.17 21.29
CA LEU C 300 -24.65 -23.95 19.91
C LEU C 300 -24.04 -25.18 19.23
N PRO C 301 -24.22 -25.34 17.89
CA PRO C 301 -23.58 -26.46 17.17
C PRO C 301 -22.05 -26.54 17.32
N SER C 302 -21.36 -25.39 17.40
CA SER C 302 -19.89 -25.33 17.46
C SER C 302 -19.29 -25.76 18.81
N TYR C 303 -20.11 -25.78 19.88
CA TYR C 303 -19.66 -26.20 21.20
C TYR C 303 -18.98 -27.58 21.05
N PRO C 304 -17.68 -27.73 21.42
CA PRO C 304 -16.99 -29.00 21.18
C PRO C 304 -17.74 -30.26 21.61
N ALA C 305 -18.45 -30.25 22.75
CA ALA C 305 -19.20 -31.43 23.20
C ALA C 305 -20.42 -31.69 22.30
N ASN C 306 -20.88 -30.65 21.58
CA ASN C 306 -21.98 -30.75 20.61
C ASN C 306 -21.42 -31.17 19.25
N ALA C 307 -20.40 -30.41 18.74
CA ALA C 307 -19.73 -30.61 17.43
C ALA C 307 -19.15 -32.04 17.17
N LYS C 308 -18.52 -32.67 18.19
CA LYS C 308 -17.95 -34.01 18.06
C LYS C 308 -18.99 -35.13 17.83
N LEU C 309 -20.29 -34.87 18.13
CA LEU C 309 -21.36 -35.88 17.98
C LEU C 309 -22.00 -35.90 16.58
N GLY C 310 -21.79 -34.82 15.86
CA GLY C 310 -22.38 -34.69 14.53
C GLY C 310 -21.42 -34.09 13.53
N ALA C 311 -21.98 -33.48 12.49
CA ALA C 311 -21.15 -32.91 11.44
C ALA C 311 -21.65 -31.54 11.05
N VAL C 312 -20.92 -30.91 10.12
CA VAL C 312 -21.25 -29.59 9.58
C VAL C 312 -21.61 -29.84 8.11
N LEU C 313 -22.72 -29.27 7.65
CA LEU C 313 -23.13 -29.44 6.25
C LEU C 313 -22.06 -28.88 5.32
N ASN C 314 -21.71 -29.66 4.29
CA ASN C 314 -20.68 -29.25 3.32
C ASN C 314 -21.43 -28.68 2.12
N SER C 315 -21.50 -27.34 2.04
CA SER C 315 -22.25 -26.70 0.98
C SER C 315 -21.58 -26.83 -0.37
N LYS C 316 -20.23 -27.05 -0.40
CA LYS C 316 -19.52 -27.27 -1.65
C LYS C 316 -20.01 -28.59 -2.30
N TRP C 317 -20.20 -29.64 -1.49
CA TRP C 317 -20.69 -30.90 -2.03
C TRP C 317 -22.10 -30.72 -2.63
N TRP C 318 -22.98 -30.02 -1.90
CA TRP C 318 -24.34 -29.77 -2.38
C TRP C 318 -24.34 -28.91 -3.62
N ASN C 319 -23.45 -27.92 -3.66
CA ASN C 319 -23.28 -27.06 -4.83
C ASN C 319 -23.02 -27.89 -6.10
N ASP C 320 -22.17 -28.93 -5.98
CA ASP C 320 -21.80 -29.78 -7.09
C ASP C 320 -22.80 -30.91 -7.40
N ASN C 321 -23.60 -31.34 -6.40
CA ASN C 321 -24.47 -32.53 -6.57
C ASN C 321 -25.96 -32.32 -6.42
N TYR C 322 -26.39 -31.13 -5.99
CA TYR C 322 -27.82 -30.88 -5.72
C TYR C 322 -28.76 -31.28 -6.87
N ASP C 323 -28.51 -30.81 -8.12
CA ASP C 323 -29.42 -31.10 -9.24
C ASP C 323 -29.65 -32.61 -9.46
N ALA C 324 -28.56 -33.43 -9.45
CA ALA C 324 -28.67 -34.88 -9.60
C ALA C 324 -29.45 -35.48 -8.43
N VAL C 325 -29.11 -35.05 -7.20
CA VAL C 325 -29.72 -35.57 -5.98
C VAL C 325 -31.24 -35.24 -5.94
N LYS C 326 -31.58 -34.01 -6.28
CA LYS C 326 -32.96 -33.53 -6.31
C LYS C 326 -33.82 -34.38 -7.28
N ALA C 327 -33.34 -34.62 -8.52
CA ALA C 327 -34.09 -35.40 -9.48
C ALA C 327 -34.39 -36.79 -8.90
N GLU C 328 -33.42 -37.38 -8.19
CA GLU C 328 -33.63 -38.69 -7.59
C GLU C 328 -34.58 -38.60 -6.36
N TRP C 329 -34.35 -37.63 -5.49
CA TRP C 329 -35.14 -37.40 -4.27
C TRP C 329 -36.63 -37.26 -4.55
N THR C 330 -36.99 -36.46 -5.57
CA THR C 330 -38.40 -36.24 -5.95
C THR C 330 -39.10 -37.58 -6.26
N THR C 331 -38.48 -38.45 -7.06
CA THR C 331 -39.01 -39.76 -7.43
C THR C 331 -39.05 -40.66 -6.19
N TYR C 332 -38.03 -40.52 -5.31
CA TYR C 332 -37.89 -41.28 -4.08
C TYR C 332 -39.03 -41.01 -3.09
N ILE C 333 -39.43 -39.75 -2.91
CA ILE C 333 -40.48 -39.40 -1.93
C ILE C 333 -41.91 -39.31 -2.56
N MET C 334 -42.05 -39.60 -3.86
CA MET C 334 -43.34 -39.55 -4.54
C MET C 334 -44.17 -40.79 -4.21
N MET D 21 49.82 -20.39 -2.14
CA MET D 21 49.13 -21.69 -2.02
C MET D 21 48.68 -21.92 -0.53
N MET D 22 48.30 -20.84 0.19
CA MET D 22 47.86 -20.93 1.59
C MET D 22 46.33 -21.15 1.72
N ALA D 23 45.85 -21.69 2.87
CA ALA D 23 44.39 -21.91 3.14
C ALA D 23 43.84 -20.70 3.88
N ASP D 24 43.69 -19.59 3.14
CA ASP D 24 43.28 -18.33 3.75
C ASP D 24 42.51 -17.47 2.78
N LEU D 25 41.48 -16.81 3.27
CA LEU D 25 40.59 -15.97 2.48
C LEU D 25 41.05 -14.51 2.59
N VAL D 26 41.54 -13.95 1.48
CA VAL D 26 42.07 -12.58 1.47
C VAL D 26 41.00 -11.65 0.93
N ILE D 27 40.64 -10.63 1.72
CA ILE D 27 39.62 -9.67 1.35
C ILE D 27 40.24 -8.26 1.25
N SER D 28 40.11 -7.62 0.08
CA SER D 28 40.68 -6.29 -0.14
C SER D 28 39.65 -5.18 0.07
N SER D 29 39.99 -4.20 0.93
CA SER D 29 39.11 -3.09 1.27
C SER D 29 39.86 -1.74 1.33
N TYR D 30 39.30 -0.76 2.06
CA TYR D 30 39.80 0.62 2.06
C TYR D 30 40.66 1.03 3.24
N GLY D 31 40.90 0.09 4.15
CA GLY D 31 41.66 0.38 5.36
C GLY D 31 40.92 1.23 6.38
N GLY D 32 41.68 1.67 7.38
CA GLY D 32 41.19 2.52 8.46
C GLY D 32 39.99 2.02 9.22
N SER D 33 39.15 2.96 9.67
CA SER D 33 37.98 2.68 10.49
C SER D 33 36.89 1.85 9.76
N PHE D 34 36.74 2.00 8.44
CA PHE D 34 35.75 1.20 7.72
C PHE D 34 36.21 -0.27 7.66
N GLN D 35 37.50 -0.50 7.40
CA GLN D 35 38.03 -1.87 7.42
C GLN D 35 37.98 -2.47 8.83
N ASP D 36 38.19 -1.64 9.89
CA ASP D 36 38.06 -2.13 11.27
C ASP D 36 36.60 -2.60 11.50
N ALA D 37 35.63 -1.82 11.02
CA ALA D 37 34.21 -2.17 11.09
C ALA D 37 33.90 -3.47 10.30
N GLN D 38 34.46 -3.63 9.10
CA GLN D 38 34.26 -4.86 8.32
C GLN D 38 34.88 -6.07 9.02
N THR D 39 36.01 -5.86 9.70
CA THR D 39 36.69 -6.95 10.43
C THR D 39 35.78 -7.43 11.59
N LYS D 40 35.21 -6.48 12.30
CA LYS D 40 34.37 -6.74 13.46
C LYS D 40 33.02 -7.33 13.06
N ALA D 41 32.40 -6.80 11.98
CA ALA D 41 31.07 -7.30 11.56
C ALA D 41 31.09 -8.52 10.67
N TYR D 42 32.08 -8.61 9.77
CA TYR D 42 32.12 -9.64 8.72
C TYR D 42 33.27 -10.62 8.78
N PHE D 43 34.52 -10.12 8.78
CA PHE D 43 35.69 -10.98 8.68
C PHE D 43 35.88 -11.91 9.88
N ASP D 44 35.96 -11.35 11.10
CA ASP D 44 36.13 -12.17 12.32
C ASP D 44 34.89 -13.04 12.57
N PRO D 45 33.63 -12.54 12.43
CA PRO D 45 32.48 -13.43 12.61
C PRO D 45 32.45 -14.57 11.60
N TYR D 46 32.87 -14.32 10.33
CA TYR D 46 32.89 -15.41 9.35
C TYR D 46 33.96 -16.43 9.74
N ALA D 47 35.15 -15.92 10.14
CA ALA D 47 36.24 -16.78 10.62
C ALA D 47 35.78 -17.66 11.79
N LYS D 48 35.01 -17.08 12.75
CA LYS D 48 34.54 -17.82 13.92
C LYS D 48 33.51 -18.87 13.52
N ALA D 49 32.56 -18.49 12.66
CA ALA D 49 31.48 -19.37 12.22
C ALA D 49 31.95 -20.53 11.34
N SER D 50 32.94 -20.30 10.46
CA SER D 50 33.42 -21.29 9.48
C SER D 50 34.74 -22.01 9.85
N GLY D 51 35.56 -21.36 10.67
CA GLY D 51 36.89 -21.84 11.01
C GLY D 51 37.92 -21.45 9.96
N VAL D 52 37.51 -20.75 8.91
CA VAL D 52 38.40 -20.33 7.83
C VAL D 52 39.26 -19.13 8.28
N LYS D 53 40.51 -19.05 7.79
CA LYS D 53 41.39 -17.92 8.12
C LYS D 53 41.01 -16.80 7.17
N VAL D 54 40.60 -15.68 7.73
CA VAL D 54 40.17 -14.54 6.90
C VAL D 54 41.10 -13.37 7.22
N THR D 55 41.74 -12.81 6.20
CA THR D 55 42.57 -11.65 6.46
C THR D 55 42.19 -10.54 5.53
N GLY D 56 42.09 -9.37 6.12
CA GLY D 56 41.74 -8.16 5.40
C GLY D 56 43.00 -7.48 4.91
N THR D 57 42.96 -6.95 3.70
CA THR D 57 44.04 -6.20 3.08
C THR D 57 43.50 -4.90 2.48
N THR D 58 44.38 -4.02 2.03
CA THR D 58 43.92 -2.74 1.46
C THR D 58 44.28 -2.67 -0.03
N GLY D 59 43.84 -1.61 -0.70
CA GLY D 59 44.19 -1.36 -2.09
C GLY D 59 43.11 -1.61 -3.12
N THR D 60 41.89 -2.01 -2.68
CA THR D 60 40.79 -2.26 -3.63
C THR D 60 40.56 -1.05 -4.54
N GLY D 61 40.34 -1.32 -5.82
CA GLY D 61 40.14 -0.27 -6.80
C GLY D 61 40.20 -0.87 -8.18
N TYR D 62 39.56 -0.22 -9.15
CA TYR D 62 39.52 -0.75 -10.50
C TYR D 62 40.93 -0.99 -11.12
N ALA D 63 41.83 0.02 -11.06
CA ALA D 63 43.16 -0.10 -11.64
C ALA D 63 43.95 -1.27 -11.06
N LYS D 64 43.96 -1.44 -9.73
CA LYS D 64 44.68 -2.52 -9.04
C LYS D 64 44.05 -3.89 -9.37
N VAL D 65 42.71 -3.98 -9.40
CA VAL D 65 42.01 -5.24 -9.72
C VAL D 65 42.36 -5.64 -11.15
N LYS D 66 42.32 -4.66 -12.08
CA LYS D 66 42.65 -4.85 -13.50
C LYS D 66 44.07 -5.41 -13.64
N ALA D 67 45.09 -4.73 -13.03
CA ALA D 67 46.48 -5.15 -13.08
C ALA D 67 46.67 -6.56 -12.50
N MET D 68 46.03 -6.83 -11.36
CA MET D 68 46.12 -8.13 -10.70
C MET D 68 45.54 -9.25 -11.57
N VAL D 69 44.26 -9.14 -11.96
CA VAL D 69 43.57 -10.14 -12.79
C VAL D 69 44.32 -10.39 -14.11
N GLU D 70 44.74 -9.30 -14.80
CA GLU D 70 45.45 -9.42 -16.09
C GLU D 70 46.83 -10.04 -15.98
N SER D 71 47.49 -9.94 -14.81
CA SER D 71 48.82 -10.53 -14.58
C SER D 71 48.70 -12.04 -14.39
N GLY D 72 47.53 -12.50 -13.96
CA GLY D 72 47.27 -13.91 -13.68
C GLY D 72 47.77 -14.30 -12.31
N ASN D 73 48.19 -13.30 -11.51
CA ASN D 73 48.70 -13.47 -10.13
C ASN D 73 47.65 -12.91 -9.16
N VAL D 74 46.50 -13.58 -9.07
CA VAL D 74 45.39 -13.12 -8.23
C VAL D 74 45.63 -13.51 -6.77
N THR D 75 45.85 -12.50 -5.92
CA THR D 75 46.10 -12.69 -4.49
C THR D 75 44.92 -12.25 -3.63
N TRP D 76 43.86 -11.67 -4.24
CA TRP D 76 42.65 -11.27 -3.50
C TRP D 76 41.51 -12.22 -3.85
N ASP D 77 40.84 -12.77 -2.85
CA ASP D 77 39.71 -13.66 -3.09
C ASP D 77 38.41 -12.90 -3.15
N VAL D 78 38.30 -11.84 -2.33
CA VAL D 78 37.11 -10.98 -2.27
C VAL D 78 37.59 -9.53 -2.33
N ILE D 79 36.82 -8.69 -2.99
CA ILE D 79 37.07 -7.26 -3.01
C ILE D 79 35.77 -6.58 -2.56
N SER D 80 35.93 -5.39 -1.97
CA SER D 80 34.82 -4.53 -1.67
C SER D 80 34.95 -3.48 -2.79
N ALA D 81 33.91 -3.31 -3.63
CA ALA D 81 34.00 -2.37 -4.74
C ALA D 81 32.86 -1.37 -4.72
N GLU D 82 33.18 -0.08 -4.85
CA GLU D 82 32.13 0.95 -4.94
C GLU D 82 31.56 0.86 -6.36
N SER D 83 30.31 1.26 -6.54
CA SER D 83 29.61 1.05 -7.83
C SER D 83 30.40 1.54 -9.08
N PRO D 84 31.14 2.68 -9.13
CA PRO D 84 31.85 3.00 -10.40
C PRO D 84 33.01 2.05 -10.69
N ALA D 85 33.75 1.66 -9.61
CA ALA D 85 34.86 0.73 -9.73
C ALA D 85 34.31 -0.63 -10.15
N PHE D 86 33.18 -1.04 -9.52
CA PHE D 86 32.51 -2.30 -9.84
C PHE D 86 32.06 -2.33 -11.32
N ALA D 87 31.44 -1.22 -11.81
CA ALA D 87 31.02 -1.12 -13.21
C ALA D 87 32.24 -1.34 -14.15
N SER D 88 33.36 -0.63 -13.92
CA SER D 88 34.58 -0.77 -14.75
C SER D 88 35.15 -2.20 -14.71
N GLU D 89 35.09 -2.84 -13.52
CA GLU D 89 35.59 -4.22 -13.33
C GLU D 89 34.74 -5.22 -14.13
N VAL D 90 33.40 -5.06 -14.10
CA VAL D 90 32.44 -5.90 -14.85
C VAL D 90 32.63 -5.68 -16.36
N LYS D 91 32.78 -4.41 -16.77
CA LYS D 91 32.96 -4.04 -18.17
C LYS D 91 34.23 -4.69 -18.75
N ASP D 92 35.29 -4.84 -17.93
CA ASP D 92 36.55 -5.44 -18.38
C ASP D 92 36.62 -6.97 -18.14
N GLY D 93 35.50 -7.56 -17.71
CA GLY D 93 35.42 -9.00 -17.43
C GLY D 93 36.43 -9.46 -16.39
N LEU D 94 36.62 -8.67 -15.31
CA LEU D 94 37.60 -8.95 -14.29
C LEU D 94 37.05 -9.72 -13.09
N LEU D 95 35.78 -10.10 -13.15
CA LEU D 95 35.15 -10.73 -11.98
C LEU D 95 34.51 -12.08 -12.26
N GLU D 96 34.50 -12.93 -11.24
CA GLU D 96 33.86 -14.24 -11.29
C GLU D 96 32.37 -14.01 -11.12
N PRO D 97 31.51 -14.77 -11.85
CA PRO D 97 30.06 -14.62 -11.58
C PRO D 97 29.76 -15.12 -10.17
N ILE D 98 28.87 -14.44 -9.45
CA ILE D 98 28.48 -14.84 -8.09
C ILE D 98 27.74 -16.18 -8.16
N ASP D 99 28.10 -17.12 -7.27
CA ASP D 99 27.41 -18.42 -7.27
C ASP D 99 26.18 -18.28 -6.38
N TYR D 100 25.00 -18.10 -7.02
CA TYR D 100 23.74 -17.93 -6.28
C TYR D 100 23.13 -19.24 -5.81
N SER D 101 23.84 -20.37 -6.00
CA SER D 101 23.36 -21.62 -5.39
C SER D 101 23.94 -21.65 -3.93
N VAL D 102 24.92 -20.78 -3.67
CA VAL D 102 25.62 -20.60 -2.38
C VAL D 102 25.15 -19.29 -1.73
N VAL D 103 25.18 -18.21 -2.51
CA VAL D 103 24.68 -16.92 -2.01
C VAL D 103 23.14 -16.92 -2.09
N LYS D 104 22.50 -16.99 -0.91
CA LYS D 104 21.03 -16.93 -0.83
C LYS D 104 20.66 -15.89 0.22
N ALA D 105 20.06 -14.79 -0.23
CA ALA D 105 19.68 -13.70 0.63
C ALA D 105 18.52 -12.98 -0.05
N ASP D 106 17.33 -13.62 -0.03
CA ASP D 106 16.15 -13.04 -0.66
C ASP D 106 15.63 -11.79 0.08
N ASN D 107 16.18 -11.52 1.30
CA ASN D 107 15.89 -10.32 2.07
C ASN D 107 16.82 -9.15 1.67
N VAL D 108 17.73 -9.38 0.71
CA VAL D 108 18.55 -8.35 0.10
C VAL D 108 17.82 -8.09 -1.22
N PRO D 109 17.30 -6.85 -1.46
CA PRO D 109 16.52 -6.61 -2.70
C PRO D 109 17.27 -7.02 -3.96
N GLU D 110 16.51 -7.57 -4.94
CA GLU D 110 17.03 -8.12 -6.20
C GLU D 110 18.02 -7.24 -6.94
N ASN D 111 17.80 -5.91 -6.96
CA ASN D 111 18.74 -5.04 -7.69
C ASN D 111 20.19 -5.13 -7.16
N PHE D 112 20.35 -5.49 -5.87
CA PHE D 112 21.68 -5.61 -5.28
C PHE D 112 22.30 -6.95 -5.58
N ARG D 113 21.48 -7.96 -5.94
CA ARG D 113 22.04 -9.29 -6.23
C ARG D 113 22.34 -9.39 -7.70
N THR D 114 23.48 -8.81 -8.11
CA THR D 114 23.85 -8.73 -9.52
C THR D 114 24.68 -9.94 -9.95
N LYS D 115 24.85 -10.14 -11.29
CA LYS D 115 25.60 -11.26 -11.80
C LYS D 115 27.00 -11.37 -11.23
N TYR D 116 27.73 -10.24 -11.09
CA TYR D 116 29.12 -10.25 -10.68
C TYR D 116 29.41 -9.67 -9.29
N GLY D 117 28.37 -9.32 -8.55
CA GLY D 117 28.59 -8.71 -7.25
C GLY D 117 27.33 -8.59 -6.44
N VAL D 118 27.49 -8.56 -5.11
CA VAL D 118 26.35 -8.45 -4.20
C VAL D 118 26.46 -7.15 -3.47
N GLY D 119 25.46 -6.27 -3.66
CA GLY D 119 25.42 -4.97 -3.01
C GLY D 119 25.13 -5.21 -1.54
N TYR D 120 26.05 -4.83 -0.66
CA TYR D 120 25.92 -5.10 0.77
C TYR D 120 25.81 -3.87 1.65
N MET D 121 26.07 -2.69 1.07
CA MET D 121 26.05 -1.47 1.82
C MET D 121 25.67 -0.32 0.92
N VAL D 122 24.99 0.65 1.53
CA VAL D 122 24.61 1.90 0.86
C VAL D 122 25.30 2.98 1.70
N PHE D 123 25.94 3.91 1.04
CA PHE D 123 26.68 4.90 1.80
C PHE D 123 26.59 6.25 1.15
N GLY D 124 26.52 7.27 1.98
CA GLY D 124 26.56 8.64 1.49
C GLY D 124 27.99 9.16 1.59
N THR D 125 28.33 10.12 0.72
CA THR D 125 29.58 10.87 0.76
C THR D 125 29.07 12.28 0.99
N ASN D 126 29.49 12.90 2.09
CA ASN D 126 28.94 14.16 2.57
C ASN D 126 29.96 15.24 2.76
N LEU D 127 29.48 16.46 2.69
CA LEU D 127 30.23 17.66 3.01
C LEU D 127 30.32 17.73 4.55
N ALA D 128 31.54 17.82 5.11
CA ALA D 128 31.73 17.92 6.58
C ALA D 128 32.68 19.06 6.85
N TRP D 129 32.56 19.67 8.01
CA TRP D 129 33.35 20.85 8.35
C TRP D 129 33.69 20.89 9.81
N ASN D 130 34.81 21.51 10.12
CA ASN D 130 35.22 21.69 11.50
C ASN D 130 34.26 22.74 12.11
N LYS D 131 33.52 22.35 13.19
CA LYS D 131 32.49 23.21 13.81
C LYS D 131 33.06 24.48 14.38
N ASP D 132 34.25 24.40 14.98
CA ASP D 132 34.95 25.55 15.58
C ASP D 132 35.33 26.58 14.53
N LYS D 133 35.83 26.13 13.35
CA LYS D 133 36.22 27.00 12.21
C LYS D 133 34.98 27.57 11.49
N PHE D 134 33.89 26.76 11.36
CA PHE D 134 32.66 27.21 10.69
C PHE D 134 31.42 27.09 11.61
N PRO D 135 31.24 28.01 12.58
CA PRO D 135 30.08 27.92 13.49
C PRO D 135 28.75 27.90 12.77
N ASN D 136 28.66 28.56 11.60
CA ASN D 136 27.42 28.63 10.82
C ASN D 136 27.32 27.55 9.75
N GLY D 137 28.24 26.58 9.79
CA GLY D 137 28.25 25.47 8.84
C GLY D 137 28.82 25.82 7.49
N VAL D 138 28.84 24.86 6.57
CA VAL D 138 29.37 25.02 5.20
C VAL D 138 28.40 24.30 4.28
N THR D 139 27.85 25.02 3.30
CA THR D 139 26.96 24.48 2.26
C THR D 139 27.80 24.12 1.03
N PRO D 140 27.28 23.30 0.09
CA PRO D 140 28.03 22.97 -1.12
C PRO D 140 28.46 24.24 -1.87
N ALA D 141 27.58 25.28 -1.96
CA ALA D 141 27.95 26.54 -2.62
C ALA D 141 29.15 27.19 -1.91
N GLN D 142 29.16 27.16 -0.55
CA GLN D 142 30.26 27.74 0.21
C GLN D 142 31.56 26.97 0.03
N PHE D 143 31.47 25.64 -0.12
CA PHE D 143 32.67 24.86 -0.37
C PHE D 143 33.35 25.36 -1.66
N PHE D 144 32.55 25.71 -2.70
CA PHE D 144 33.10 26.13 -3.97
C PHE D 144 33.18 27.65 -4.12
N ASP D 145 33.08 28.36 -2.99
CA ASP D 145 33.17 29.83 -2.93
C ASP D 145 34.59 30.19 -2.49
N PRO D 146 35.38 30.84 -3.38
CA PRO D 146 36.75 31.22 -2.99
C PRO D 146 36.84 32.17 -1.79
N ASN D 147 35.76 32.92 -1.46
CA ASN D 147 35.74 33.83 -0.32
C ASN D 147 35.64 33.11 1.03
N VAL D 148 35.22 31.84 1.01
CA VAL D 148 35.13 30.99 2.20
C VAL D 148 36.52 30.36 2.35
N LYS D 149 37.24 30.75 3.42
CA LYS D 149 38.60 30.30 3.65
C LYS D 149 38.67 29.06 4.51
N GLY D 150 39.31 28.03 3.97
CA GLY D 150 39.47 26.77 4.66
C GLY D 150 40.24 25.76 3.84
N ARG D 151 41.01 24.91 4.54
CA ARG D 151 41.79 23.83 3.93
C ARG D 151 40.82 22.77 3.54
N ARG D 152 40.68 22.57 2.24
CA ARG D 152 39.71 21.61 1.69
C ARG D 152 40.35 20.31 1.25
N VAL D 153 39.59 19.21 1.38
CA VAL D 153 40.02 17.91 0.93
C VAL D 153 38.91 17.31 0.10
N LEU D 154 39.25 16.95 -1.14
CA LEU D 154 38.28 16.33 -2.04
C LEU D 154 38.63 14.84 -2.19
N PRO D 155 37.72 14.00 -2.74
CA PRO D 155 38.07 12.58 -2.97
C PRO D 155 39.26 12.43 -3.94
N SER D 156 39.91 11.25 -3.93
CA SER D 156 41.12 11.01 -4.73
C SER D 156 40.84 10.87 -6.23
N ASP D 157 39.65 10.36 -6.58
CA ASP D 157 39.27 10.16 -7.97
C ASP D 157 38.20 11.18 -8.42
N ALA D 158 37.90 11.23 -9.74
CA ALA D 158 36.89 12.14 -10.30
C ALA D 158 35.48 11.78 -9.80
N THR D 159 35.26 10.50 -9.47
CA THR D 159 34.01 9.99 -8.92
C THR D 159 33.77 10.70 -7.61
N TYR D 160 32.50 11.10 -7.36
CA TYR D 160 32.03 11.83 -6.17
C TYR D 160 32.42 13.31 -6.29
N SER D 161 33.71 13.60 -6.62
CA SER D 161 34.23 14.95 -6.79
C SER D 161 33.42 15.77 -7.77
N LEU D 162 33.22 15.23 -8.99
CA LEU D 162 32.50 15.98 -10.04
C LEU D 162 31.05 16.27 -9.68
N GLU D 163 30.32 15.26 -9.14
CA GLU D 163 28.90 15.47 -8.77
C GLU D 163 28.80 16.54 -7.68
N PHE D 164 29.73 16.50 -6.70
CA PHE D 164 29.75 17.47 -5.60
C PHE D 164 29.97 18.89 -6.15
N ALA D 165 30.95 19.06 -7.05
CA ALA D 165 31.25 20.37 -7.68
C ALA D 165 30.02 20.90 -8.42
N LEU D 166 29.32 20.03 -9.18
CA LEU D 166 28.15 20.42 -9.93
C LEU D 166 26.99 20.82 -9.06
N MET D 167 26.72 20.05 -7.99
CA MET D 167 25.65 20.40 -7.05
C MET D 167 26.02 21.68 -6.30
N GLY D 168 27.31 21.84 -5.97
CA GLY D 168 27.84 23.04 -5.32
C GLY D 168 27.62 24.27 -6.19
N ASP D 169 27.66 24.08 -7.52
CA ASP D 169 27.47 25.14 -8.50
C ASP D 169 25.98 25.43 -8.84
N GLY D 170 25.07 24.76 -8.15
CA GLY D 170 23.62 24.95 -8.35
C GLY D 170 22.94 23.98 -9.30
N VAL D 171 23.65 22.93 -9.76
CA VAL D 171 23.02 21.93 -10.62
C VAL D 171 22.12 21.11 -9.69
N LYS D 172 20.82 21.08 -10.02
CA LYS D 172 19.85 20.33 -9.22
C LYS D 172 20.16 18.83 -9.29
N PRO D 173 20.02 18.07 -8.18
CA PRO D 173 20.26 16.61 -8.22
C PRO D 173 19.57 15.90 -9.40
N ALA D 174 18.30 16.27 -9.72
CA ALA D 174 17.54 15.69 -10.83
C ALA D 174 18.16 15.97 -12.22
N ASP D 175 19.01 17.03 -12.33
CA ASP D 175 19.63 17.44 -13.58
C ASP D 175 21.11 17.09 -13.69
N LEU D 176 21.64 16.34 -12.68
CA LEU D 176 23.06 15.99 -12.61
C LEU D 176 23.63 15.30 -13.83
N TYR D 177 23.06 14.15 -14.19
CA TYR D 177 23.57 13.32 -15.27
C TYR D 177 22.88 13.57 -16.62
N PRO D 178 23.63 13.57 -17.75
CA PRO D 178 25.10 13.36 -17.88
C PRO D 178 25.90 14.49 -17.26
N LEU D 179 27.01 14.15 -16.56
CA LEU D 179 27.83 15.18 -15.90
C LEU D 179 28.46 16.13 -16.87
N ASP D 180 28.37 17.44 -16.59
CA ASP D 180 29.04 18.45 -17.40
C ASP D 180 30.47 18.54 -16.81
N VAL D 181 31.36 17.68 -17.30
CA VAL D 181 32.74 17.55 -16.79
C VAL D 181 33.50 18.89 -16.87
N LYS D 182 33.43 19.57 -18.02
CA LYS D 182 34.11 20.86 -18.22
C LYS D 182 33.68 21.87 -17.15
N ARG D 183 32.35 21.98 -16.92
CA ARG D 183 31.81 22.87 -15.90
C ARG D 183 32.29 22.44 -14.50
N ALA D 184 32.19 21.13 -14.18
CA ALA D 184 32.62 20.59 -12.88
C ALA D 184 34.07 21.00 -12.57
N LEU D 185 34.98 20.90 -13.57
CA LEU D 185 36.37 21.24 -13.37
C LEU D 185 36.58 22.75 -13.18
N LYS D 186 35.77 23.56 -13.89
CA LYS D 186 35.82 25.04 -13.78
C LYS D 186 35.33 25.45 -12.36
N VAL D 187 34.41 24.65 -11.80
CA VAL D 187 33.91 24.87 -10.45
C VAL D 187 34.99 24.59 -9.42
N ILE D 188 35.66 23.43 -9.55
CA ILE D 188 36.75 23.07 -8.66
C ILE D 188 37.86 24.12 -8.76
N ASP D 189 38.11 24.63 -9.99
CA ASP D 189 39.11 25.67 -10.24
C ASP D 189 38.97 26.86 -9.31
N ARG D 190 37.71 27.24 -8.95
CA ARG D 190 37.46 28.38 -8.06
C ARG D 190 38.16 28.22 -6.70
N VAL D 191 38.25 26.99 -6.17
CA VAL D 191 38.82 26.72 -4.82
C VAL D 191 40.00 25.76 -4.85
N LYS D 192 40.51 25.45 -6.06
CA LYS D 192 41.65 24.54 -6.23
C LYS D 192 42.93 24.97 -5.46
N ASP D 193 43.20 26.29 -5.32
CA ASP D 193 44.35 26.78 -4.53
C ASP D 193 44.16 26.52 -3.02
N GLN D 194 42.92 26.21 -2.58
CA GLN D 194 42.64 25.95 -1.17
C GLN D 194 42.47 24.44 -0.89
N VAL D 195 42.50 23.63 -1.96
CA VAL D 195 42.39 22.16 -1.86
C VAL D 195 43.77 21.63 -1.54
N ILE D 196 43.93 21.02 -0.35
CA ILE D 196 45.24 20.55 0.10
C ILE D 196 45.54 19.14 -0.39
N GLY D 197 44.52 18.44 -0.86
CA GLY D 197 44.69 17.08 -1.36
C GLY D 197 43.43 16.44 -1.91
N TYR D 198 43.64 15.37 -2.72
CA TYR D 198 42.63 14.53 -3.36
C TYR D 198 42.96 13.19 -2.75
N LYS D 199 42.16 12.81 -1.73
CA LYS D 199 42.52 11.72 -0.84
C LYS D 199 41.53 10.59 -0.72
N GLY D 200 42.04 9.46 -0.26
CA GLY D 200 41.23 8.30 0.08
C GLY D 200 40.56 8.51 1.43
N ALA D 201 39.62 7.62 1.77
CA ALA D 201 38.80 7.72 2.98
C ALA D 201 39.60 7.72 4.28
N SER D 202 40.57 6.78 4.42
CA SER D 202 41.42 6.71 5.62
C SER D 202 42.21 8.00 5.80
N ASP D 203 42.76 8.52 4.73
CA ASP D 203 43.56 9.75 4.76
C ASP D 203 42.71 10.94 5.18
N ILE D 204 41.48 11.01 4.66
CA ILE D 204 40.56 12.11 5.01
C ILE D 204 40.22 12.07 6.50
N GLN D 205 39.81 10.89 7.03
CA GLN D 205 39.51 10.82 8.46
C GLN D 205 40.70 11.23 9.33
N ALA D 206 41.91 10.82 8.94
CA ALA D 206 43.12 11.20 9.70
C ALA D 206 43.30 12.75 9.67
N LEU D 207 43.14 13.36 8.48
CA LEU D 207 43.31 14.81 8.36
C LEU D 207 42.30 15.55 9.25
N MET D 208 41.07 15.01 9.37
CA MET D 208 40.01 15.57 10.23
C MET D 208 40.44 15.53 11.71
N GLN D 209 40.80 14.35 12.20
CA GLN D 209 41.23 14.11 13.57
C GLN D 209 42.45 14.91 13.98
N GLN D 210 43.42 15.05 13.04
CA GLN D 210 44.68 15.74 13.26
C GLN D 210 44.55 17.26 13.12
N GLY D 211 43.39 17.72 12.67
CA GLY D 211 43.13 19.14 12.47
C GLY D 211 43.95 19.70 11.33
N GLU D 212 44.23 18.87 10.31
CA GLU D 212 45.04 19.28 9.15
C GLU D 212 44.15 19.70 7.96
N ALA D 213 42.82 19.61 8.12
CA ALA D 213 41.84 20.02 7.12
C ALA D 213 40.74 20.74 7.84
N ASP D 214 39.96 21.52 7.11
CA ASP D 214 38.86 22.31 7.65
C ASP D 214 37.53 21.92 7.07
N ILE D 215 37.52 21.50 5.81
CA ILE D 215 36.30 21.11 5.06
C ILE D 215 36.64 19.92 4.20
N VAL D 216 35.80 18.89 4.22
CA VAL D 216 36.05 17.66 3.46
C VAL D 216 34.78 17.15 2.80
N TYR D 217 34.93 16.21 1.84
CA TYR D 217 33.81 15.54 1.21
C TYR D 217 34.14 14.05 1.39
N ALA D 218 33.44 13.37 2.31
CA ALA D 218 33.82 12.00 2.70
C ALA D 218 32.65 11.15 3.13
N GLY D 219 32.86 9.83 3.21
CA GLY D 219 31.82 8.91 3.64
C GLY D 219 31.27 9.24 5.00
N THR D 220 29.93 9.21 5.15
CA THR D 220 29.27 9.54 6.42
C THR D 220 29.93 8.79 7.59
N GLY D 221 30.19 7.51 7.40
CA GLY D 221 30.83 6.63 8.40
C GLY D 221 32.19 7.09 8.85
N ARG D 222 32.99 7.62 7.93
CA ARG D 222 34.31 8.14 8.28
C ARG D 222 34.18 9.43 9.11
N ILE D 223 33.28 10.34 8.68
CA ILE D 223 33.00 11.62 9.36
C ILE D 223 32.53 11.33 10.79
N LYS D 224 31.53 10.45 10.92
CA LYS D 224 30.96 10.15 12.24
C LYS D 224 31.93 9.37 13.14
N ASN D 225 32.84 8.57 12.56
CA ASN D 225 33.87 7.92 13.35
C ASN D 225 34.88 8.94 13.86
N ALA D 226 35.21 9.97 13.04
CA ALA D 226 36.13 11.03 13.50
C ALA D 226 35.50 11.80 14.68
N ILE D 227 34.17 12.04 14.61
CA ILE D 227 33.43 12.72 15.69
C ILE D 227 33.46 11.87 16.95
N LYS D 228 33.23 10.56 16.80
CA LYS D 228 33.28 9.61 17.92
C LYS D 228 34.64 9.59 18.60
N ALA D 229 35.69 9.79 17.80
CA ALA D 229 37.08 9.87 18.27
C ALA D 229 37.44 11.27 18.85
N GLY D 230 36.48 12.21 18.86
CA GLY D 230 36.70 13.55 19.44
C GLY D 230 36.83 14.70 18.48
N ALA D 231 36.68 14.48 17.16
CA ALA D 231 36.80 15.59 16.21
C ALA D 231 35.49 16.41 16.25
N ASN D 232 35.58 17.70 16.63
CA ASN D 232 34.40 18.59 16.70
C ASN D 232 34.03 19.10 15.30
N TRP D 233 33.43 18.21 14.52
CA TRP D 233 33.03 18.44 13.16
C TRP D 233 31.54 18.18 12.99
N SER D 234 30.95 18.78 11.95
CA SER D 234 29.56 18.55 11.63
C SER D 234 29.46 18.26 10.16
N TYR D 235 28.28 17.82 9.70
CA TYR D 235 28.11 17.48 8.29
C TYR D 235 26.65 17.66 7.91
N SER D 236 26.35 17.55 6.63
CA SER D 236 24.98 17.66 6.16
C SER D 236 24.77 16.69 4.98
N TRP D 237 23.52 16.59 4.55
CA TRP D 237 23.14 15.78 3.40
C TRP D 237 23.03 16.66 2.14
N GLU D 238 23.30 17.98 2.29
CA GLU D 238 23.26 18.93 1.16
C GLU D 238 24.40 18.61 0.22
N GLY D 239 24.06 18.30 -1.05
CA GLY D 239 25.06 18.00 -2.07
C GLY D 239 25.74 16.66 -1.83
N ALA D 240 25.18 15.81 -0.94
CA ALA D 240 25.70 14.47 -0.68
C ALA D 240 25.41 13.56 -1.87
N LEU D 241 26.26 12.54 -2.06
CA LEU D 241 26.07 11.58 -3.14
C LEU D 241 26.01 10.18 -2.53
N ALA D 242 24.92 9.46 -2.80
CA ALA D 242 24.71 8.11 -2.29
C ALA D 242 25.23 7.11 -3.28
N ASP D 243 25.79 6.01 -2.77
CA ASP D 243 26.29 4.98 -3.64
C ASP D 243 26.10 3.61 -2.99
N THR D 244 26.30 2.56 -3.79
CA THR D 244 26.25 1.17 -3.34
C THR D 244 27.65 0.59 -3.34
N GLU D 245 27.94 -0.27 -2.34
CA GLU D 245 29.20 -0.99 -2.19
C GLU D 245 28.91 -2.48 -2.42
N TYR D 246 29.79 -3.15 -3.18
CA TYR D 246 29.59 -4.55 -3.56
C TYR D 246 30.67 -5.48 -3.05
N TRP D 247 30.29 -6.72 -2.76
CA TRP D 247 31.27 -7.79 -2.57
C TRP D 247 31.43 -8.41 -3.98
N ALA D 248 32.68 -8.60 -4.44
CA ALA D 248 32.91 -9.22 -5.75
C ALA D 248 34.13 -10.11 -5.61
N VAL D 249 34.31 -11.03 -6.56
CA VAL D 249 35.39 -12.04 -6.55
C VAL D 249 36.24 -11.86 -7.82
N PRO D 250 37.52 -11.41 -7.72
CA PRO D 250 38.35 -11.27 -8.92
C PRO D 250 38.45 -12.57 -9.71
N LYS D 251 38.39 -12.46 -11.05
CA LYS D 251 38.49 -13.61 -11.96
C LYS D 251 39.85 -14.24 -11.73
N GLY D 252 39.85 -15.54 -11.46
CA GLY D 252 41.08 -16.27 -11.16
C GLY D 252 41.41 -16.32 -9.67
N ALA D 253 40.50 -15.82 -8.79
CA ALA D 253 40.71 -15.83 -7.33
C ALA D 253 40.94 -17.28 -6.91
N PRO D 254 42.04 -17.59 -6.18
CA PRO D 254 42.29 -19.00 -5.82
C PRO D 254 41.21 -19.64 -4.96
N HIS D 255 40.54 -18.84 -4.12
CA HIS D 255 39.47 -19.36 -3.26
C HIS D 255 38.11 -18.76 -3.61
N ALA D 256 37.77 -18.78 -4.92
CA ALA D 256 36.50 -18.24 -5.39
C ALA D 256 35.31 -18.93 -4.71
N ALA D 257 35.34 -20.27 -4.49
CA ALA D 257 34.23 -20.98 -3.84
C ALA D 257 34.09 -20.54 -2.38
N GLU D 258 35.22 -20.35 -1.66
CA GLU D 258 35.20 -19.88 -0.28
C GLU D 258 34.66 -18.45 -0.26
N ALA D 259 35.01 -17.64 -1.27
CA ALA D 259 34.57 -16.25 -1.37
C ALA D 259 33.03 -16.22 -1.42
N MET D 260 32.40 -17.16 -2.17
CA MET D 260 30.93 -17.20 -2.25
C MET D 260 30.30 -17.47 -0.89
N LYS D 261 30.91 -18.40 -0.10
CA LYS D 261 30.41 -18.75 1.24
C LYS D 261 30.56 -17.54 2.17
N PHE D 262 31.67 -16.80 2.08
CA PHE D 262 31.84 -15.59 2.90
C PHE D 262 30.76 -14.59 2.53
N ILE D 263 30.55 -14.32 1.23
CA ILE D 263 29.54 -13.35 0.78
C ILE D 263 28.16 -13.75 1.30
N ASN D 264 27.81 -15.06 1.23
CA ASN D 264 26.52 -15.52 1.70
C ASN D 264 26.37 -15.17 3.21
N PHE D 265 27.39 -15.47 4.00
CA PHE D 265 27.38 -15.18 5.43
C PHE D 265 27.23 -13.67 5.68
N ALA D 266 28.10 -12.87 5.02
CA ALA D 266 28.21 -11.44 5.23
C ALA D 266 26.96 -10.64 4.91
N VAL D 267 26.15 -11.06 3.90
CA VAL D 267 24.95 -10.30 3.50
C VAL D 267 23.69 -10.66 4.32
N GLN D 268 23.81 -11.57 5.31
CA GLN D 268 22.65 -11.90 6.13
C GLN D 268 22.33 -10.77 7.09
N ALA D 269 21.10 -10.75 7.63
CA ALA D 269 20.61 -9.67 8.50
C ALA D 269 21.51 -9.34 9.69
N GLU D 270 21.97 -10.37 10.43
CA GLU D 270 22.76 -10.17 11.66
C GLU D 270 24.13 -9.51 11.39
N PRO D 271 24.99 -10.02 10.45
CA PRO D 271 26.28 -9.32 10.21
C PRO D 271 26.07 -7.90 9.64
N GLN D 272 25.05 -7.74 8.76
CA GLN D 272 24.73 -6.43 8.18
C GLN D 272 24.37 -5.44 9.30
N ALA D 273 23.59 -5.89 10.31
CA ALA D 273 23.24 -5.03 11.45
C ALA D 273 24.47 -4.67 12.24
N GLU D 274 25.39 -5.65 12.43
CA GLU D 274 26.64 -5.41 13.19
C GLU D 274 27.52 -4.36 12.54
N LEU D 275 27.51 -4.32 11.20
CA LEU D 275 28.28 -3.33 10.46
C LEU D 275 27.77 -1.94 10.76
N THR D 276 26.45 -1.72 10.60
CA THR D 276 25.82 -0.41 10.80
C THR D 276 25.97 0.01 12.26
N ARG D 277 25.93 -0.94 13.16
CA ARG D 277 26.12 -0.65 14.57
C ARG D 277 27.52 0.00 14.82
N VAL D 278 28.55 -0.47 14.08
CA VAL D 278 29.93 0.00 14.30
C VAL D 278 30.27 1.27 13.46
N ILE D 279 29.75 1.39 12.24
CA ILE D 279 30.04 2.51 11.34
C ILE D 279 28.72 2.98 10.70
N ALA D 280 28.54 4.30 10.53
CA ALA D 280 27.30 4.88 10.01
C ALA D 280 27.07 4.76 8.49
N TYR D 281 26.99 3.54 7.98
CA TYR D 281 26.68 3.27 6.57
C TYR D 281 25.46 2.35 6.65
N GLY D 282 24.70 2.27 5.57
CA GLY D 282 23.44 1.53 5.60
C GLY D 282 23.49 0.11 5.12
N PRO D 283 22.64 -0.77 5.67
CA PRO D 283 22.59 -2.15 5.15
C PRO D 283 21.76 -2.21 3.85
N THR D 284 21.91 -3.29 3.10
CA THR D 284 21.03 -3.52 1.95
C THR D 284 20.00 -4.57 2.41
N ASN D 285 20.34 -5.35 3.44
CA ASN D 285 19.43 -6.41 3.93
C ASN D 285 18.27 -5.74 4.68
N VAL D 286 17.04 -5.90 4.17
CA VAL D 286 15.84 -5.29 4.74
C VAL D 286 15.56 -5.74 6.20
N ASP D 287 16.08 -6.92 6.61
CA ASP D 287 15.85 -7.45 7.96
C ASP D 287 16.85 -6.93 8.99
N ALA D 288 17.87 -6.21 8.53
CA ALA D 288 18.91 -5.67 9.42
C ALA D 288 18.36 -4.51 10.26
N LEU D 289 17.45 -3.68 9.72
CA LEU D 289 16.87 -2.52 10.39
C LEU D 289 16.16 -2.82 11.73
N ARG D 290 15.39 -3.93 11.84
CA ARG D 290 14.72 -4.23 13.12
C ARG D 290 15.73 -4.60 14.22
N LEU D 291 16.98 -4.96 13.84
CA LEU D 291 18.04 -5.31 14.79
C LEU D 291 18.78 -4.08 15.24
N LEU D 292 18.51 -2.95 14.59
CA LEU D 292 19.18 -1.68 14.86
C LEU D 292 18.32 -0.70 15.60
N ASP D 293 18.96 0.37 16.07
CA ASP D 293 18.28 1.47 16.75
C ASP D 293 17.31 2.07 15.68
N PRO D 294 16.02 2.35 15.98
CA PRO D 294 15.14 2.95 14.95
C PRO D 294 15.67 4.26 14.33
N ALA D 295 16.56 4.98 15.06
CA ALA D 295 17.18 6.22 14.57
C ALA D 295 18.02 6.01 13.33
N VAL D 296 18.51 4.75 13.07
CA VAL D 296 19.36 4.45 11.90
C VAL D 296 18.63 4.80 10.59
N ALA D 297 17.29 4.59 10.53
CA ALA D 297 16.46 4.91 9.36
C ALA D 297 16.70 6.37 8.85
N LYS D 298 16.85 7.32 9.78
CA LYS D 298 17.12 8.75 9.52
C LYS D 298 18.56 9.04 9.09
N ASP D 299 19.48 8.05 9.19
CA ASP D 299 20.86 8.26 8.76
C ASP D 299 21.10 7.65 7.38
N LEU D 300 20.11 6.94 6.84
CA LEU D 300 20.22 6.30 5.54
C LEU D 300 20.19 7.34 4.42
N PRO D 301 21.10 7.26 3.39
CA PRO D 301 20.95 8.13 2.23
C PRO D 301 19.51 8.14 1.65
N SER D 302 18.78 7.00 1.71
CA SER D 302 17.41 6.83 1.19
C SER D 302 16.31 7.56 1.98
N TYR D 303 16.59 7.92 3.24
CA TYR D 303 15.63 8.68 4.06
C TYR D 303 15.20 9.95 3.27
N PRO D 304 13.88 10.12 2.99
CA PRO D 304 13.43 11.25 2.15
C PRO D 304 14.02 12.62 2.49
N ALA D 305 14.08 13.01 3.78
CA ALA D 305 14.65 14.32 4.17
C ALA D 305 16.13 14.45 3.79
N ASN D 306 16.88 13.32 3.77
CA ASN D 306 18.29 13.30 3.32
C ASN D 306 18.39 13.27 1.80
N ALA D 307 17.70 12.29 1.16
CA ALA D 307 17.69 12.09 -0.30
C ALA D 307 17.38 13.31 -1.13
N LYS D 308 16.39 14.13 -0.73
CA LYS D 308 15.98 15.34 -1.45
C LYS D 308 17.05 16.42 -1.56
N LEU D 309 18.06 16.39 -0.67
CA LEU D 309 19.12 17.40 -0.60
C LEU D 309 20.36 17.03 -1.43
N GLY D 310 20.40 15.80 -1.91
CA GLY D 310 21.52 15.29 -2.70
C GLY D 310 21.11 14.41 -3.85
N ALA D 311 22.02 13.56 -4.31
CA ALA D 311 21.72 12.68 -5.44
C ALA D 311 22.26 11.30 -5.20
N VAL D 312 21.97 10.39 -6.12
CA VAL D 312 22.46 9.00 -6.11
C VAL D 312 23.46 8.90 -7.26
N LEU D 313 24.62 8.28 -7.02
CA LEU D 313 25.62 8.13 -8.08
C LEU D 313 25.04 7.27 -9.21
N ASN D 314 25.23 7.74 -10.45
CA ASN D 314 24.75 7.02 -11.63
C ASN D 314 25.95 6.22 -12.15
N SER D 315 25.97 4.91 -11.84
CA SER D 315 27.07 4.05 -12.23
C SER D 315 27.07 3.79 -13.73
N LYS D 316 25.89 3.88 -14.40
CA LYS D 316 25.85 3.72 -15.86
C LYS D 316 26.65 4.85 -16.54
N TRP D 317 26.53 6.09 -16.04
CA TRP D 317 27.27 7.21 -16.64
C TRP D 317 28.77 6.98 -16.47
N TRP D 318 29.20 6.55 -15.26
CA TRP D 318 30.60 6.28 -14.99
C TRP D 318 31.11 5.12 -15.81
N ASN D 319 30.28 4.09 -16.01
CA ASN D 319 30.59 2.94 -16.85
C ASN D 319 31.00 3.40 -18.26
N ASP D 320 30.25 4.34 -18.81
CA ASP D 320 30.47 4.85 -20.15
C ASP D 320 31.56 5.92 -20.27
N ASN D 321 31.85 6.67 -19.20
CA ASN D 321 32.76 7.83 -19.26
C ASN D 321 34.00 7.77 -18.40
N TYR D 322 34.13 6.79 -17.50
CA TYR D 322 35.25 6.72 -16.57
C TYR D 322 36.63 6.85 -17.24
N ASP D 323 36.94 6.07 -18.28
CA ASP D 323 38.27 6.11 -18.91
C ASP D 323 38.68 7.52 -19.40
N ALA D 324 37.75 8.21 -20.11
CA ALA D 324 38.00 9.57 -20.59
C ALA D 324 38.16 10.53 -19.40
N VAL D 325 37.25 10.42 -18.39
CA VAL D 325 37.28 11.32 -17.22
C VAL D 325 38.57 11.13 -16.42
N LYS D 326 38.99 9.87 -16.19
CA LYS D 326 40.21 9.54 -15.46
C LYS D 326 41.44 10.15 -16.11
N ALA D 327 41.60 10.01 -17.47
CA ALA D 327 42.75 10.57 -18.16
C ALA D 327 42.79 12.08 -17.93
N GLU D 328 41.60 12.75 -17.92
CA GLU D 328 41.58 14.20 -17.68
C GLU D 328 41.88 14.54 -16.20
N TRP D 329 41.24 13.82 -15.27
CA TRP D 329 41.38 14.02 -13.84
C TRP D 329 42.85 13.94 -13.39
N THR D 330 43.60 12.93 -13.88
CA THR D 330 45.02 12.77 -13.54
C THR D 330 45.83 14.03 -13.87
N THR D 331 45.67 14.57 -15.10
CA THR D 331 46.35 15.78 -15.57
C THR D 331 45.86 16.99 -14.74
N TYR D 332 44.56 16.98 -14.34
CA TYR D 332 43.94 18.04 -13.56
C TYR D 332 44.54 18.18 -12.14
N ILE D 333 44.59 17.09 -11.35
CA ILE D 333 45.14 17.12 -9.98
C ILE D 333 46.69 17.11 -9.97
N MET D 334 47.30 16.96 -11.17
CA MET D 334 48.74 16.91 -11.47
C MET D 334 49.48 15.82 -10.71
N MET E 22 -32.11 50.42 -11.70
CA MET E 22 -33.17 49.41 -11.75
C MET E 22 -32.73 48.07 -11.14
N ALA E 23 -31.46 47.66 -11.38
CA ALA E 23 -30.88 46.42 -10.87
C ALA E 23 -29.88 46.72 -9.72
N ASP E 24 -29.15 45.69 -9.24
CA ASP E 24 -28.18 45.81 -8.14
C ASP E 24 -26.73 45.99 -8.60
N LEU E 25 -25.89 46.64 -7.75
CA LEU E 25 -24.47 46.89 -8.00
C LEU E 25 -23.66 45.72 -7.45
N VAL E 26 -23.01 44.98 -8.35
CA VAL E 26 -22.23 43.79 -7.99
C VAL E 26 -20.75 44.12 -7.84
N ILE E 27 -20.21 43.88 -6.64
CA ILE E 27 -18.80 44.16 -6.34
C ILE E 27 -18.06 42.86 -6.01
N SER E 28 -16.99 42.56 -6.77
CA SER E 28 -16.20 41.35 -6.57
C SER E 28 -14.99 41.59 -5.72
N SER E 29 -14.85 40.77 -4.65
CA SER E 29 -13.74 40.86 -3.72
C SER E 29 -13.18 39.48 -3.33
N TYR E 30 -12.51 39.38 -2.18
CA TYR E 30 -11.79 38.18 -1.78
C TYR E 30 -12.51 37.29 -0.75
N GLY E 31 -13.70 37.67 -0.31
CA GLY E 31 -14.45 36.90 0.69
C GLY E 31 -13.89 37.02 2.10
N GLY E 32 -14.43 36.22 3.02
CA GLY E 32 -13.97 36.17 4.41
C GLY E 32 -14.04 37.47 5.19
N SER E 33 -13.10 37.64 6.16
CA SER E 33 -13.07 38.79 7.07
C SER E 33 -12.74 40.12 6.40
N PHE E 34 -12.03 40.12 5.26
CA PHE E 34 -11.76 41.36 4.53
C PHE E 34 -13.06 41.81 3.89
N GLN E 35 -13.86 40.86 3.36
CA GLN E 35 -15.18 41.19 2.80
C GLN E 35 -16.11 41.66 3.92
N ASP E 36 -15.98 41.07 5.15
CA ASP E 36 -16.77 41.47 6.33
C ASP E 36 -16.42 42.89 6.76
N ALA E 37 -15.14 43.28 6.56
CA ALA E 37 -14.67 44.64 6.85
C ALA E 37 -15.22 45.61 5.80
N GLN E 38 -15.16 45.20 4.50
CA GLN E 38 -15.64 45.98 3.36
C GLN E 38 -17.16 46.16 3.40
N THR E 39 -17.89 45.17 3.97
CA THR E 39 -19.35 45.22 4.14
C THR E 39 -19.70 46.28 5.19
N LYS E 40 -19.02 46.23 6.35
CA LYS E 40 -19.22 47.17 7.45
C LYS E 40 -18.71 48.59 7.13
N ALA E 41 -17.73 48.73 6.19
CA ALA E 41 -17.14 50.02 5.85
C ALA E 41 -17.60 50.66 4.52
N TYR E 42 -17.72 49.87 3.44
CA TYR E 42 -18.10 50.41 2.13
C TYR E 42 -19.44 49.94 1.58
N PHE E 43 -19.68 48.61 1.50
CA PHE E 43 -20.89 48.01 0.92
C PHE E 43 -22.19 48.50 1.59
N ASP E 44 -22.40 48.18 2.89
CA ASP E 44 -23.59 48.60 3.63
C ASP E 44 -23.73 50.15 3.70
N PRO E 45 -22.66 50.93 4.04
CA PRO E 45 -22.82 52.40 4.07
C PRO E 45 -23.17 53.04 2.73
N TYR E 46 -22.64 52.53 1.57
CA TYR E 46 -23.02 53.08 0.26
C TYR E 46 -24.49 52.81 -0.02
N ALA E 47 -24.95 51.57 0.29
CA ALA E 47 -26.32 51.09 0.13
C ALA E 47 -27.33 51.89 0.96
N LYS E 48 -26.89 52.40 2.12
CA LYS E 48 -27.71 53.23 3.00
C LYS E 48 -27.72 54.68 2.52
N ALA E 49 -26.55 55.21 2.13
CA ALA E 49 -26.41 56.60 1.67
C ALA E 49 -27.07 56.88 0.34
N SER E 50 -27.03 55.92 -0.62
CA SER E 50 -27.54 56.09 -1.98
C SER E 50 -28.90 55.48 -2.28
N GLY E 51 -29.27 54.45 -1.53
CA GLY E 51 -30.51 53.71 -1.76
C GLY E 51 -30.32 52.64 -2.82
N VAL E 52 -29.08 52.43 -3.29
CA VAL E 52 -28.73 51.42 -4.29
C VAL E 52 -28.57 50.07 -3.61
N LYS E 53 -29.05 48.98 -4.24
CA LYS E 53 -28.85 47.64 -3.72
C LYS E 53 -27.41 47.23 -4.09
N VAL E 54 -26.59 46.93 -3.08
CA VAL E 54 -25.18 46.55 -3.29
C VAL E 54 -24.99 45.10 -2.88
N THR E 55 -24.48 44.28 -3.81
CA THR E 55 -24.21 42.87 -3.60
C THR E 55 -22.73 42.57 -3.74
N GLY E 56 -22.12 42.13 -2.66
CA GLY E 56 -20.72 41.71 -2.64
C GLY E 56 -20.62 40.27 -3.10
N THR E 57 -19.65 39.97 -3.95
CA THR E 57 -19.38 38.63 -4.46
C THR E 57 -17.88 38.32 -4.35
N THR E 58 -17.48 37.09 -4.61
CA THR E 58 -16.07 36.69 -4.52
C THR E 58 -15.53 36.30 -5.89
N GLY E 59 -14.22 36.03 -5.96
CA GLY E 59 -13.57 35.57 -7.18
C GLY E 59 -12.74 36.57 -7.95
N THR E 60 -12.58 37.80 -7.43
CA THR E 60 -11.77 38.81 -8.12
C THR E 60 -10.36 38.27 -8.41
N GLY E 61 -9.85 38.60 -9.59
CA GLY E 61 -8.55 38.16 -10.04
C GLY E 61 -8.41 38.40 -11.51
N TYR E 62 -7.18 38.52 -11.99
CA TYR E 62 -6.90 38.77 -13.40
C TYR E 62 -7.53 37.74 -14.34
N ALA E 63 -7.30 36.44 -14.09
CA ALA E 63 -7.83 35.36 -14.94
C ALA E 63 -9.35 35.41 -15.10
N LYS E 64 -10.09 35.59 -13.97
CA LYS E 64 -11.56 35.65 -13.97
C LYS E 64 -12.07 36.91 -14.66
N VAL E 65 -11.42 38.07 -14.41
CA VAL E 65 -11.81 39.34 -15.04
C VAL E 65 -11.61 39.20 -16.56
N LYS E 66 -10.45 38.63 -16.98
CA LYS E 66 -10.11 38.40 -18.39
C LYS E 66 -11.19 37.55 -19.08
N ALA E 67 -11.51 36.39 -18.50
CA ALA E 67 -12.51 35.46 -19.03
C ALA E 67 -13.89 36.11 -19.17
N MET E 68 -14.34 36.84 -18.13
CA MET E 68 -15.63 37.52 -18.08
C MET E 68 -15.72 38.63 -19.14
N VAL E 69 -14.74 39.56 -19.17
CA VAL E 69 -14.69 40.67 -20.13
C VAL E 69 -14.65 40.16 -21.58
N GLU E 70 -13.77 39.18 -21.87
CA GLU E 70 -13.62 38.62 -23.22
C GLU E 70 -14.84 37.82 -23.71
N SER E 71 -15.63 37.25 -22.78
CA SER E 71 -16.84 36.51 -23.15
C SER E 71 -17.98 37.46 -23.51
N GLY E 72 -17.91 38.69 -23.02
CA GLY E 72 -18.94 39.70 -23.21
C GLY E 72 -20.10 39.52 -22.24
N ASN E 73 -19.91 38.65 -21.23
CA ASN E 73 -20.89 38.34 -20.19
C ASN E 73 -20.40 38.91 -18.85
N VAL E 74 -20.32 40.25 -18.78
CA VAL E 74 -19.82 40.94 -17.59
C VAL E 74 -20.90 41.03 -16.52
N THR E 75 -20.68 40.33 -15.38
CA THR E 75 -21.63 40.30 -14.27
C THR E 75 -21.12 41.08 -13.04
N TRP E 76 -19.89 41.62 -13.11
CA TRP E 76 -19.30 42.41 -12.02
C TRP E 76 -19.23 43.87 -12.44
N ASP E 77 -19.74 44.76 -11.60
CA ASP E 77 -19.71 46.20 -11.89
C ASP E 77 -18.45 46.83 -11.35
N VAL E 78 -18.00 46.37 -10.17
CA VAL E 78 -16.79 46.85 -9.49
C VAL E 78 -15.97 45.65 -9.08
N ILE E 79 -14.65 45.77 -9.18
CA ILE E 79 -13.73 44.75 -8.71
C ILE E 79 -12.73 45.42 -7.76
N SER E 80 -12.22 44.62 -6.83
CA SER E 80 -11.14 45.05 -5.96
C SER E 80 -9.95 44.32 -6.58
N ALA E 81 -8.90 45.06 -7.01
CA ALA E 81 -7.76 44.41 -7.65
C ALA E 81 -6.44 44.78 -7.00
N GLU E 82 -5.63 43.76 -6.66
CA GLU E 82 -4.29 44.00 -6.10
C GLU E 82 -3.41 44.49 -7.26
N SER E 83 -2.38 45.30 -6.97
CA SER E 83 -1.57 45.93 -8.02
C SER E 83 -1.04 44.97 -9.13
N PRO E 84 -0.57 43.69 -8.90
CA PRO E 84 -0.15 42.87 -10.06
C PRO E 84 -1.31 42.45 -10.94
N ALA E 85 -2.46 42.11 -10.34
CA ALA E 85 -3.68 41.73 -11.07
C ALA E 85 -4.18 42.96 -11.84
N PHE E 86 -4.17 44.14 -11.20
CA PHE E 86 -4.56 45.40 -11.81
C PHE E 86 -3.69 45.73 -13.02
N ALA E 87 -2.36 45.57 -12.89
CA ALA E 87 -1.40 45.79 -13.98
C ALA E 87 -1.75 44.90 -15.20
N SER E 88 -1.97 43.59 -14.99
CA SER E 88 -2.34 42.63 -16.05
C SER E 88 -3.70 42.99 -16.70
N GLU E 89 -4.66 43.45 -15.88
CA GLU E 89 -6.00 43.85 -16.36
C GLU E 89 -5.92 45.07 -17.27
N VAL E 90 -5.10 46.09 -16.88
CA VAL E 90 -4.87 47.32 -17.65
C VAL E 90 -4.14 46.97 -18.96
N LYS E 91 -3.10 46.14 -18.85
CA LYS E 91 -2.29 45.69 -19.98
C LYS E 91 -3.14 44.99 -21.05
N ASP E 92 -4.19 44.26 -20.64
CA ASP E 92 -5.09 43.55 -21.55
C ASP E 92 -6.33 44.36 -21.96
N GLY E 93 -6.39 45.63 -21.55
CA GLY E 93 -7.50 46.54 -21.83
C GLY E 93 -8.84 46.02 -21.34
N LEU E 94 -8.85 45.44 -20.13
CA LEU E 94 -10.05 44.84 -19.55
C LEU E 94 -10.86 45.77 -18.67
N LEU E 95 -10.45 47.03 -18.55
CA LEU E 95 -11.11 47.95 -17.64
C LEU E 95 -11.63 49.24 -18.26
N GLU E 96 -12.73 49.76 -17.69
CA GLU E 96 -13.32 51.03 -18.11
C GLU E 96 -12.47 52.15 -17.53
N PRO E 97 -12.23 53.25 -18.25
CA PRO E 97 -11.49 54.37 -17.64
C PRO E 97 -12.35 54.97 -16.51
N ILE E 98 -11.72 55.34 -15.39
CA ILE E 98 -12.43 55.92 -14.26
C ILE E 98 -12.98 57.29 -14.64
N ASP E 99 -14.25 57.56 -14.29
CA ASP E 99 -14.84 58.86 -14.57
C ASP E 99 -14.51 59.80 -13.41
N TYR E 100 -13.49 60.66 -13.63
CA TYR E 100 -13.02 61.61 -12.61
C TYR E 100 -13.87 62.88 -12.51
N SER E 101 -15.00 62.95 -13.24
CA SER E 101 -15.93 64.06 -13.06
C SER E 101 -16.91 63.59 -11.94
N VAL E 102 -16.92 62.27 -11.66
CA VAL E 102 -17.74 61.62 -10.62
C VAL E 102 -16.86 61.28 -9.42
N VAL E 103 -15.70 60.63 -9.65
CA VAL E 103 -14.77 60.27 -8.58
C VAL E 103 -13.93 61.52 -8.27
N LYS E 104 -14.29 62.22 -7.19
CA LYS E 104 -13.62 63.44 -6.75
C LYS E 104 -13.09 63.20 -5.36
N ALA E 105 -11.77 63.01 -5.27
CA ALA E 105 -11.09 62.74 -4.01
C ALA E 105 -9.69 63.31 -4.08
N ASP E 106 -9.59 64.64 -4.01
CA ASP E 106 -8.30 65.33 -4.07
C ASP E 106 -7.42 65.07 -2.84
N ASN E 107 -8.01 64.50 -1.77
CA ASN E 107 -7.31 64.10 -0.57
C ASN E 107 -6.73 62.67 -0.70
N VAL E 108 -6.94 62.02 -1.86
CA VAL E 108 -6.33 60.74 -2.20
C VAL E 108 -5.18 61.17 -3.11
N PRO E 109 -3.90 60.91 -2.75
CA PRO E 109 -2.79 61.35 -3.61
C PRO E 109 -2.93 60.93 -5.07
N GLU E 110 -2.53 61.82 -6.00
CA GLU E 110 -2.66 61.66 -7.46
C GLU E 110 -2.13 60.32 -8.00
N ASN E 111 -1.04 59.78 -7.44
CA ASN E 111 -0.50 58.49 -7.91
C ASN E 111 -1.50 57.33 -7.76
N PHE E 112 -2.45 57.43 -6.81
CA PHE E 112 -3.48 56.42 -6.61
C PHE E 112 -4.65 56.62 -7.55
N ARG E 113 -4.85 57.85 -8.05
CA ARG E 113 -5.95 58.13 -8.96
C ARG E 113 -5.49 57.89 -10.39
N THR E 114 -5.42 56.61 -10.79
CA THR E 114 -4.93 56.18 -12.09
C THR E 114 -6.04 56.18 -13.14
N LYS E 115 -5.68 56.13 -14.43
CA LYS E 115 -6.65 56.12 -15.53
C LYS E 115 -7.72 55.03 -15.37
N TYR E 116 -7.32 53.81 -14.98
CA TYR E 116 -8.23 52.66 -14.93
C TYR E 116 -8.58 52.15 -13.54
N GLY E 117 -8.12 52.83 -12.50
CA GLY E 117 -8.39 52.36 -11.15
C GLY E 117 -8.01 53.35 -10.09
N VAL E 118 -8.69 53.26 -8.94
CA VAL E 118 -8.43 54.16 -7.82
C VAL E 118 -7.86 53.35 -6.67
N GLY E 119 -6.62 53.66 -6.29
CA GLY E 119 -5.95 53.01 -5.17
C GLY E 119 -6.64 53.44 -3.90
N TYR E 120 -7.25 52.49 -3.18
CA TYR E 120 -8.03 52.80 -1.98
C TYR E 120 -7.47 52.22 -0.69
N MET E 121 -6.50 51.33 -0.80
CA MET E 121 -5.95 50.66 0.36
C MET E 121 -4.52 50.28 0.12
N VAL E 122 -3.71 50.32 1.19
CA VAL E 122 -2.34 49.85 1.21
C VAL E 122 -2.34 48.71 2.22
N PHE E 123 -1.78 47.56 1.84
CA PHE E 123 -1.81 46.42 2.72
C PHE E 123 -0.51 45.67 2.72
N GLY E 124 -0.17 45.14 3.88
CA GLY E 124 1.01 44.32 4.04
C GLY E 124 0.61 42.85 3.97
N THR E 125 1.54 42.01 3.53
CA THR E 125 1.40 40.56 3.54
C THR E 125 2.56 40.17 4.45
N ASN E 126 2.23 39.48 5.55
CA ASN E 126 3.18 39.20 6.61
C ASN E 126 3.37 37.77 6.95
N LEU E 127 4.54 37.48 7.51
CA LEU E 127 4.86 36.17 8.06
C LEU E 127 4.15 36.09 9.42
N ALA E 128 3.29 35.08 9.63
CA ALA E 128 2.58 34.87 10.88
C ALA E 128 2.78 33.42 11.32
N TRP E 129 2.75 33.18 12.63
CA TRP E 129 3.00 31.85 13.17
C TRP E 129 2.09 31.55 14.33
N ASN E 130 1.83 30.25 14.59
CA ASN E 130 1.04 29.85 15.75
C ASN E 130 1.97 29.96 16.95
N LYS E 131 1.58 30.79 17.95
CA LYS E 131 2.38 31.05 19.16
C LYS E 131 2.66 29.81 20.00
N ASP E 132 1.69 28.87 20.08
CA ASP E 132 1.87 27.65 20.87
C ASP E 132 2.88 26.70 20.22
N LYS E 133 2.98 26.68 18.87
CA LYS E 133 3.97 25.88 18.17
C LYS E 133 5.31 26.62 18.15
N PHE E 134 5.28 27.95 18.02
CA PHE E 134 6.49 28.77 17.97
C PHE E 134 6.53 29.88 19.03
N PRO E 135 6.83 29.53 20.32
CA PRO E 135 6.88 30.58 21.37
C PRO E 135 7.92 31.67 21.11
N ASN E 136 9.05 31.33 20.47
CA ASN E 136 10.11 32.28 20.14
C ASN E 136 9.97 32.92 18.75
N GLY E 137 8.81 32.71 18.13
CA GLY E 137 8.49 33.26 16.82
C GLY E 137 9.19 32.59 15.65
N VAL E 138 8.95 33.11 14.45
CA VAL E 138 9.52 32.63 13.21
C VAL E 138 10.00 33.84 12.39
N THR E 139 11.21 33.75 11.86
CA THR E 139 11.79 34.78 10.99
C THR E 139 11.66 34.29 9.54
N PRO E 140 11.75 35.19 8.52
CA PRO E 140 11.73 34.74 7.12
C PRO E 140 12.77 33.64 6.84
N ALA E 141 14.00 33.75 7.41
CA ALA E 141 15.02 32.70 7.24
C ALA E 141 14.54 31.35 7.79
N GLN E 142 13.88 31.37 8.97
CA GLN E 142 13.35 30.16 9.59
C GLN E 142 12.22 29.54 8.79
N PHE E 143 11.39 30.37 8.14
CA PHE E 143 10.32 29.86 7.29
C PHE E 143 10.93 29.01 6.17
N PHE E 144 12.08 29.44 5.62
CA PHE E 144 12.69 28.71 4.51
C PHE E 144 13.81 27.77 4.96
N ASP E 145 13.86 27.45 6.26
CA ASP E 145 14.82 26.52 6.85
C ASP E 145 14.13 25.15 6.99
N PRO E 146 14.62 24.13 6.25
CA PRO E 146 14.00 22.79 6.37
C PRO E 146 14.05 22.17 7.77
N ASN E 147 15.00 22.60 8.63
CA ASN E 147 15.13 22.09 10.00
C ASN E 147 14.03 22.61 10.93
N VAL E 148 13.36 23.71 10.54
CA VAL E 148 12.24 24.29 11.27
C VAL E 148 11.00 23.53 10.80
N LYS E 149 10.41 22.74 11.70
CA LYS E 149 9.25 21.90 11.37
C LYS E 149 7.92 22.61 11.64
N GLY E 150 7.11 22.69 10.61
CA GLY E 150 5.80 23.35 10.69
C GLY E 150 5.03 23.30 9.38
N ARG E 151 3.70 23.21 9.50
CA ARG E 151 2.78 23.20 8.36
C ARG E 151 2.74 24.62 7.83
N ARG E 152 3.28 24.80 6.62
CA ARG E 152 3.35 26.12 6.01
C ARG E 152 2.31 26.34 4.95
N VAL E 153 1.85 27.59 4.81
CA VAL E 153 0.88 27.98 3.79
C VAL E 153 1.45 29.20 3.11
N LEU E 154 1.59 29.09 1.79
CA LEU E 154 2.07 30.21 0.99
C LEU E 154 0.91 30.77 0.18
N PRO E 155 1.02 32.01 -0.39
CA PRO E 155 -0.06 32.53 -1.25
C PRO E 155 -0.33 31.60 -2.46
N SER E 156 -1.51 31.74 -3.06
CA SER E 156 -1.92 30.88 -4.19
C SER E 156 -1.15 31.15 -5.48
N ASP E 157 -0.71 32.39 -5.68
CA ASP E 157 0.01 32.81 -6.88
C ASP E 157 1.50 33.08 -6.58
N ALA E 158 2.32 33.29 -7.63
CA ALA E 158 3.76 33.57 -7.52
C ALA E 158 3.98 34.93 -6.88
N THR E 159 3.02 35.87 -7.07
CA THR E 159 3.06 37.20 -6.48
C THR E 159 3.08 37.01 -4.97
N TYR E 160 3.88 37.85 -4.26
CA TYR E 160 4.09 37.83 -2.80
C TYR E 160 4.99 36.66 -2.39
N SER E 161 4.70 35.43 -2.87
CA SER E 161 5.48 34.24 -2.57
C SER E 161 6.95 34.37 -2.95
N LEU E 162 7.23 34.83 -4.18
CA LEU E 162 8.61 34.97 -4.65
C LEU E 162 9.41 36.00 -3.84
N GLU E 163 8.84 37.18 -3.58
CA GLU E 163 9.53 38.22 -2.80
C GLU E 163 9.84 37.72 -1.40
N PHE E 164 8.87 37.01 -0.77
CA PHE E 164 9.03 36.45 0.57
C PHE E 164 10.19 35.44 0.59
N ALA E 165 10.24 34.51 -0.40
CA ALA E 165 11.31 33.52 -0.53
C ALA E 165 12.67 34.19 -0.63
N LEU E 166 12.76 35.24 -1.47
CA LEU E 166 14.01 35.96 -1.68
C LEU E 166 14.48 36.70 -0.45
N MET E 167 13.56 37.39 0.26
CA MET E 167 13.91 38.07 1.51
C MET E 167 14.29 37.06 2.59
N GLY E 168 13.58 35.92 2.61
CA GLY E 168 13.86 34.81 3.50
C GLY E 168 15.25 34.25 3.29
N ASP E 169 15.73 34.29 2.03
CA ASP E 169 17.04 33.82 1.64
C ASP E 169 18.17 34.87 1.81
N GLY E 170 17.84 36.02 2.39
CA GLY E 170 18.83 37.07 2.67
C GLY E 170 18.93 38.19 1.65
N VAL E 171 18.04 38.20 0.63
CA VAL E 171 18.05 39.28 -0.36
C VAL E 171 17.50 40.51 0.36
N LYS E 172 18.30 41.60 0.39
CA LYS E 172 17.89 42.84 1.05
C LYS E 172 16.69 43.45 0.32
N PRO E 173 15.70 44.02 1.04
CA PRO E 173 14.55 44.67 0.37
C PRO E 173 14.94 45.60 -0.79
N ALA E 174 15.99 46.42 -0.61
CA ALA E 174 16.50 47.35 -1.62
C ALA E 174 17.04 46.66 -2.89
N ASP E 175 17.40 45.37 -2.79
CA ASP E 175 17.99 44.59 -3.89
C ASP E 175 17.03 43.58 -4.50
N LEU E 176 15.75 43.57 -4.06
CA LEU E 176 14.74 42.61 -4.51
C LEU E 176 14.53 42.52 -6.01
N TYR E 177 14.20 43.65 -6.64
CA TYR E 177 13.86 43.69 -8.06
C TYR E 177 15.04 44.05 -8.97
N PRO E 178 15.19 43.41 -10.15
CA PRO E 178 14.34 42.33 -10.74
C PRO E 178 14.43 41.03 -9.94
N LEU E 179 13.27 40.36 -9.72
CA LEU E 179 13.27 39.12 -8.95
C LEU E 179 14.07 38.01 -9.60
N ASP E 180 14.89 37.33 -8.82
CA ASP E 180 15.64 36.18 -9.28
C ASP E 180 14.69 34.99 -9.07
N VAL E 181 13.84 34.73 -10.08
CA VAL E 181 12.80 33.69 -10.05
C VAL E 181 13.40 32.29 -9.79
N LYS E 182 14.49 31.92 -10.50
CA LYS E 182 15.15 30.62 -10.34
C LYS E 182 15.56 30.43 -8.88
N ARG E 183 16.21 31.44 -8.28
CA ARG E 183 16.63 31.41 -6.89
C ARG E 183 15.42 31.28 -5.97
N ALA E 184 14.38 32.14 -6.16
CA ALA E 184 13.16 32.13 -5.35
C ALA E 184 12.53 30.72 -5.30
N LEU E 185 12.46 30.02 -6.46
CA LEU E 185 11.90 28.67 -6.52
C LEU E 185 12.78 27.64 -5.82
N LYS E 186 14.12 27.81 -5.90
CA LYS E 186 15.08 26.93 -5.23
C LYS E 186 14.96 27.10 -3.72
N VAL E 187 14.59 28.33 -3.27
CA VAL E 187 14.39 28.64 -1.86
C VAL E 187 13.11 27.94 -1.37
N ILE E 188 12.00 28.07 -2.10
CA ILE E 188 10.74 27.41 -1.73
C ILE E 188 10.95 25.87 -1.73
N ASP E 189 11.79 25.36 -2.66
CA ASP E 189 12.14 23.94 -2.74
C ASP E 189 12.63 23.36 -1.42
N ARG E 190 13.36 24.18 -0.62
CA ARG E 190 13.89 23.76 0.67
C ARG E 190 12.80 23.29 1.64
N VAL E 191 11.61 23.93 1.60
CA VAL E 191 10.50 23.64 2.51
C VAL E 191 9.21 23.18 1.78
N LYS E 192 9.29 22.96 0.46
CA LYS E 192 8.15 22.53 -0.35
C LYS E 192 7.35 21.34 0.24
N ASP E 193 8.05 20.31 0.76
CA ASP E 193 7.41 19.13 1.37
C ASP E 193 6.63 19.47 2.65
N GLN E 194 6.89 20.66 3.24
CA GLN E 194 6.23 21.13 4.46
C GLN E 194 5.11 22.13 4.17
N VAL E 195 4.99 22.56 2.89
CA VAL E 195 3.98 23.51 2.44
C VAL E 195 2.71 22.69 2.16
N ILE E 196 1.66 22.92 2.96
CA ILE E 196 0.42 22.16 2.86
C ILE E 196 -0.51 22.72 1.78
N GLY E 197 -0.24 23.93 1.33
CA GLY E 197 -1.06 24.55 0.29
C GLY E 197 -0.60 25.93 -0.14
N TYR E 198 -1.09 26.35 -1.31
CA TYR E 198 -0.85 27.66 -1.95
C TYR E 198 -2.27 28.18 -2.03
N LYS E 199 -2.61 29.07 -1.09
CA LYS E 199 -3.98 29.45 -0.85
C LYS E 199 -4.33 30.91 -0.91
N GLY E 200 -5.62 31.16 -1.12
CA GLY E 200 -6.19 32.50 -1.08
C GLY E 200 -6.34 32.96 0.36
N ALA E 201 -6.59 34.27 0.56
CA ALA E 201 -6.68 34.88 1.89
C ALA E 201 -7.73 34.25 2.81
N SER E 202 -8.95 34.00 2.29
CA SER E 202 -10.02 33.37 3.08
C SER E 202 -9.64 31.98 3.54
N ASP E 203 -9.04 31.20 2.65
CA ASP E 203 -8.58 29.85 3.00
C ASP E 203 -7.48 29.89 4.07
N ILE E 204 -6.55 30.85 3.97
CA ILE E 204 -5.49 31.00 4.98
C ILE E 204 -6.10 31.36 6.34
N GLN E 205 -7.03 32.36 6.42
CA GLN E 205 -7.63 32.71 7.71
C GLN E 205 -8.40 31.54 8.31
N ALA E 206 -9.02 30.69 7.43
CA ALA E 206 -9.77 29.49 7.86
C ALA E 206 -8.79 28.49 8.49
N LEU E 207 -7.62 28.29 7.84
CA LEU E 207 -6.57 27.38 8.32
C LEU E 207 -5.98 27.86 9.63
N MET E 208 -5.82 29.20 9.78
CA MET E 208 -5.31 29.85 10.99
C MET E 208 -6.23 29.56 12.19
N GLN E 209 -7.51 29.91 12.07
CA GLN E 209 -8.54 29.74 13.09
C GLN E 209 -8.78 28.30 13.48
N GLN E 210 -8.72 27.39 12.50
CA GLN E 210 -8.93 25.95 12.70
C GLN E 210 -7.69 25.24 13.25
N GLY E 211 -6.55 25.95 13.28
CA GLY E 211 -5.27 25.41 13.73
C GLY E 211 -4.76 24.33 12.80
N GLU E 212 -5.03 24.48 11.49
CA GLU E 212 -4.63 23.53 10.46
C GLU E 212 -3.32 23.95 9.77
N ALA E 213 -2.74 25.08 10.20
CA ALA E 213 -1.44 25.56 9.71
C ALA E 213 -0.64 26.04 10.90
N ASP E 214 0.68 26.14 10.76
CA ASP E 214 1.54 26.61 11.84
C ASP E 214 2.24 27.89 11.47
N ILE E 215 2.48 28.10 10.16
CA ILE E 215 3.21 29.28 9.64
C ILE E 215 2.59 29.67 8.31
N VAL E 216 2.29 30.97 8.12
CA VAL E 216 1.64 31.44 6.91
C VAL E 216 2.24 32.75 6.45
N TYR E 217 1.95 33.13 5.20
CA TYR E 217 2.33 34.43 4.67
C TYR E 217 0.99 35.01 4.15
N ALA E 218 0.44 36.00 4.87
CA ALA E 218 -0.92 36.50 4.60
C ALA E 218 -1.10 37.97 4.95
N GLY E 219 -2.18 38.58 4.46
CA GLY E 219 -2.49 39.97 4.76
C GLY E 219 -2.58 40.24 6.25
N THR E 220 -2.01 41.37 6.70
CA THR E 220 -2.00 41.77 8.12
C THR E 220 -3.41 41.73 8.71
N GLY E 221 -4.38 42.25 7.98
CA GLY E 221 -5.78 42.31 8.39
C GLY E 221 -6.39 40.95 8.62
N ARG E 222 -6.01 39.94 7.79
CA ARG E 222 -6.52 38.55 7.94
C ARG E 222 -5.94 37.97 9.22
N ILE E 223 -4.62 38.17 9.45
CA ILE E 223 -3.93 37.69 10.64
C ILE E 223 -4.53 38.29 11.90
N LYS E 224 -4.64 39.63 11.94
CA LYS E 224 -5.18 40.33 13.10
C LYS E 224 -6.65 40.01 13.35
N ASN E 225 -7.43 39.74 12.28
CA ASN E 225 -8.83 39.33 12.46
C ASN E 225 -8.93 37.93 13.02
N ALA E 226 -8.01 37.02 12.60
CA ALA E 226 -7.99 35.67 13.14
C ALA E 226 -7.68 35.75 14.65
N ILE E 227 -6.71 36.63 15.04
CA ILE E 227 -6.32 36.85 16.45
C ILE E 227 -7.51 37.38 17.25
N LYS E 228 -8.23 38.39 16.71
CA LYS E 228 -9.43 38.96 17.30
C LYS E 228 -10.48 37.86 17.56
N ALA E 229 -10.59 36.90 16.63
CA ALA E 229 -11.49 35.75 16.71
C ALA E 229 -11.00 34.64 17.66
N GLY E 230 -9.82 34.83 18.26
CA GLY E 230 -9.28 33.87 19.23
C GLY E 230 -8.10 33.02 18.79
N ALA E 231 -7.55 33.23 17.57
CA ALA E 231 -6.40 32.44 17.11
C ALA E 231 -5.16 32.97 17.81
N ASN E 232 -4.47 32.08 18.56
CA ASN E 232 -3.27 32.45 19.29
C ASN E 232 -2.05 32.48 18.36
N TRP E 233 -2.03 33.47 17.48
CA TRP E 233 -0.97 33.67 16.51
C TRP E 233 -0.29 35.01 16.68
N SER E 234 0.94 35.12 16.20
CA SER E 234 1.65 36.40 16.18
C SER E 234 2.23 36.58 14.79
N TYR E 235 2.80 37.75 14.52
CA TYR E 235 3.31 38.04 13.19
C TYR E 235 4.40 39.10 13.30
N SER E 236 5.08 39.39 12.20
CA SER E 236 6.11 40.42 12.18
C SER E 236 6.07 41.12 10.82
N TRP E 237 6.86 42.18 10.73
CA TRP E 237 6.99 42.95 9.51
C TRP E 237 8.27 42.54 8.76
N GLU E 238 9.04 41.60 9.35
CA GLU E 238 10.26 41.07 8.74
C GLU E 238 9.90 40.29 7.47
N GLY E 239 10.42 40.74 6.34
CA GLY E 239 10.16 40.12 5.04
C GLY E 239 8.74 40.32 4.55
N ALA E 240 8.01 41.29 5.13
CA ALA E 240 6.65 41.62 4.71
C ALA E 240 6.71 42.37 3.38
N LEU E 241 5.65 42.24 2.57
CA LEU E 241 5.56 42.92 1.30
C LEU E 241 4.33 43.80 1.28
N ALA E 242 4.51 45.10 1.01
CA ALA E 242 3.41 46.07 0.97
C ALA E 242 2.90 46.20 -0.45
N ASP E 243 1.59 46.36 -0.59
CA ASP E 243 1.01 46.52 -1.92
C ASP E 243 -0.18 47.47 -1.86
N THR E 244 -0.66 47.90 -3.02
CA THR E 244 -1.82 48.78 -3.17
C THR E 244 -2.97 47.97 -3.77
N GLU E 245 -4.19 48.24 -3.28
CA GLU E 245 -5.44 47.64 -3.75
C GLU E 245 -6.23 48.73 -4.47
N TYR E 246 -6.84 48.36 -5.60
CA TYR E 246 -7.58 49.32 -6.44
C TYR E 246 -9.03 48.97 -6.62
N TRP E 247 -9.87 50.00 -6.79
CA TRP E 247 -11.25 49.81 -7.22
C TRP E 247 -11.14 49.98 -8.75
N ALA E 248 -11.71 49.06 -9.51
CA ALA E 248 -11.72 49.14 -10.97
C ALA E 248 -13.06 48.66 -11.48
N VAL E 249 -13.39 49.01 -12.73
CA VAL E 249 -14.67 48.70 -13.36
C VAL E 249 -14.40 47.85 -14.61
N PRO E 250 -14.81 46.56 -14.64
CA PRO E 250 -14.58 45.74 -15.85
C PRO E 250 -15.20 46.36 -17.10
N LYS E 251 -14.48 46.30 -18.23
CA LYS E 251 -14.94 46.83 -19.51
C LYS E 251 -16.22 46.07 -19.88
N GLY E 252 -17.29 46.81 -20.13
CA GLY E 252 -18.59 46.24 -20.44
C GLY E 252 -19.46 46.01 -19.22
N ALA E 253 -19.04 46.52 -18.02
CA ALA E 253 -19.82 46.41 -16.80
C ALA E 253 -21.20 47.02 -17.04
N PRO E 254 -22.31 46.30 -16.77
CA PRO E 254 -23.64 46.88 -17.05
C PRO E 254 -23.95 48.17 -16.31
N HIS E 255 -23.39 48.35 -15.11
CA HIS E 255 -23.61 49.55 -14.30
C HIS E 255 -22.33 50.34 -14.08
N ALA E 256 -21.56 50.59 -15.16
CA ALA E 256 -20.30 51.32 -15.10
C ALA E 256 -20.44 52.71 -14.46
N ALA E 257 -21.51 53.47 -14.81
CA ALA E 257 -21.74 54.81 -14.24
C ALA E 257 -22.01 54.73 -12.73
N GLU E 258 -22.82 53.73 -12.31
CA GLU E 258 -23.12 53.51 -10.90
C GLU E 258 -21.88 53.08 -10.14
N ALA E 259 -21.00 52.31 -10.79
CA ALA E 259 -19.72 51.87 -10.23
C ALA E 259 -18.86 53.09 -9.86
N MET E 260 -18.86 54.14 -10.73
CA MET E 260 -18.10 55.37 -10.47
C MET E 260 -18.60 56.06 -9.20
N LYS E 261 -19.94 56.09 -9.00
CA LYS E 261 -20.56 56.71 -7.83
C LYS E 261 -20.18 55.96 -6.56
N PHE E 262 -20.15 54.62 -6.62
CA PHE E 262 -19.72 53.83 -5.47
C PHE E 262 -18.26 54.16 -5.14
N ILE E 263 -17.38 54.14 -6.16
CA ILE E 263 -15.95 54.41 -5.97
C ILE E 263 -15.76 55.77 -5.32
N ASN E 264 -16.50 56.79 -5.81
CA ASN E 264 -16.42 58.13 -5.25
C ASN E 264 -16.74 58.11 -3.75
N PHE E 265 -17.84 57.44 -3.38
CA PHE E 265 -18.25 57.34 -1.99
C PHE E 265 -17.17 56.64 -1.15
N ALA E 266 -16.73 55.46 -1.62
CA ALA E 266 -15.80 54.59 -0.91
C ALA E 266 -14.43 55.19 -0.61
N VAL E 267 -13.90 56.05 -1.50
CA VAL E 267 -12.56 56.62 -1.32
C VAL E 267 -12.54 57.90 -0.44
N GLN E 268 -13.71 58.33 0.08
CA GLN E 268 -13.75 59.52 0.95
C GLN E 268 -13.17 59.20 2.32
N ALA E 269 -12.75 60.23 3.08
CA ALA E 269 -12.10 60.09 4.38
C ALA E 269 -12.84 59.19 5.38
N GLU E 270 -14.15 59.43 5.58
CA GLU E 270 -14.94 58.68 6.57
C GLU E 270 -15.05 57.19 6.26
N PRO E 271 -15.49 56.73 5.05
CA PRO E 271 -15.53 55.27 4.82
C PRO E 271 -14.14 54.61 4.88
N GLN E 272 -13.09 55.32 4.40
CA GLN E 272 -11.71 54.84 4.46
C GLN E 272 -11.27 54.63 5.91
N ALA E 273 -11.64 55.58 6.80
CA ALA E 273 -11.33 55.50 8.23
C ALA E 273 -12.06 54.31 8.86
N GLU E 274 -13.33 54.08 8.45
CA GLU E 274 -14.14 52.97 8.95
C GLU E 274 -13.56 51.60 8.60
N LEU E 275 -12.90 51.51 7.42
CA LEU E 275 -12.24 50.28 6.97
C LEU E 275 -11.00 50.00 7.82
N THR E 276 -10.16 51.03 8.05
CA THR E 276 -8.94 50.95 8.86
C THR E 276 -9.29 50.70 10.36
N ARG E 277 -10.50 51.09 10.79
CA ARG E 277 -11.01 50.87 12.15
C ARG E 277 -11.31 49.39 12.41
N VAL E 278 -11.98 48.70 11.49
CA VAL E 278 -12.34 47.28 11.66
C VAL E 278 -11.26 46.31 11.20
N ILE E 279 -10.39 46.73 10.26
CA ILE E 279 -9.34 45.84 9.74
C ILE E 279 -8.01 46.58 9.63
N ALA E 280 -6.90 45.86 9.86
CA ALA E 280 -5.58 46.47 9.85
C ALA E 280 -4.94 46.62 8.47
N TYR E 281 -5.61 47.35 7.58
CA TYR E 281 -5.10 47.71 6.26
C TYR E 281 -5.21 49.21 6.23
N GLY E 282 -4.31 49.86 5.50
CA GLY E 282 -4.20 51.30 5.50
C GLY E 282 -4.98 52.05 4.45
N PRO E 283 -5.41 53.28 4.79
CA PRO E 283 -6.11 54.10 3.80
C PRO E 283 -5.14 54.76 2.82
N THR E 284 -5.68 55.22 1.68
CA THR E 284 -4.90 56.03 0.75
C THR E 284 -5.33 57.47 0.97
N ASN E 285 -6.55 57.69 1.51
CA ASN E 285 -7.06 59.03 1.78
C ASN E 285 -6.30 59.64 2.96
N VAL E 286 -5.56 60.74 2.71
CA VAL E 286 -4.72 61.41 3.71
C VAL E 286 -5.50 61.95 4.94
N ASP E 287 -6.82 62.21 4.80
CA ASP E 287 -7.60 62.72 5.93
C ASP E 287 -8.32 61.60 6.72
N ALA E 288 -8.13 60.32 6.35
CA ALA E 288 -8.74 59.21 7.07
C ALA E 288 -8.06 58.90 8.40
N LEU E 289 -6.71 58.91 8.46
CA LEU E 289 -5.93 58.59 9.65
C LEU E 289 -6.18 59.52 10.85
N ARG E 290 -6.48 60.81 10.62
CA ARG E 290 -6.75 61.77 11.69
C ARG E 290 -8.05 61.48 12.46
N LEU E 291 -9.02 60.80 11.81
CA LEU E 291 -10.32 60.47 12.41
C LEU E 291 -10.17 59.27 13.35
N LEU E 292 -9.09 58.50 13.18
CA LEU E 292 -8.78 57.31 13.95
C LEU E 292 -7.84 57.57 15.12
N ASP E 293 -7.72 56.54 15.98
CA ASP E 293 -6.81 56.45 17.12
C ASP E 293 -5.39 56.48 16.54
N PRO E 294 -4.44 57.32 17.05
CA PRO E 294 -3.09 57.32 16.46
C PRO E 294 -2.39 55.96 16.43
N ALA E 295 -2.78 55.04 17.32
CA ALA E 295 -2.21 53.69 17.40
C ALA E 295 -2.42 52.81 16.15
N VAL E 296 -3.45 53.11 15.32
CA VAL E 296 -3.76 52.35 14.10
C VAL E 296 -2.60 52.41 13.06
N ALA E 297 -1.80 53.50 13.11
CA ALA E 297 -0.64 53.76 12.26
C ALA E 297 0.48 52.75 12.45
N LYS E 298 0.68 52.22 13.67
CA LYS E 298 1.72 51.26 13.99
C LYS E 298 1.50 49.86 13.36
N ASP E 299 0.26 49.57 12.92
CA ASP E 299 -0.11 48.28 12.32
C ASP E 299 -0.15 48.33 10.79
N LEU E 300 0.32 49.46 10.21
CA LEU E 300 0.33 49.74 8.77
C LEU E 300 1.70 49.61 8.08
N PRO E 301 1.74 49.26 6.76
CA PRO E 301 3.04 49.09 6.07
C PRO E 301 3.89 50.34 6.01
N SER E 302 3.28 51.54 5.94
CA SER E 302 3.95 52.85 5.88
C SER E 302 4.70 53.23 7.16
N TYR E 303 4.31 52.63 8.31
CA TYR E 303 4.96 52.90 9.59
C TYR E 303 6.47 52.68 9.45
N PRO E 304 7.32 53.71 9.65
CA PRO E 304 8.77 53.55 9.42
C PRO E 304 9.43 52.30 10.01
N ALA E 305 9.11 51.95 11.28
CA ALA E 305 9.67 50.77 11.94
C ALA E 305 9.26 49.48 11.22
N ASN E 306 8.09 49.50 10.55
CA ASN E 306 7.59 48.37 9.78
C ASN E 306 8.19 48.34 8.38
N ALA E 307 8.13 49.48 7.65
CA ALA E 307 8.63 49.64 6.29
C ALA E 307 10.08 49.19 6.09
N LYS E 308 10.97 49.52 7.05
CA LYS E 308 12.41 49.19 7.00
C LYS E 308 12.73 47.68 7.02
N LEU E 309 11.79 46.85 7.53
CA LEU E 309 11.95 45.40 7.68
C LEU E 309 11.47 44.58 6.48
N GLY E 310 10.79 45.23 5.56
CA GLY E 310 10.28 44.57 4.36
C GLY E 310 10.44 45.41 3.12
N ALA E 311 9.62 45.11 2.10
CA ALA E 311 9.67 45.84 0.84
C ALA E 311 8.30 46.18 0.33
N VAL E 312 8.24 46.92 -0.78
CA VAL E 312 7.01 47.31 -1.45
C VAL E 312 6.98 46.52 -2.76
N LEU E 313 5.82 45.90 -3.09
CA LEU E 313 5.71 45.16 -4.34
C LEU E 313 5.92 46.10 -5.53
N ASN E 314 6.75 45.66 -6.49
CA ASN E 314 7.03 46.45 -7.69
C ASN E 314 6.09 45.94 -8.79
N SER E 315 5.00 46.67 -9.02
CA SER E 315 4.00 46.27 -10.01
C SER E 315 4.52 46.38 -11.44
N LYS E 316 5.53 47.25 -11.69
CA LYS E 316 6.14 47.37 -13.01
C LYS E 316 6.84 46.06 -13.37
N TRP E 317 7.57 45.45 -12.41
CA TRP E 317 8.23 44.18 -12.66
C TRP E 317 7.20 43.08 -12.97
N TRP E 318 6.12 43.01 -12.19
CA TRP E 318 5.06 42.03 -12.42
C TRP E 318 4.35 42.25 -13.73
N ASN E 319 4.15 43.52 -14.10
CA ASN E 319 3.54 43.89 -15.37
C ASN E 319 4.32 43.27 -16.54
N ASP E 320 5.66 43.31 -16.47
CA ASP E 320 6.55 42.80 -17.50
C ASP E 320 6.82 41.29 -17.44
N ASN E 321 6.68 40.65 -16.26
CA ASN E 321 7.06 39.25 -16.08
C ASN E 321 5.97 38.27 -15.66
N TYR E 322 4.76 38.76 -15.32
CA TYR E 322 3.70 37.89 -14.81
C TYR E 322 3.39 36.67 -15.66
N ASP E 323 3.17 36.82 -16.97
CA ASP E 323 2.81 35.69 -17.85
C ASP E 323 3.84 34.57 -17.82
N ALA E 324 5.14 34.89 -17.93
CA ALA E 324 6.22 33.91 -17.87
C ALA E 324 6.27 33.23 -16.49
N VAL E 325 6.16 34.04 -15.42
CA VAL E 325 6.22 33.54 -14.04
C VAL E 325 5.04 32.60 -13.75
N LYS E 326 3.83 33.00 -14.17
CA LYS E 326 2.60 32.22 -13.98
C LYS E 326 2.71 30.84 -14.63
N ALA E 327 3.17 30.76 -15.90
CA ALA E 327 3.32 29.49 -16.59
C ALA E 327 4.24 28.56 -15.80
N GLU E 328 5.32 29.12 -15.23
CA GLU E 328 6.24 28.32 -14.41
C GLU E 328 5.62 27.93 -13.06
N TRP E 329 5.03 28.90 -12.36
CA TRP E 329 4.40 28.72 -11.05
C TRP E 329 3.36 27.59 -11.05
N THR E 330 2.48 27.55 -12.07
CA THR E 330 1.44 26.52 -12.18
C THR E 330 2.05 25.12 -12.17
N THR E 331 3.09 24.88 -13.00
CA THR E 331 3.79 23.59 -13.09
C THR E 331 4.51 23.31 -11.77
N TYR E 332 5.07 24.38 -11.14
CA TYR E 332 5.78 24.30 -9.87
C TYR E 332 4.90 23.79 -8.72
N ILE E 333 3.73 24.40 -8.47
CA ILE E 333 2.86 24.03 -7.35
C ILE E 333 2.11 22.72 -7.60
OAM G9Z F . 8.86 -30.95 10.86
CAB G9Z F . 8.68 -31.01 12.09
CAC G9Z F . 8.41 -29.89 12.86
CB G9Z F . 8.04 -30.33 14.27
CA G9Z F . 8.34 -31.80 14.29
C G9Z F . 7.24 -32.53 14.90
O G9Z F . 7.18 -32.53 16.15
N G9Z F . 8.63 -32.14 12.82
CAG G9Z F . 8.84 -33.53 12.33
CAH G9Z F . 10.34 -33.86 12.26
OAP G9Z F . 10.89 -33.69 13.58
CAI G9Z F . 10.58 -35.32 11.78
OAQ G9Z F . 9.59 -36.20 12.36
CAJ G9Z F . 10.60 -35.44 10.22
OAR G9Z F . 9.31 -35.07 9.68
CAK G9Z F . 10.95 -36.89 9.80
OAT G9Z F . 12.19 -37.28 10.41
CAL G9Z F . 11.05 -37.14 8.26
OAS G9Z F . 11.91 -36.15 7.66
OXT G9Z F . 6.43 -33.10 14.14
C1 EDO G . 24.73 -21.11 4.97
O1 EDO G . 23.33 -21.01 4.70
C2 EDO G . 25.41 -21.93 3.85
O2 EDO G . 26.54 -21.25 3.32
C1 EDO H . 17.02 -33.05 -4.67
O1 EDO H . 16.27 -31.89 -4.98
C2 EDO H . 18.43 -33.09 -5.28
O2 EDO H . 18.46 -33.42 -6.66
NA NA I . 14.15 -37.55 8.51
OAM G9Z J . -4.45 8.72 -19.16
CAB G9Z J . -4.85 9.06 -18.04
CAC G9Z J . -5.06 8.15 -16.99
CB G9Z J . -5.52 8.91 -15.83
CA G9Z J . -5.67 10.38 -16.29
C G9Z J . -4.92 11.26 -15.43
O G9Z J . -3.80 11.71 -15.81
N G9Z J . -5.21 10.31 -17.72
CAG G9Z J . -5.08 11.47 -18.62
CAH G9Z J . -6.34 11.66 -19.49
OAP G9Z J . -7.45 11.86 -18.60
CAI G9Z J . -6.21 12.91 -20.38
OAQ G9Z J . -5.63 13.99 -19.66
CAJ G9Z J . -5.50 12.64 -21.75
OAR G9Z J . -4.14 12.25 -21.54
CAK G9Z J . -5.51 13.91 -22.62
OAT G9Z J . -6.83 14.39 -22.76
CAL G9Z J . -4.91 13.74 -24.03
OAS G9Z J . -5.44 12.54 -24.61
OXT G9Z J . -5.41 11.53 -14.30
C1 EDO K . -24.54 -2.32 -15.72
O1 EDO K . -24.37 -0.92 -15.98
C2 EDO K . -23.23 -3.13 -15.88
O2 EDO K . -22.08 -2.34 -15.64
C1 EDO L . -17.51 0.51 -27.11
O1 EDO L . -18.22 1.51 -26.35
C2 EDO L . -16.49 -0.26 -26.23
O2 EDO L . -17.02 -1.49 -25.73
NA NA M . -7.83 14.01 -25.28
OAM G9Z N . -33.19 -22.76 7.17
CAB G9Z N . -33.54 -22.87 8.37
CAC G9Z N . -33.11 -22.01 9.40
CB G9Z N . -33.63 -22.62 10.72
CA G9Z N . -34.74 -23.61 10.27
C G9Z N . -36.07 -23.14 10.65
O G9Z N . -36.87 -22.71 9.76
N G9Z N . -34.50 -23.73 8.78
CAG G9Z N . -35.26 -24.68 7.93
CAH G9Z N . -34.57 -26.06 7.83
OAP G9Z N . -34.40 -26.55 9.17
CAI G9Z N . -35.45 -27.04 7.03
OAQ G9Z N . -36.85 -26.89 7.37
CAJ G9Z N . -35.25 -26.89 5.49
OAR G9Z N . -35.68 -25.58 5.03
CAK G9Z N . -36.06 -27.99 4.73
OAT G9Z N . -35.66 -29.28 5.23
CAL G9Z N . -35.79 -27.88 3.22
OAS G9Z N . -34.39 -28.05 2.95
OXT G9Z N . -36.37 -23.23 11.88
C1 EDO O . -16.45 3.40 7.17
O1 EDO O . -15.48 2.35 6.98
C2 EDO O . -16.82 3.64 8.67
O2 EDO O . -15.64 3.90 9.45
C1 EDO P . -30.70 -32.05 27.58
O1 EDO P . -31.93 -32.64 27.97
C2 EDO P . -30.75 -31.53 26.11
O2 EDO P . -30.73 -32.62 25.19
NA NA Q . -34.16 -30.69 3.43
OAM G9Z R . 33.77 2.74 -1.12
CAB G9Z R . 33.59 3.11 0.06
CAC G9Z R . 32.64 2.52 0.90
CB G9Z R . 32.66 3.33 2.19
CA G9Z R . 33.84 4.32 2.08
C G9Z R . 34.82 4.10 3.11
O G9Z R . 34.52 4.46 4.29
N G9Z R . 34.33 4.07 0.67
CAG G9Z R . 35.45 4.84 0.08
CAH G9Z R . 34.95 6.05 -0.74
OAP G9Z R . 34.21 6.84 0.16
CAI G9Z R . 36.10 6.88 -1.31
OAQ G9Z R . 37.20 6.99 -0.35
CAJ G9Z R . 36.64 6.34 -2.68
OAR G9Z R . 37.13 4.99 -2.57
CAK G9Z R . 37.73 7.26 -3.26
OAT G9Z R . 37.20 8.60 -3.32
CAL G9Z R . 38.16 6.83 -4.67
OAS G9Z R . 37.01 6.69 -5.56
OXT G9Z R . 35.94 3.60 2.78
C1 EDO S . 31.60 31.56 5.84
O1 EDO S . 31.22 31.75 7.19
C2 EDO S . 33.10 31.81 5.73
O2 EDO S . 33.82 30.95 6.60
C1 EDO T . 29.38 -10.80 16.55
O1 EDO T . 29.48 -11.80 15.56
C2 EDO T . 30.45 -9.71 16.32
O2 EDO T . 30.08 -8.88 15.24
C1 EDO U . 15.97 -24.31 -0.25
O1 EDO U . 15.00 -23.46 0.38
C2 EDO U . 17.31 -23.57 -0.45
O2 EDO U . 17.87 -23.89 -1.72
NA NA V . 36.78 9.44 -5.95
OAM G9Z W . -5.58 41.83 -2.22
CAB G9Z W . -5.83 41.79 -1.01
CAC G9Z W . -6.07 42.94 -0.27
CB G9Z W . -6.41 42.49 1.15
CA G9Z W . -6.19 40.98 1.16
C G9Z W . -7.31 40.31 1.75
O G9Z W . -7.41 40.37 2.99
N G9Z W . -5.93 40.66 -0.30
CAG G9Z W . -5.71 39.27 -0.87
CAH G9Z W . -4.21 38.93 -1.02
OAP G9Z W . -3.53 39.17 0.22
CAI G9Z W . -3.99 37.47 -1.49
OAQ G9Z W . -4.88 36.55 -0.83
CAJ G9Z W . -4.07 37.32 -3.04
OAR G9Z W . -5.39 37.65 -3.54
CAK G9Z W . -3.65 35.90 -3.53
OAT G9Z W . -2.39 35.53 -2.97
CAL G9Z W . -3.54 35.84 -5.06
OAS G9Z W . -2.45 36.66 -5.51
OXT G9Z W . -8.10 39.69 1.01
#